data_3M2P
#
_entry.id   3M2P
#
_cell.length_a   104.116
_cell.length_b   149.725
_cell.length_c   166.326
_cell.angle_alpha   90.00
_cell.angle_beta   90.00
_cell.angle_gamma   90.00
#
_symmetry.space_group_name_H-M   'P 21 21 21'
#
loop_
_entity.id
_entity.type
_entity.pdbx_description
1 polymer 'UDP-N-acetylglucosamine 4-epimerase'
2 non-polymer "URIDINE-5'-DIPHOSPHATE"
3 water water
#
_entity_poly.entity_id   1
_entity_poly.type   'polypeptide(L)'
_entity_poly.pdbx_seq_one_letter_code
;(MSE)SLKIAVTGGTGFLGQYVVESIKNDGNTPIILTRSIGNKAINDYEYRVSDYTLEDLINQLNDVDAVVHLAATRGSQ
GKISEFHDNEILTQNLYDACYENNISNIVYASTISAYSDETSLPWNEKELPLPDL(MSE)YGVSKLACEHIGNIYSRKKG
LCIKNLRFAHLYGFNEKNNY(MSE)INRFFRQAFHGEQLTLHANSVAKREFLYAKDAAKSVIYALKQEKVSGTFNIGSGD
ALTNYEVANTINNAFGNKDNLLVKNPNANEGIHSSY(MSE)DSSKAKELLDFSTDYNFATAVEEIHLL(MSE)RGLDDVP
LWYEGHHHHHH
;
_entity_poly.pdbx_strand_id   A,B,C,D,E,F
#
# COMPACT_ATOMS: atom_id res chain seq x y z
N SER A 2 -33.90 17.36 -21.29
CA SER A 2 -32.84 17.00 -22.23
C SER A 2 -31.75 18.08 -22.32
N LEU A 3 -30.53 17.70 -21.93
CA LEU A 3 -29.42 18.63 -21.75
C LEU A 3 -28.63 18.90 -23.03
N LYS A 4 -28.26 20.16 -23.24
CA LYS A 4 -27.32 20.55 -24.28
C LYS A 4 -25.89 20.58 -23.73
N ILE A 5 -25.01 19.74 -24.25
CA ILE A 5 -23.64 19.66 -23.73
C ILE A 5 -22.62 20.14 -24.75
N ALA A 6 -21.88 21.17 -24.39
CA ALA A 6 -20.89 21.71 -25.31
C ALA A 6 -19.59 20.95 -25.14
N VAL A 7 -19.00 20.53 -26.26
CA VAL A 7 -17.73 19.82 -26.24
C VAL A 7 -16.62 20.56 -26.97
N THR A 8 -15.74 21.24 -26.24
CA THR A 8 -14.56 21.86 -26.87
C THR A 8 -13.63 20.78 -27.47
N GLY A 9 -12.93 21.13 -28.54
CA GLY A 9 -12.17 20.14 -29.28
C GLY A 9 -13.07 18.98 -29.67
N GLY A 10 -14.32 19.31 -29.97
CA GLY A 10 -15.34 18.30 -30.21
C GLY A 10 -15.03 17.45 -31.42
N THR A 11 -14.29 18.00 -32.36
CA THR A 11 -13.98 17.30 -33.60
C THR A 11 -12.74 16.41 -33.47
N GLY A 12 -12.02 16.54 -32.35
CA GLY A 12 -10.85 15.74 -32.08
C GLY A 12 -11.12 14.24 -31.99
N PHE A 13 -10.07 13.48 -31.68
CA PHE A 13 -10.13 12.03 -31.61
C PHE A 13 -10.98 11.58 -30.42
N LEU A 14 -10.59 12.02 -29.23
CA LEU A 14 -11.43 11.79 -28.04
C LEU A 14 -12.80 12.41 -28.28
N GLY A 15 -12.81 13.67 -28.66
CA GLY A 15 -14.04 14.41 -28.90
C GLY A 15 -15.12 13.63 -29.60
N GLN A 16 -14.79 12.93 -30.68
CA GLN A 16 -15.77 12.18 -31.46
C GLN A 16 -16.42 11.01 -30.70
N TYR A 17 -15.63 10.30 -29.91
CA TYR A 17 -16.15 9.29 -28.98
C TYR A 17 -17.09 9.92 -27.95
N VAL A 18 -16.66 11.03 -27.36
CA VAL A 18 -17.42 11.74 -26.32
C VAL A 18 -18.71 12.35 -26.83
N VAL A 19 -18.68 12.89 -28.03
CA VAL A 19 -19.86 13.50 -28.65
C VAL A 19 -20.96 12.48 -28.85
N GLU A 20 -20.61 11.30 -29.35
CA GLU A 20 -21.63 10.29 -29.60
C GLU A 20 -22.14 9.62 -28.31
N SER A 21 -21.27 9.51 -27.31
CA SER A 21 -21.70 9.03 -25.99
C SER A 21 -22.78 9.95 -25.45
N ILE A 22 -22.63 11.25 -25.67
CA ILE A 22 -23.62 12.20 -25.23
C ILE A 22 -24.95 11.97 -25.96
N LYS A 23 -24.90 11.90 -27.29
CA LYS A 23 -26.10 11.65 -28.09
C LYS A 23 -26.78 10.32 -27.71
N ASN A 24 -26.00 9.27 -27.49
CA ASN A 24 -26.54 7.99 -27.07
C ASN A 24 -27.18 8.06 -25.68
N ASP A 25 -26.77 9.04 -24.89
CA ASP A 25 -27.26 9.21 -23.53
C ASP A 25 -28.62 9.93 -23.52
N GLY A 26 -29.02 10.42 -24.69
CA GLY A 26 -30.28 11.14 -24.80
C GLY A 26 -30.07 12.64 -24.90
N ASN A 27 -28.88 13.07 -24.53
CA ASN A 27 -28.55 14.49 -24.55
C ASN A 27 -28.12 15.01 -25.91
N THR A 28 -27.90 16.31 -25.99
CA THR A 28 -27.58 16.96 -27.25
C THR A 28 -26.15 17.49 -27.26
N PRO A 29 -25.30 16.93 -28.12
CA PRO A 29 -23.93 17.39 -28.25
C PRO A 29 -23.86 18.70 -29.04
N ILE A 30 -23.06 19.64 -28.57
CA ILE A 30 -22.80 20.85 -29.33
C ILE A 30 -21.29 21.03 -29.48
N ILE A 31 -20.79 20.70 -30.67
CA ILE A 31 -19.36 20.72 -30.95
C ILE A 31 -18.84 22.13 -31.09
N LEU A 32 -17.90 22.51 -30.23
CA LEU A 32 -17.15 23.76 -30.38
C LEU A 32 -15.86 23.52 -31.13
N THR A 33 -15.60 24.35 -32.13
CA THR A 33 -14.39 24.23 -32.94
C THR A 33 -14.00 25.60 -33.47
N ARG A 34 -12.71 25.76 -33.80
CA ARG A 34 -12.22 27.03 -34.35
C ARG A 34 -12.59 27.19 -35.81
N SER A 35 -12.99 26.10 -36.46
CA SER A 35 -13.29 26.13 -37.88
C SER A 35 -13.76 24.80 -38.41
N ILE A 36 -14.54 24.86 -39.49
CA ILE A 36 -14.90 23.65 -40.24
C ILE A 36 -14.88 23.84 -41.76
N GLY A 37 -14.54 22.75 -42.47
CA GLY A 37 -14.59 22.69 -43.92
C GLY A 37 -14.73 21.25 -44.41
N ASP A 43 -24.16 15.61 -38.54
CA ASP A 43 -25.53 16.03 -38.27
C ASP A 43 -25.71 16.63 -36.88
N TYR A 44 -24.59 16.78 -36.18
CA TYR A 44 -24.56 17.42 -34.88
C TYR A 44 -24.54 18.93 -35.09
N GLU A 45 -24.93 19.69 -34.06
CA GLU A 45 -24.75 21.14 -34.14
C GLU A 45 -23.27 21.49 -33.94
N TYR A 46 -22.68 22.15 -34.93
CA TYR A 46 -21.37 22.74 -34.76
C TYR A 46 -21.51 24.24 -34.47
N ARG A 47 -20.72 24.75 -33.55
CA ARG A 47 -20.67 26.16 -33.24
C ARG A 47 -19.23 26.64 -33.34
N VAL A 48 -18.94 27.53 -34.29
CA VAL A 48 -17.59 27.97 -34.51
C VAL A 48 -17.23 29.03 -33.47
N SER A 49 -16.02 28.96 -32.92
CA SER A 49 -15.59 29.91 -31.89
C SER A 49 -14.11 30.29 -31.99
N ASP A 50 -13.75 31.41 -31.38
CA ASP A 50 -12.36 31.84 -31.39
C ASP A 50 -11.79 31.75 -29.99
N TYR A 51 -12.55 31.11 -29.10
CA TYR A 51 -12.13 30.87 -27.72
C TYR A 51 -11.74 32.14 -26.96
N THR A 52 -12.36 33.24 -27.35
CA THR A 52 -12.22 34.46 -26.59
C THR A 52 -13.35 34.45 -25.57
N LEU A 53 -13.14 35.14 -24.46
CA LEU A 53 -14.17 35.25 -23.41
C LEU A 53 -15.44 35.75 -24.02
N GLU A 54 -15.32 36.87 -24.73
CA GLU A 54 -16.49 37.61 -25.23
C GLU A 54 -17.28 36.77 -26.22
N ASP A 55 -16.59 35.87 -26.90
CA ASP A 55 -17.24 35.00 -27.86
C ASP A 55 -17.88 33.76 -27.23
N LEU A 56 -17.16 33.13 -26.30
CA LEU A 56 -17.66 31.90 -25.67
C LEU A 56 -18.94 32.21 -24.89
N ILE A 57 -18.92 33.38 -24.22
CA ILE A 57 -20.09 33.84 -23.50
C ILE A 57 -21.32 33.57 -24.35
N ASN A 58 -21.24 33.89 -25.63
CA ASN A 58 -22.37 33.70 -26.54
C ASN A 58 -22.50 32.28 -27.08
N GLN A 59 -21.38 31.59 -27.28
CA GLN A 59 -21.45 30.22 -27.78
C GLN A 59 -21.94 29.26 -26.69
N LEU A 60 -22.05 29.74 -25.46
CA LEU A 60 -22.51 28.91 -24.36
C LEU A 60 -23.83 29.37 -23.73
N ASN A 61 -24.53 30.33 -24.34
CA ASN A 61 -25.70 30.91 -23.67
C ASN A 61 -26.92 30.01 -23.52
N ASP A 62 -26.90 28.84 -24.14
CA ASP A 62 -28.03 27.93 -24.00
C ASP A 62 -27.57 26.54 -23.62
N VAL A 63 -26.38 26.48 -23.02
CA VAL A 63 -25.71 25.22 -22.72
C VAL A 63 -25.84 24.87 -21.24
N ASP A 64 -26.04 23.59 -20.96
CA ASP A 64 -26.25 23.12 -19.58
C ASP A 64 -24.98 22.59 -18.92
N ALA A 65 -24.12 21.95 -19.71
CA ALA A 65 -22.86 21.43 -19.19
C ALA A 65 -21.79 21.64 -20.24
N VAL A 66 -20.53 21.53 -19.84
CA VAL A 66 -19.41 21.66 -20.76
C VAL A 66 -18.40 20.55 -20.54
N VAL A 67 -18.00 19.87 -21.61
CA VAL A 67 -16.86 18.96 -21.58
C VAL A 67 -15.68 19.69 -22.24
N HIS A 68 -14.60 19.90 -21.50
CA HIS A 68 -13.46 20.65 -22.01
C HIS A 68 -12.34 19.73 -22.49
N LEU A 69 -12.35 19.43 -23.78
CA LEU A 69 -11.42 18.44 -24.35
C LEU A 69 -10.29 19.09 -25.15
N ALA A 70 -10.51 20.31 -25.63
CA ALA A 70 -9.59 21.00 -26.53
C ALA A 70 -8.20 21.26 -25.93
N ALA A 71 -7.16 20.86 -26.67
CA ALA A 71 -5.78 21.13 -26.26
C ALA A 71 -4.77 21.00 -27.41
N THR A 72 -3.52 21.38 -27.14
CA THR A 72 -2.42 21.19 -28.10
C THR A 72 -1.39 20.22 -27.52
N ARG A 73 -0.69 19.53 -28.41
CA ARG A 73 0.18 18.42 -28.04
C ARG A 73 1.64 18.85 -27.88
N GLY A 74 1.99 19.96 -28.52
CA GLY A 74 3.34 20.51 -28.46
C GLY A 74 4.35 19.92 -29.44
N SER A 75 5.58 20.41 -29.38
CA SER A 75 6.57 20.04 -30.39
C SER A 75 7.99 20.31 -29.91
N GLN A 76 8.18 21.51 -29.35
CA GLN A 76 9.49 22.01 -28.97
C GLN A 76 9.88 21.66 -27.54
N GLY A 77 8.94 21.15 -26.76
CA GLY A 77 9.24 20.84 -25.37
C GLY A 77 9.41 22.14 -24.60
N LYS A 78 8.71 23.17 -25.05
CA LYS A 78 8.74 24.49 -24.43
C LYS A 78 7.39 24.86 -23.82
N ILE A 79 7.42 25.55 -22.69
CA ILE A 79 6.20 25.81 -21.97
C ILE A 79 5.31 26.80 -22.72
N SER A 80 5.90 27.49 -23.70
CA SER A 80 5.18 28.52 -24.43
C SER A 80 4.13 27.92 -25.36
N GLU A 81 4.33 26.67 -25.78
CA GLU A 81 3.42 26.07 -26.76
C GLU A 81 2.05 25.74 -26.16
N PHE A 82 1.90 25.97 -24.87
CA PHE A 82 0.70 25.58 -24.15
C PHE A 82 -0.04 26.78 -23.57
N HIS A 83 0.66 27.89 -23.43
CA HIS A 83 0.09 29.08 -22.83
C HIS A 83 -1.23 29.47 -23.46
N ASP A 84 -1.42 29.13 -24.72
CA ASP A 84 -2.66 29.47 -25.39
C ASP A 84 -3.81 28.64 -24.85
N ASN A 85 -3.52 27.38 -24.53
CA ASN A 85 -4.45 26.51 -23.81
C ASN A 85 -4.85 27.06 -22.46
N GLU A 86 -3.86 27.28 -21.61
CA GLU A 86 -4.13 27.84 -20.30
C GLU A 86 -5.12 29.00 -20.40
N ILE A 87 -4.84 29.94 -21.30
CA ILE A 87 -5.75 31.04 -21.59
C ILE A 87 -7.13 30.55 -22.05
N LEU A 88 -7.15 29.63 -23.01
CA LEU A 88 -8.41 29.12 -23.53
C LEU A 88 -9.24 28.57 -22.40
N THR A 89 -8.56 27.90 -21.46
CA THR A 89 -9.21 27.28 -20.33
C THR A 89 -9.88 28.32 -19.43
N GLN A 90 -9.11 29.25 -18.89
CA GLN A 90 -9.67 30.35 -18.09
C GLN A 90 -10.79 31.11 -18.78
N ASN A 91 -10.69 31.30 -20.09
CA ASN A 91 -11.75 31.95 -20.83
C ASN A 91 -13.04 31.17 -20.67
N LEU A 92 -12.92 29.88 -20.96
CA LEU A 92 -14.04 28.95 -20.90
C LEU A 92 -14.72 28.98 -19.53
N TYR A 93 -13.94 28.91 -18.46
CA TYR A 93 -14.53 28.92 -17.13
C TYR A 93 -15.17 30.27 -16.81
N ASP A 94 -14.53 31.35 -17.25
CA ASP A 94 -15.11 32.70 -17.15
C ASP A 94 -16.47 32.76 -17.85
N ALA A 95 -16.51 32.16 -19.04
CA ALA A 95 -17.69 32.17 -19.88
C ALA A 95 -18.76 31.31 -19.25
N CYS A 96 -18.33 30.16 -18.73
CA CYS A 96 -19.22 29.25 -18.03
C CYS A 96 -19.91 29.95 -16.88
N TYR A 97 -19.12 30.64 -16.05
CA TYR A 97 -19.62 31.43 -14.95
C TYR A 97 -20.67 32.48 -15.36
N GLU A 98 -20.38 33.25 -16.40
CA GLU A 98 -21.35 34.21 -16.89
C GLU A 98 -22.68 33.54 -17.19
N ASN A 99 -22.63 32.44 -17.92
CA ASN A 99 -23.86 31.76 -18.34
C ASN A 99 -24.43 30.88 -17.22
N ASN A 100 -23.77 30.94 -16.08
CA ASN A 100 -24.12 30.14 -14.91
C ASN A 100 -24.05 28.62 -15.11
N ILE A 101 -23.06 28.17 -15.89
CA ILE A 101 -22.78 26.74 -16.03
C ILE A 101 -21.80 26.31 -14.94
N SER A 102 -22.03 25.16 -14.33
CA SER A 102 -21.08 24.69 -13.36
C SER A 102 -20.70 23.23 -13.55
N ASN A 103 -21.59 22.46 -14.19
CA ASN A 103 -21.29 21.06 -14.52
C ASN A 103 -20.31 20.92 -15.68
N ILE A 104 -19.02 20.89 -15.36
CA ILE A 104 -17.95 20.90 -16.34
C ILE A 104 -17.03 19.72 -16.16
N VAL A 105 -16.57 19.12 -17.25
CA VAL A 105 -15.56 18.07 -17.22
C VAL A 105 -14.28 18.51 -17.93
N TYR A 106 -13.14 18.37 -17.28
CA TYR A 106 -11.86 18.71 -17.92
C TYR A 106 -11.07 17.46 -18.21
N ALA A 107 -10.42 17.40 -19.37
CA ALA A 107 -9.57 16.25 -19.66
C ALA A 107 -8.15 16.50 -19.23
N SER A 108 -7.76 15.87 -18.13
CA SER A 108 -6.37 15.89 -17.69
C SER A 108 -5.66 14.58 -18.09
N THR A 109 -4.52 14.28 -17.48
CA THR A 109 -3.74 13.13 -17.92
C THR A 109 -2.86 12.46 -16.88
N ILE A 110 -2.60 11.17 -17.13
CA ILE A 110 -1.68 10.35 -16.35
C ILE A 110 -0.27 10.95 -16.37
N SER A 111 -0.05 11.83 -17.34
CA SER A 111 1.23 12.52 -17.48
C SER A 111 1.43 13.60 -16.43
N ALA A 112 0.59 13.59 -15.39
CA ALA A 112 0.79 14.47 -14.24
C ALA A 112 1.65 13.72 -13.25
N TYR A 113 1.92 12.46 -13.55
CA TYR A 113 2.67 11.60 -12.66
C TYR A 113 3.95 11.18 -13.34
N SER A 114 4.89 10.59 -12.59
CA SER A 114 6.16 10.17 -13.16
C SER A 114 6.93 9.22 -12.24
N ASP A 115 6.84 9.48 -10.93
CA ASP A 115 7.64 8.76 -9.93
C ASP A 115 7.34 7.28 -9.92
N GLU A 116 8.26 6.48 -10.46
CA GLU A 116 8.04 5.04 -10.59
C GLU A 116 8.04 4.32 -9.24
N THR A 117 8.68 4.96 -8.26
CA THR A 117 8.75 4.47 -6.90
C THR A 117 7.36 4.32 -6.31
N SER A 118 6.39 4.94 -6.98
CA SER A 118 5.13 5.29 -6.34
C SER A 118 3.96 4.53 -6.95
N LEU A 119 4.24 3.77 -8.00
CA LEU A 119 3.21 2.99 -8.67
C LEU A 119 2.53 2.00 -7.71
N PRO A 120 1.22 1.83 -7.85
CA PRO A 120 0.34 2.59 -8.74
C PRO A 120 0.00 3.96 -8.15
N TRP A 121 -0.26 4.93 -9.01
CA TRP A 121 -0.56 6.29 -8.57
C TRP A 121 -2.02 6.52 -8.26
N ASN A 122 -2.31 7.05 -7.08
CA ASN A 122 -3.65 7.54 -6.81
C ASN A 122 -3.63 9.05 -6.71
N GLU A 123 -4.80 9.66 -6.71
CA GLU A 123 -4.87 11.10 -6.79
C GLU A 123 -4.27 11.82 -5.57
N LYS A 124 -3.64 11.08 -4.66
CA LYS A 124 -2.92 11.73 -3.58
C LYS A 124 -1.41 11.77 -3.85
N GLU A 125 -1.03 11.19 -4.99
CA GLU A 125 0.34 11.21 -5.50
C GLU A 125 0.74 12.64 -5.86
N LEU A 126 1.89 13.11 -5.36
CA LEU A 126 2.39 14.41 -5.77
C LEU A 126 2.57 14.43 -7.28
N PRO A 127 1.89 15.35 -7.97
CA PRO A 127 2.12 15.41 -9.41
C PRO A 127 3.58 15.74 -9.65
N LEU A 128 4.14 15.20 -10.72
CA LEU A 128 5.54 15.42 -11.02
C LEU A 128 5.74 15.06 -12.49
N PRO A 129 5.44 16.02 -13.36
CA PRO A 129 5.39 15.79 -14.81
C PRO A 129 6.80 15.71 -15.37
N ASP A 130 6.96 14.96 -16.45
CA ASP A 130 8.21 14.81 -17.16
C ASP A 130 8.18 15.74 -18.36
N LEU A 131 6.98 16.08 -18.79
CA LEU A 131 6.82 16.86 -19.99
C LEU A 131 6.25 18.25 -19.74
N TYR A 133 4.03 19.44 -21.59
CA TYR A 133 2.62 19.06 -21.71
C TYR A 133 1.98 18.78 -20.35
N GLY A 134 2.70 18.01 -19.53
CA GLY A 134 2.22 17.67 -18.20
C GLY A 134 2.05 18.92 -17.36
N VAL A 135 3.13 19.65 -17.18
CA VAL A 135 3.05 20.90 -16.41
C VAL A 135 1.80 21.71 -16.76
N SER A 136 1.58 21.92 -18.04
CA SER A 136 0.43 22.69 -18.52
C SER A 136 -0.90 22.10 -18.05
N LYS A 137 -1.12 20.83 -18.36
CA LYS A 137 -2.34 20.14 -17.98
C LYS A 137 -2.58 20.35 -16.49
N LEU A 138 -1.53 20.14 -15.71
CA LEU A 138 -1.56 20.36 -14.27
C LEU A 138 -1.98 21.80 -13.90
N ALA A 139 -1.62 22.77 -14.73
CA ALA A 139 -1.95 24.17 -14.47
C ALA A 139 -3.43 24.44 -14.73
N CYS A 140 -3.95 23.90 -15.82
CA CYS A 140 -5.36 24.04 -16.16
C CYS A 140 -6.26 23.37 -15.12
N GLU A 141 -5.74 22.31 -14.49
CA GLU A 141 -6.44 21.63 -13.41
C GLU A 141 -6.70 22.56 -12.23
N HIS A 142 -5.67 23.27 -11.82
CA HIS A 142 -5.81 24.23 -10.73
C HIS A 142 -6.57 25.49 -11.13
N ILE A 143 -6.52 25.87 -12.40
CA ILE A 143 -7.39 26.93 -12.88
C ILE A 143 -8.84 26.55 -12.57
N GLY A 144 -9.24 25.35 -12.96
CA GLY A 144 -10.57 24.86 -12.66
C GLY A 144 -10.80 24.78 -11.16
N ASN A 145 -9.82 24.25 -10.43
CA ASN A 145 -9.91 24.12 -8.98
C ASN A 145 -10.26 25.45 -8.37
N ILE A 146 -9.55 26.48 -8.78
CA ILE A 146 -9.79 27.80 -8.22
C ILE A 146 -11.21 28.31 -8.53
N TYR A 147 -11.63 28.20 -9.78
CA TYR A 147 -13.00 28.56 -10.13
C TYR A 147 -14.02 27.74 -9.38
N SER A 148 -13.65 26.52 -8.99
CA SER A 148 -14.59 25.64 -8.31
C SER A 148 -14.79 26.06 -6.86
N ARG A 149 -13.68 26.37 -6.19
CA ARG A 149 -13.74 26.81 -4.81
C ARG A 149 -14.24 28.23 -4.66
N LYS A 150 -13.99 29.07 -5.65
CA LYS A 150 -14.25 30.50 -5.52
C LYS A 150 -15.39 31.01 -6.41
N LYS A 151 -15.79 30.22 -7.40
CA LYS A 151 -16.88 30.64 -8.27
C LYS A 151 -18.02 29.63 -8.22
N GLY A 152 -17.96 28.70 -7.27
CA GLY A 152 -18.99 27.70 -7.17
C GLY A 152 -19.21 27.01 -8.50
N LEU A 153 -18.15 26.96 -9.30
CA LEU A 153 -18.19 26.21 -10.54
C LEU A 153 -17.95 24.75 -10.16
N CYS A 154 -18.44 23.79 -10.94
CA CYS A 154 -18.31 22.40 -10.51
C CYS A 154 -17.45 21.55 -11.45
N ILE A 155 -16.15 21.81 -11.43
CA ILE A 155 -15.23 21.21 -12.37
C ILE A 155 -14.63 19.89 -11.90
N LYS A 156 -14.86 18.83 -12.68
CA LYS A 156 -14.31 17.52 -12.44
C LYS A 156 -13.14 17.23 -13.40
N ASN A 157 -11.91 17.27 -12.88
CA ASN A 157 -10.71 16.94 -13.63
C ASN A 157 -10.51 15.43 -13.77
N LEU A 158 -10.42 14.95 -15.00
CA LEU A 158 -10.25 13.53 -15.27
C LEU A 158 -8.86 13.22 -15.78
N ARG A 159 -8.00 12.65 -14.93
CA ARG A 159 -6.68 12.23 -15.38
C ARG A 159 -6.72 10.90 -16.18
N PHE A 160 -6.99 10.99 -17.48
CA PHE A 160 -7.03 9.83 -18.37
C PHE A 160 -5.72 9.08 -18.46
N ALA A 161 -5.81 7.75 -18.51
CA ALA A 161 -4.64 6.92 -18.81
C ALA A 161 -4.39 7.06 -20.31
N HIS A 162 -3.45 6.30 -20.84
CA HIS A 162 -3.09 6.46 -22.24
C HIS A 162 -4.22 6.05 -23.16
N LEU A 163 -4.71 7.00 -23.95
CA LEU A 163 -5.85 6.72 -24.80
C LEU A 163 -5.45 5.96 -26.07
N TYR A 164 -6.24 4.95 -26.44
CA TYR A 164 -6.14 4.35 -27.75
C TYR A 164 -7.52 4.17 -28.34
N GLY A 165 -7.61 4.13 -29.66
CA GLY A 165 -8.90 3.97 -30.33
C GLY A 165 -8.85 3.45 -31.75
N PHE A 166 -9.91 3.73 -32.51
CA PHE A 166 -10.01 3.24 -33.88
C PHE A 166 -9.82 4.35 -34.89
N ASN A 167 -8.69 4.29 -35.61
CA ASN A 167 -8.40 5.21 -36.69
C ASN A 167 -7.77 6.54 -36.23
N GLU A 168 -6.46 6.54 -36.03
CA GLU A 168 -5.74 7.68 -35.44
C GLU A 168 -4.49 8.19 -36.22
N ASN A 171 0.39 8.10 -35.89
CA ASN A 171 1.68 7.39 -35.99
C ASN A 171 2.37 6.95 -34.69
N TYR A 172 1.64 7.00 -33.59
CA TYR A 172 2.14 6.50 -32.31
C TYR A 172 2.22 4.97 -32.26
N ILE A 174 1.13 2.35 -30.73
CA ILE A 174 -0.07 1.54 -30.72
C ILE A 174 -0.79 1.60 -32.07
N ASN A 175 -0.78 2.77 -32.70
CA ASN A 175 -1.39 2.93 -34.02
C ASN A 175 -0.59 2.15 -35.08
N ARG A 176 0.73 2.27 -35.03
CA ARG A 176 1.61 1.52 -35.93
C ARG A 176 1.29 0.03 -35.93
N PHE A 177 1.26 -0.57 -34.74
CA PHE A 177 0.91 -1.98 -34.64
C PHE A 177 -0.43 -2.25 -35.34
N PHE A 178 -1.44 -1.45 -35.00
CA PHE A 178 -2.77 -1.63 -35.57
C PHE A 178 -2.68 -1.72 -37.08
N ARG A 179 -2.12 -0.69 -37.70
CA ARG A 179 -1.95 -0.68 -39.14
C ARG A 179 -1.11 -1.86 -39.59
N GLN A 180 0.07 -2.01 -39.02
CA GLN A 180 1.00 -3.05 -39.45
C GLN A 180 0.39 -4.44 -39.39
N ALA A 181 -0.11 -4.82 -38.21
CA ALA A 181 -0.73 -6.12 -38.03
C ALA A 181 -1.92 -6.31 -38.98
N PHE A 182 -2.61 -5.21 -39.27
CA PHE A 182 -3.78 -5.23 -40.15
C PHE A 182 -3.42 -5.66 -41.58
N HIS A 183 -2.27 -5.23 -42.07
CA HIS A 183 -1.80 -5.66 -43.38
C HIS A 183 -1.02 -6.97 -43.30
N GLY A 184 -1.05 -7.62 -42.15
CA GLY A 184 -0.27 -8.83 -41.93
C GLY A 184 1.21 -8.54 -42.12
N GLU A 185 1.81 -7.89 -41.14
CA GLU A 185 3.20 -7.48 -41.24
C GLU A 185 3.91 -7.54 -39.88
N GLN A 186 5.21 -7.77 -39.92
CA GLN A 186 5.94 -7.99 -38.68
C GLN A 186 5.97 -6.75 -37.79
N LEU A 187 5.40 -6.87 -36.59
CA LEU A 187 5.59 -5.88 -35.53
C LEU A 187 6.99 -6.03 -34.90
N THR A 188 7.64 -4.92 -34.60
CA THR A 188 8.95 -4.94 -33.97
C THR A 188 8.94 -4.14 -32.68
N LEU A 189 9.89 -4.43 -31.80
CA LEU A 189 10.06 -3.68 -30.57
C LEU A 189 11.53 -3.39 -30.47
N HIS A 190 11.92 -2.13 -30.33
CA HIS A 190 13.33 -1.78 -30.28
C HIS A 190 14.13 -2.73 -29.40
N ALA A 191 13.66 -2.89 -28.17
CA ALA A 191 14.21 -3.90 -27.27
C ALA A 191 13.07 -4.43 -26.39
N ASN A 192 13.37 -5.37 -25.51
CA ASN A 192 12.38 -5.83 -24.54
C ASN A 192 12.30 -4.89 -23.36
N SER A 193 11.12 -4.77 -22.77
CA SER A 193 10.96 -3.89 -21.62
C SER A 193 10.08 -4.52 -20.60
N VAL A 194 10.34 -4.19 -19.35
CA VAL A 194 9.56 -4.67 -18.22
C VAL A 194 8.56 -3.60 -17.76
N ALA A 195 8.67 -2.40 -18.33
CA ALA A 195 7.80 -1.28 -17.97
C ALA A 195 6.36 -1.54 -18.40
N LYS A 196 5.42 -1.15 -17.54
CA LYS A 196 3.99 -1.38 -17.75
C LYS A 196 3.27 -0.05 -17.89
N ARG A 197 2.48 0.07 -18.96
CA ARG A 197 1.78 1.31 -19.28
C ARG A 197 0.28 1.08 -19.37
N GLU A 198 -0.53 1.97 -18.80
CA GLU A 198 -1.97 1.75 -18.75
C GLU A 198 -2.67 2.33 -19.97
N PHE A 199 -3.48 1.50 -20.64
CA PHE A 199 -4.17 1.91 -21.86
C PHE A 199 -5.69 1.92 -21.73
N LEU A 200 -6.28 3.10 -21.86
CA LEU A 200 -7.72 3.26 -21.70
C LEU A 200 -8.38 3.46 -23.05
N TYR A 201 -9.29 2.55 -23.40
CA TYR A 201 -10.01 2.63 -24.66
C TYR A 201 -10.79 3.93 -24.72
N ALA A 202 -10.74 4.61 -25.86
CA ALA A 202 -11.45 5.86 -26.04
C ALA A 202 -12.93 5.75 -25.69
N LYS A 203 -13.55 4.62 -26.04
CA LYS A 203 -14.98 4.41 -25.77
C LYS A 203 -15.27 4.43 -24.26
N ASP A 204 -14.36 3.86 -23.48
CA ASP A 204 -14.44 3.88 -22.02
C ASP A 204 -14.12 5.24 -21.42
N ALA A 205 -13.35 6.05 -22.13
CA ALA A 205 -13.04 7.40 -21.67
C ALA A 205 -14.25 8.31 -21.88
N ALA A 206 -14.91 8.14 -23.02
CA ALA A 206 -16.14 8.85 -23.29
C ALA A 206 -17.20 8.39 -22.29
N LYS A 207 -17.08 7.15 -21.82
CA LYS A 207 -18.02 6.64 -20.81
C LYS A 207 -17.86 7.37 -19.50
N SER A 208 -16.62 7.52 -19.04
CA SER A 208 -16.33 8.20 -17.79
C SER A 208 -16.74 9.68 -17.85
N VAL A 209 -16.69 10.29 -19.03
CA VAL A 209 -17.18 11.65 -19.19
C VAL A 209 -18.68 11.68 -18.87
N ILE A 210 -19.41 10.73 -19.43
CA ILE A 210 -20.84 10.64 -19.19
C ILE A 210 -21.15 10.49 -17.68
N TYR A 211 -20.44 9.59 -16.99
CA TYR A 211 -20.74 9.30 -15.59
C TYR A 211 -20.34 10.43 -14.65
N ALA A 212 -19.32 11.20 -15.05
CA ALA A 212 -18.86 12.33 -14.27
C ALA A 212 -19.82 13.48 -14.50
N LEU A 213 -20.42 13.52 -15.67
CA LEU A 213 -21.41 14.54 -15.99
C LEU A 213 -22.70 14.28 -15.20
N LYS A 214 -22.77 13.11 -14.57
CA LYS A 214 -23.92 12.72 -13.78
C LYS A 214 -23.85 13.36 -12.40
N GLN A 215 -22.63 13.54 -11.90
CA GLN A 215 -22.43 14.20 -10.61
C GLN A 215 -22.29 15.70 -10.80
N GLU A 216 -23.38 16.34 -11.21
CA GLU A 216 -23.33 17.71 -11.65
C GLU A 216 -22.85 18.72 -10.61
N LYS A 217 -22.91 18.34 -9.34
CA LYS A 217 -22.45 19.24 -8.28
C LYS A 217 -21.12 18.80 -7.69
N VAL A 218 -20.62 17.65 -8.14
CA VAL A 218 -19.31 17.15 -7.71
C VAL A 218 -18.19 18.00 -8.34
N SER A 219 -17.17 18.29 -7.57
CA SER A 219 -15.98 18.93 -8.09
C SER A 219 -14.77 18.31 -7.44
N GLY A 220 -13.82 17.88 -8.26
CA GLY A 220 -12.59 17.27 -7.79
C GLY A 220 -11.68 16.70 -8.89
N THR A 221 -10.81 15.78 -8.49
CA THR A 221 -9.90 15.16 -9.45
C THR A 221 -9.85 13.62 -9.39
N PHE A 222 -10.07 12.99 -10.53
CA PHE A 222 -10.18 11.54 -10.60
C PHE A 222 -9.25 10.89 -11.65
N ASN A 223 -8.59 9.79 -11.28
CA ASN A 223 -7.87 8.97 -12.25
C ASN A 223 -8.89 8.18 -13.03
N ILE A 224 -8.84 8.25 -14.35
CA ILE A 224 -9.66 7.35 -15.15
C ILE A 224 -8.78 6.34 -15.90
N GLY A 225 -8.41 5.27 -15.20
CA GLY A 225 -7.66 4.18 -15.79
C GLY A 225 -8.54 3.00 -16.18
N SER A 226 -7.94 2.01 -16.82
CA SER A 226 -8.69 0.87 -17.34
C SER A 226 -8.56 -0.40 -16.52
N GLY A 227 -7.39 -0.63 -15.92
CA GLY A 227 -7.16 -1.92 -15.30
C GLY A 227 -5.74 -2.19 -14.81
N ASP A 228 -4.78 -2.59 -15.65
CA ASP A 228 -4.83 -2.86 -17.11
C ASP A 228 -3.56 -2.26 -17.74
N ALA A 229 -2.47 -2.29 -16.95
CA ALA A 229 -1.16 -1.85 -17.41
C ALA A 229 -0.43 -2.95 -18.15
N LEU A 230 -0.05 -2.68 -19.41
CA LEU A 230 0.59 -3.69 -20.25
C LEU A 230 2.03 -3.35 -20.61
N THR A 231 2.83 -4.38 -20.87
CA THR A 231 4.14 -4.18 -21.48
C THR A 231 3.99 -4.14 -23.00
N ASN A 232 4.96 -3.53 -23.68
CA ASN A 232 4.91 -3.41 -25.12
C ASN A 232 4.83 -4.78 -25.80
N TYR A 233 5.52 -5.75 -25.22
CA TYR A 233 5.41 -7.13 -25.67
C TYR A 233 3.95 -7.62 -25.59
N GLU A 234 3.30 -7.38 -24.45
CA GLU A 234 1.88 -7.75 -24.31
C GLU A 234 1.00 -7.09 -25.37
N VAL A 235 1.12 -5.75 -25.49
CA VAL A 235 0.36 -4.98 -26.47
C VAL A 235 0.46 -5.60 -27.86
N ALA A 236 1.70 -5.76 -28.35
CA ALA A 236 1.94 -6.31 -29.68
C ALA A 236 1.29 -7.67 -29.89
N ASN A 237 1.47 -8.57 -28.92
CA ASN A 237 0.87 -9.90 -28.95
C ASN A 237 -0.66 -9.86 -29.08
N THR A 238 -1.29 -9.09 -28.21
CA THR A 238 -2.74 -8.98 -28.19
C THR A 238 -3.25 -8.43 -29.51
N ILE A 239 -2.59 -7.42 -30.05
CA ILE A 239 -2.96 -6.91 -31.36
C ILE A 239 -2.75 -8.00 -32.43
N ASN A 240 -1.59 -8.64 -32.39
CA ASN A 240 -1.27 -9.76 -33.27
C ASN A 240 -2.36 -10.84 -33.35
N ASN A 241 -2.76 -11.39 -32.21
CA ASN A 241 -3.83 -12.39 -32.18
C ASN A 241 -5.11 -11.90 -32.83
N ALA A 242 -5.69 -10.85 -32.26
CA ALA A 242 -6.91 -10.24 -32.79
C ALA A 242 -6.88 -10.00 -34.31
N PHE A 243 -5.69 -9.75 -34.87
CA PHE A 243 -5.58 -9.39 -36.29
C PHE A 243 -5.05 -10.51 -37.20
N GLY A 244 -5.22 -11.77 -36.78
CA GLY A 244 -4.74 -12.89 -37.56
C GLY A 244 -3.25 -12.81 -37.90
N ASN A 245 -2.50 -12.07 -37.11
CA ASN A 245 -1.07 -11.93 -37.31
C ASN A 245 -0.28 -12.63 -36.21
N LYS A 246 -0.73 -13.82 -35.83
CA LYS A 246 -0.14 -14.53 -34.70
C LYS A 246 1.38 -14.73 -34.81
N ASP A 247 2.08 -14.31 -33.76
CA ASP A 247 3.52 -14.54 -33.60
C ASP A 247 4.42 -13.63 -34.44
N ASN A 248 3.81 -12.89 -35.36
CA ASN A 248 4.57 -11.98 -36.20
C ASN A 248 5.14 -10.82 -35.38
N LEU A 249 6.06 -11.13 -34.47
CA LEU A 249 6.73 -10.11 -33.65
C LEU A 249 8.26 -10.25 -33.66
N LEU A 250 8.94 -9.13 -33.87
CA LEU A 250 10.40 -9.11 -33.94
C LEU A 250 10.92 -8.21 -32.83
N VAL A 251 11.91 -8.67 -32.09
CA VAL A 251 12.62 -7.78 -31.19
C VAL A 251 13.99 -7.42 -31.80
N LYS A 252 14.13 -6.16 -32.21
CA LYS A 252 15.30 -5.67 -32.95
C LYS A 252 16.65 -5.83 -32.23
N ASN A 253 16.68 -5.55 -30.92
CA ASN A 253 17.92 -5.56 -30.15
C ASN A 253 17.82 -6.36 -28.85
N PRO A 254 18.94 -6.91 -28.39
CA PRO A 254 18.94 -7.63 -27.11
C PRO A 254 18.95 -6.64 -25.94
N ASN A 255 18.72 -7.15 -24.74
CA ASN A 255 18.72 -6.34 -23.50
C ASN A 255 17.45 -5.54 -23.29
N ALA A 256 17.53 -4.61 -22.33
CA ALA A 256 16.45 -3.71 -21.97
C ALA A 256 16.43 -2.45 -22.83
N ASN A 257 15.22 -2.05 -23.26
CA ASN A 257 15.00 -0.80 -23.98
C ASN A 257 15.51 0.40 -23.18
N GLU A 258 14.90 0.61 -22.01
CA GLU A 258 15.32 1.68 -21.10
C GLU A 258 14.93 3.09 -21.57
N GLY A 259 14.27 3.17 -22.71
CA GLY A 259 13.70 4.43 -23.16
C GLY A 259 12.26 4.56 -22.70
N ILE A 260 11.81 3.58 -21.91
CA ILE A 260 10.41 3.49 -21.55
C ILE A 260 10.23 3.38 -20.05
N HIS A 261 9.27 4.13 -19.51
CA HIS A 261 8.98 4.06 -18.08
C HIS A 261 7.56 3.54 -17.80
N SER A 262 7.34 3.03 -16.59
CA SER A 262 6.01 2.53 -16.22
C SER A 262 5.03 3.66 -15.90
N SER A 263 3.80 3.51 -16.36
CA SER A 263 2.74 4.43 -15.93
C SER A 263 1.36 3.77 -15.88
N TYR A 264 0.82 3.67 -14.67
CA TYR A 264 -0.53 3.17 -14.48
C TYR A 264 -1.09 3.74 -13.20
N ASP A 266 -4.19 3.72 -9.91
CA ASP A 266 -5.24 3.20 -9.06
C ASP A 266 -6.50 4.03 -9.31
N SER A 267 -7.56 3.40 -9.81
CA SER A 267 -8.78 4.16 -10.12
C SER A 267 -9.95 3.90 -9.15
N SER A 268 -9.61 3.49 -7.94
CA SER A 268 -10.58 3.33 -6.87
C SER A 268 -11.57 4.50 -6.85
N LYS A 269 -11.06 5.70 -6.53
CA LYS A 269 -11.90 6.88 -6.37
C LYS A 269 -12.96 7.00 -7.47
N ALA A 270 -12.57 6.86 -8.72
CA ALA A 270 -13.52 6.94 -9.81
C ALA A 270 -14.60 5.87 -9.66
N LYS A 271 -14.19 4.70 -9.16
CA LYS A 271 -15.09 3.56 -9.05
C LYS A 271 -16.21 3.76 -8.01
N GLU A 272 -15.88 4.35 -6.87
CA GLU A 272 -16.86 4.57 -5.82
C GLU A 272 -17.68 5.87 -5.94
N LEU A 273 -17.02 7.01 -6.15
CA LEU A 273 -17.73 8.28 -6.32
C LEU A 273 -18.42 8.44 -7.66
N LEU A 274 -17.74 8.07 -8.73
CA LEU A 274 -18.34 8.18 -10.06
C LEU A 274 -19.09 6.92 -10.47
N ASP A 275 -19.11 5.92 -9.58
CA ASP A 275 -19.68 4.60 -9.90
C ASP A 275 -19.21 4.21 -11.30
N PHE A 276 -17.91 4.35 -11.56
CA PHE A 276 -17.39 4.13 -12.92
C PHE A 276 -16.49 2.90 -13.08
N SER A 277 -16.74 2.12 -14.11
CA SER A 277 -15.83 1.05 -14.45
C SER A 277 -15.82 0.90 -15.96
N THR A 278 -14.74 0.37 -16.51
CA THR A 278 -14.59 0.23 -17.95
C THR A 278 -15.43 -0.91 -18.51
N ASP A 279 -16.04 -0.69 -19.66
CA ASP A 279 -16.71 -1.76 -20.38
C ASP A 279 -15.66 -2.74 -20.93
N TYR A 280 -14.57 -2.21 -21.48
CA TYR A 280 -13.59 -3.02 -22.21
C TYR A 280 -12.30 -3.29 -21.45
N ASN A 281 -11.54 -4.28 -21.93
CA ASN A 281 -10.16 -4.50 -21.52
C ASN A 281 -9.36 -4.56 -22.82
N PHE A 282 -8.03 -4.49 -22.74
CA PHE A 282 -7.27 -4.28 -23.97
C PHE A 282 -7.66 -5.21 -25.11
N ALA A 283 -7.81 -6.50 -24.83
CA ALA A 283 -8.08 -7.52 -25.85
C ALA A 283 -9.49 -7.40 -26.45
N THR A 284 -10.45 -7.07 -25.60
CA THR A 284 -11.82 -6.87 -26.01
C THR A 284 -11.95 -5.63 -26.90
N ALA A 285 -11.23 -4.58 -26.51
CA ALA A 285 -11.24 -3.31 -27.22
C ALA A 285 -10.66 -3.43 -28.62
N VAL A 286 -9.56 -4.14 -28.73
CA VAL A 286 -8.87 -4.30 -29.99
C VAL A 286 -9.59 -5.29 -30.89
N GLU A 287 -10.21 -6.31 -30.29
CA GLU A 287 -11.08 -7.23 -31.02
C GLU A 287 -12.10 -6.42 -31.82
N GLU A 288 -12.56 -5.33 -31.22
CA GLU A 288 -13.61 -4.48 -31.80
C GLU A 288 -13.03 -3.48 -32.79
N ILE A 289 -11.92 -2.86 -32.42
CA ILE A 289 -11.24 -1.93 -33.31
C ILE A 289 -10.90 -2.65 -34.61
N HIS A 290 -10.37 -3.85 -34.49
CA HIS A 290 -10.11 -4.66 -35.67
C HIS A 290 -11.38 -4.80 -36.51
N LEU A 291 -12.43 -5.32 -35.88
CA LEU A 291 -13.71 -5.60 -36.54
C LEU A 291 -14.38 -4.33 -37.06
N LEU A 292 -13.63 -3.25 -37.10
CA LEU A 292 -14.17 -1.99 -37.60
C LEU A 292 -13.19 -1.33 -38.57
N ARG A 294 -12.16 -2.63 -41.12
CA ARG A 294 -12.66 -2.98 -42.44
C ARG A 294 -13.63 -1.91 -42.94
N GLY A 295 -13.15 -0.67 -43.03
CA GLY A 295 -13.95 0.44 -43.54
C GLY A 295 -13.13 1.35 -44.43
N SER B 2 36.70 33.74 -5.92
CA SER B 2 35.37 34.23 -5.55
C SER B 2 34.33 33.71 -6.54
N LEU B 3 33.08 33.61 -6.07
CA LEU B 3 31.99 33.13 -6.90
C LEU B 3 31.23 34.28 -7.54
N LYS B 4 30.83 34.09 -8.79
CA LYS B 4 29.99 35.07 -9.47
C LYS B 4 28.55 34.54 -9.57
N ILE B 5 27.63 35.24 -8.91
CA ILE B 5 26.26 34.77 -8.73
C ILE B 5 25.24 35.73 -9.36
N ALA B 6 24.75 35.36 -10.53
CA ALA B 6 23.71 36.12 -11.21
C ALA B 6 22.46 36.15 -10.35
N VAL B 7 21.86 37.32 -10.21
CA VAL B 7 20.61 37.44 -9.49
C VAL B 7 19.58 38.19 -10.33
N THR B 8 18.64 37.45 -10.90
CA THR B 8 17.52 38.03 -11.61
C THR B 8 16.63 38.69 -10.57
N GLY B 9 16.03 39.83 -10.92
CA GLY B 9 15.26 40.59 -9.97
C GLY B 9 16.14 41.05 -8.81
N GLY B 10 17.45 41.15 -9.07
CA GLY B 10 18.43 41.54 -8.08
C GLY B 10 18.15 42.96 -7.66
N THR B 11 17.24 43.57 -8.39
CA THR B 11 16.80 44.94 -8.18
C THR B 11 15.74 45.09 -7.09
N GLY B 12 14.76 44.19 -7.06
CA GLY B 12 13.60 44.35 -6.21
C GLY B 12 13.82 44.17 -4.73
N PHE B 13 12.72 44.11 -3.98
CA PHE B 13 12.76 43.95 -2.53
C PHE B 13 13.76 42.85 -2.10
N LEU B 14 13.32 41.60 -2.11
CA LEU B 14 14.16 40.44 -1.75
C LEU B 14 15.53 40.47 -2.43
N GLY B 15 15.57 40.93 -3.67
CA GLY B 15 16.81 41.07 -4.41
C GLY B 15 17.90 41.82 -3.66
N GLN B 16 17.61 43.04 -3.24
CA GLN B 16 18.60 43.88 -2.56
C GLN B 16 19.18 43.19 -1.33
N TYR B 17 18.32 42.47 -0.62
CA TYR B 17 18.73 41.68 0.54
C TYR B 17 19.64 40.52 0.13
N VAL B 18 19.21 39.76 -0.88
CA VAL B 18 19.95 38.62 -1.39
C VAL B 18 21.29 39.09 -1.90
N VAL B 19 21.27 40.18 -2.65
CA VAL B 19 22.47 40.69 -3.27
C VAL B 19 23.52 41.06 -2.22
N GLU B 20 23.09 41.64 -1.11
CA GLU B 20 24.05 42.01 -0.09
C GLU B 20 24.55 40.79 0.72
N SER B 21 23.67 39.83 0.99
CA SER B 21 24.09 38.57 1.59
C SER B 21 25.24 37.96 0.79
N ILE B 22 25.03 37.82 -0.52
CA ILE B 22 26.03 37.25 -1.43
C ILE B 22 27.40 37.91 -1.29
N LYS B 23 27.41 39.23 -1.27
CA LYS B 23 28.64 39.99 -1.07
C LYS B 23 29.21 39.71 0.31
N ASN B 24 28.35 39.76 1.33
CA ASN B 24 28.79 39.52 2.70
C ASN B 24 29.38 38.11 2.90
N ASP B 25 28.82 37.14 2.19
CA ASP B 25 29.29 35.76 2.26
C ASP B 25 30.68 35.68 1.65
N GLY B 26 31.09 36.75 0.99
CA GLY B 26 32.41 36.82 0.37
C GLY B 26 32.36 36.71 -1.15
N ASN B 27 31.19 36.40 -1.68
CA ASN B 27 31.02 36.23 -3.12
C ASN B 27 30.73 37.52 -3.88
N THR B 28 30.55 37.39 -5.19
CA THR B 28 30.37 38.53 -6.07
C THR B 28 28.98 38.55 -6.73
N PRO B 29 28.10 39.46 -6.26
CA PRO B 29 26.74 39.64 -6.80
C PRO B 29 26.76 40.11 -8.25
N ILE B 30 25.68 39.85 -8.97
CA ILE B 30 25.54 40.32 -10.34
C ILE B 30 24.06 40.45 -10.66
N ILE B 31 23.52 41.66 -10.53
CA ILE B 31 22.10 41.89 -10.76
C ILE B 31 21.74 41.92 -12.24
N LEU B 32 20.90 40.99 -12.69
CA LEU B 32 20.30 41.10 -14.01
C LEU B 32 19.03 41.91 -13.86
N THR B 33 18.73 42.75 -14.85
CA THR B 33 17.58 43.65 -14.77
C THR B 33 17.13 44.07 -16.17
N ARG B 34 15.90 44.54 -16.29
CA ARG B 34 15.37 44.93 -17.59
C ARG B 34 15.83 46.34 -17.98
N SER B 35 16.28 47.10 -16.98
CA SER B 35 16.63 48.49 -17.19
C SER B 35 17.42 49.01 -16.00
N ILE B 36 18.18 50.09 -16.19
CA ILE B 36 18.82 50.79 -15.07
C ILE B 36 18.16 52.14 -14.81
N GLY B 37 16.91 52.28 -15.26
CA GLY B 37 16.11 53.46 -14.98
C GLY B 37 15.17 53.25 -13.80
N TYR B 44 27.67 47.44 -7.08
CA TYR B 44 27.48 46.10 -7.64
C TYR B 44 27.42 46.15 -9.17
N GLU B 45 27.84 45.09 -9.83
CA GLU B 45 27.76 45.03 -11.28
C GLU B 45 26.35 44.69 -11.77
N TYR B 46 25.76 45.59 -12.55
CA TYR B 46 24.46 45.39 -13.17
C TYR B 46 24.63 44.87 -14.60
N ARG B 47 23.69 44.05 -15.07
CA ARG B 47 23.65 43.66 -16.47
C ARG B 47 22.22 43.69 -17.00
N VAL B 48 21.95 44.59 -17.94
CA VAL B 48 20.63 44.67 -18.54
C VAL B 48 20.46 43.51 -19.50
N SER B 49 19.35 42.79 -19.36
CA SER B 49 18.99 41.72 -20.27
C SER B 49 17.57 41.95 -20.72
N ASP B 50 17.21 41.47 -21.90
CA ASP B 50 15.79 41.43 -22.24
C ASP B 50 15.23 40.05 -21.95
N TYR B 51 16.05 39.25 -21.27
CA TYR B 51 15.76 37.87 -20.93
C TYR B 51 15.33 37.03 -22.11
N THR B 52 15.85 37.32 -23.29
CA THR B 52 15.76 36.34 -24.37
C THR B 52 16.82 35.27 -24.16
N LEU B 53 16.59 34.07 -24.70
CA LEU B 53 17.52 32.98 -24.53
C LEU B 53 18.93 33.40 -24.98
N GLU B 54 19.01 33.94 -26.20
CA GLU B 54 20.26 34.37 -26.80
C GLU B 54 20.99 35.32 -25.85
N ASP B 55 20.27 36.31 -25.38
CA ASP B 55 20.87 37.27 -24.47
C ASP B 55 21.36 36.58 -23.20
N LEU B 56 20.44 35.99 -22.45
CA LEU B 56 20.77 35.34 -21.19
C LEU B 56 22.00 34.43 -21.28
N ILE B 57 22.18 33.77 -22.42
CA ILE B 57 23.36 32.92 -22.61
C ILE B 57 24.64 33.74 -22.54
N ASN B 58 24.63 34.91 -23.16
CA ASN B 58 25.78 35.80 -23.11
C ASN B 58 25.93 36.41 -21.73
N GLN B 59 24.89 37.08 -21.25
CA GLN B 59 24.91 37.69 -19.91
C GLN B 59 25.31 36.69 -18.81
N LEU B 60 25.34 35.40 -19.11
CA LEU B 60 25.61 34.39 -18.08
C LEU B 60 26.92 33.62 -18.21
N ASN B 61 27.73 33.90 -19.23
CA ASN B 61 28.83 32.99 -19.50
C ASN B 61 30.13 33.16 -18.69
N ASP B 62 30.02 33.87 -17.57
CA ASP B 62 31.11 33.89 -16.60
C ASP B 62 30.57 33.62 -15.20
N VAL B 63 29.31 33.18 -15.14
CA VAL B 63 28.57 33.01 -13.87
C VAL B 63 28.66 31.60 -13.30
N ASP B 64 28.71 31.50 -11.97
CA ASP B 64 28.85 30.22 -11.30
C ASP B 64 27.54 29.69 -10.69
N ALA B 65 26.63 30.59 -10.31
CA ALA B 65 25.33 30.20 -9.78
C ALA B 65 24.26 31.27 -10.08
N VAL B 66 22.99 30.94 -9.83
CA VAL B 66 21.89 31.83 -10.18
C VAL B 66 20.81 31.81 -9.12
N VAL B 67 20.43 32.99 -8.64
CA VAL B 67 19.27 33.13 -7.77
C VAL B 67 18.14 33.73 -8.61
N HIS B 68 17.22 32.90 -9.06
CA HIS B 68 16.16 33.36 -9.94
C HIS B 68 15.00 33.99 -9.18
N LEU B 69 15.09 35.31 -8.97
CA LEU B 69 14.05 36.07 -8.24
C LEU B 69 13.12 36.88 -9.15
N ALA B 70 13.51 37.09 -10.41
CA ALA B 70 12.71 37.84 -11.38
C ALA B 70 11.32 37.25 -11.53
N ALA B 71 10.31 38.05 -11.18
CA ALA B 71 8.93 37.59 -11.20
C ALA B 71 7.93 38.73 -11.34
N THR B 72 6.69 38.39 -11.65
CA THR B 72 5.63 39.37 -11.83
C THR B 72 4.47 39.12 -10.87
N ARG B 73 3.92 40.20 -10.34
CA ARG B 73 2.89 40.14 -9.30
C ARG B 73 1.52 39.79 -9.87
N GLY B 74 1.17 40.44 -10.98
CA GLY B 74 -0.13 40.26 -11.60
C GLY B 74 -1.26 40.92 -10.85
N SER B 75 -2.11 41.64 -11.58
CA SER B 75 -3.18 42.42 -10.98
C SER B 75 -4.58 41.90 -11.33
N GLN B 76 -4.71 41.30 -12.51
CA GLN B 76 -6.01 40.92 -13.03
C GLN B 76 -6.59 39.56 -12.56
N GLY B 77 -5.77 38.70 -11.97
CA GLY B 77 -6.20 37.36 -11.67
C GLY B 77 -6.39 36.57 -12.97
N LYS B 78 -5.53 36.85 -13.94
CA LYS B 78 -5.51 36.17 -15.22
C LYS B 78 -4.21 35.35 -15.36
N ILE B 79 -4.33 34.08 -15.76
CA ILE B 79 -3.16 33.22 -15.89
C ILE B 79 -2.20 33.77 -16.95
N SER B 80 -2.71 34.59 -17.85
CA SER B 80 -1.90 35.15 -18.92
C SER B 80 -0.87 36.13 -18.40
N GLU B 81 -1.20 36.86 -17.33
CA GLU B 81 -0.29 37.86 -16.80
C GLU B 81 1.03 37.24 -16.37
N PHE B 82 1.00 35.92 -16.17
CA PHE B 82 2.17 35.23 -15.62
C PHE B 82 2.97 34.42 -16.65
N HIS B 83 2.43 34.26 -17.85
CA HIS B 83 3.06 33.47 -18.89
C HIS B 83 4.48 33.93 -19.18
N ASP B 84 4.73 35.21 -18.96
CA ASP B 84 6.04 35.76 -19.22
C ASP B 84 7.06 35.20 -18.25
N ASN B 85 6.72 35.22 -16.96
CA ASN B 85 7.60 34.66 -15.95
C ASN B 85 8.02 33.24 -16.31
N GLU B 86 7.12 32.52 -16.97
CA GLU B 86 7.32 31.11 -17.27
C GLU B 86 8.32 30.94 -18.41
N ILE B 87 8.10 31.67 -19.50
CA ILE B 87 9.02 31.69 -20.63
C ILE B 87 10.39 32.16 -20.17
N LEU B 88 10.41 33.26 -19.44
CA LEU B 88 11.64 33.79 -18.86
C LEU B 88 12.39 32.71 -18.08
N THR B 89 11.64 31.95 -17.27
CA THR B 89 12.24 30.92 -16.42
C THR B 89 12.85 29.79 -17.26
N GLN B 90 12.09 29.28 -18.21
CA GLN B 90 12.62 28.25 -19.09
C GLN B 90 13.87 28.76 -19.81
N ASN B 91 13.76 29.91 -20.47
CA ASN B 91 14.93 30.51 -21.09
C ASN B 91 16.13 30.52 -20.15
N LEU B 92 15.96 31.13 -18.98
CA LEU B 92 17.03 31.23 -18.01
C LEU B 92 17.67 29.87 -17.73
N TYR B 93 16.87 28.82 -17.69
CA TYR B 93 17.41 27.49 -17.43
C TYR B 93 18.08 26.90 -18.67
N ASP B 94 17.57 27.23 -19.85
CA ASP B 94 18.22 26.84 -21.10
C ASP B 94 19.60 27.48 -21.18
N ALA B 95 19.63 28.78 -20.83
CA ALA B 95 20.85 29.57 -20.77
C ALA B 95 21.84 28.97 -19.79
N CYS B 96 21.37 28.68 -18.59
CA CYS B 96 22.18 28.03 -17.56
C CYS B 96 22.76 26.70 -18.01
N TYR B 97 21.98 25.97 -18.80
CA TYR B 97 22.44 24.68 -19.31
C TYR B 97 23.59 24.92 -20.26
N GLU B 98 23.43 25.92 -21.14
CA GLU B 98 24.47 26.32 -22.11
C GLU B 98 25.82 26.64 -21.50
N ASN B 99 25.80 27.17 -20.28
CA ASN B 99 26.99 27.62 -19.61
C ASN B 99 27.36 26.71 -18.48
N ASN B 100 26.84 25.49 -18.55
CA ASN B 100 27.08 24.49 -17.50
C ASN B 100 26.94 25.06 -16.09
N ILE B 101 25.91 25.87 -15.89
CA ILE B 101 25.59 26.34 -14.55
C ILE B 101 24.55 25.38 -14.02
N SER B 102 24.74 24.85 -12.82
CA SER B 102 23.81 23.85 -12.31
C SER B 102 23.27 24.21 -10.94
N ASN B 103 24.05 24.98 -10.18
CA ASN B 103 23.57 25.44 -8.88
C ASN B 103 22.61 26.60 -9.02
N ILE B 104 21.33 26.33 -8.79
CA ILE B 104 20.27 27.31 -9.03
C ILE B 104 19.24 27.36 -7.90
N VAL B 105 18.86 28.56 -7.50
CA VAL B 105 17.86 28.75 -6.45
C VAL B 105 16.64 29.53 -6.96
N TYR B 106 15.45 28.96 -6.78
CA TYR B 106 14.23 29.59 -7.27
C TYR B 106 13.35 30.16 -6.14
N ALA B 107 12.82 31.37 -6.34
CA ALA B 107 11.89 31.95 -5.39
C ALA B 107 10.46 31.51 -5.69
N SER B 108 10.04 30.45 -4.98
CA SER B 108 8.66 30.01 -5.01
C SER B 108 7.95 30.57 -3.80
N THR B 109 6.71 30.14 -3.56
CA THR B 109 5.95 30.70 -2.46
C THR B 109 5.09 29.68 -1.71
N ILE B 110 4.90 29.95 -0.42
CA ILE B 110 3.92 29.28 0.43
C ILE B 110 2.54 29.27 -0.19
N SER B 111 2.32 30.19 -1.13
CA SER B 111 1.04 30.26 -1.82
C SER B 111 0.79 29.08 -2.76
N ALA B 112 1.68 28.08 -2.71
CA ALA B 112 1.45 26.81 -3.39
C ALA B 112 0.41 26.02 -2.63
N TYR B 113 0.32 26.28 -1.33
CA TYR B 113 -0.60 25.55 -0.49
C TYR B 113 -1.89 26.34 -0.26
N SER B 114 -2.90 25.67 0.28
CA SER B 114 -4.13 26.38 0.66
C SER B 114 -5.04 25.64 1.66
N ASP B 115 -5.08 24.32 1.60
CA ASP B 115 -6.00 23.53 2.43
C ASP B 115 -5.70 23.60 3.92
N GLU B 116 -6.48 24.41 4.64
CA GLU B 116 -6.30 24.62 6.10
C GLU B 116 -6.29 23.32 6.91
N THR B 117 -6.93 22.30 6.36
CA THR B 117 -7.10 21.02 7.00
C THR B 117 -5.77 20.32 7.26
N SER B 118 -4.73 20.73 6.54
CA SER B 118 -3.45 20.02 6.57
C SER B 118 -2.36 20.74 7.37
N LEU B 119 -2.68 21.93 7.88
CA LEU B 119 -1.69 22.75 8.57
C LEU B 119 -1.06 21.96 9.72
N PRO B 120 0.27 22.05 9.89
CA PRO B 120 1.24 22.74 9.04
C PRO B 120 1.50 22.03 7.71
N TRP B 121 1.80 22.81 6.67
CA TRP B 121 2.07 22.24 5.37
C TRP B 121 3.52 21.83 5.21
N ASN B 122 3.73 20.58 4.83
CA ASN B 122 5.08 20.14 4.50
C ASN B 122 5.18 19.78 3.02
N GLU B 123 6.40 19.57 2.53
CA GLU B 123 6.65 19.44 1.10
C GLU B 123 5.90 18.29 0.42
N LYS B 124 5.42 17.35 1.23
CA LYS B 124 4.63 16.22 0.71
C LYS B 124 3.13 16.51 0.65
N GLU B 125 2.79 17.78 0.89
CA GLU B 125 1.42 18.26 0.83
C GLU B 125 1.02 18.45 -0.62
N LEU B 126 -0.16 17.96 -0.99
CA LEU B 126 -0.70 18.26 -2.31
C LEU B 126 -0.85 19.76 -2.47
N PRO B 127 -0.15 20.34 -3.46
CA PRO B 127 -0.31 21.77 -3.78
C PRO B 127 -1.75 22.06 -4.12
N LEU B 128 -2.19 23.28 -3.83
CA LEU B 128 -3.56 23.70 -4.10
C LEU B 128 -3.59 25.23 -4.21
N PRO B 129 -3.07 25.76 -5.32
CA PRO B 129 -2.95 27.21 -5.45
C PRO B 129 -4.31 27.90 -5.33
N ASP B 130 -4.32 29.08 -4.71
CA ASP B 130 -5.55 29.82 -4.48
C ASP B 130 -5.63 30.99 -5.45
N LEU B 131 -4.49 31.30 -6.07
CA LEU B 131 -4.36 32.39 -7.02
C LEU B 131 -3.57 31.95 -8.25
N TYR B 133 -1.38 33.52 -9.38
CA TYR B 133 -0.02 33.80 -8.97
C TYR B 133 0.67 32.51 -8.56
N GLY B 134 -0.02 31.71 -7.74
CA GLY B 134 0.51 30.48 -7.20
C GLY B 134 0.52 29.36 -8.21
N VAL B 135 -0.52 29.28 -9.02
CA VAL B 135 -0.58 28.29 -10.10
C VAL B 135 0.67 28.35 -10.95
N SER B 136 1.11 29.57 -11.25
CA SER B 136 2.21 29.78 -12.16
C SER B 136 3.54 29.56 -11.46
N LYS B 137 3.54 29.74 -10.15
CA LYS B 137 4.72 29.52 -9.35
C LYS B 137 4.96 28.02 -9.30
N LEU B 138 3.86 27.26 -9.24
CA LEU B 138 3.92 25.82 -9.24
C LEU B 138 4.43 25.36 -10.59
N ALA B 139 3.95 26.02 -11.64
CA ALA B 139 4.42 25.75 -12.98
C ALA B 139 5.95 25.94 -13.12
N CYS B 140 6.46 27.09 -12.68
CA CYS B 140 7.89 27.36 -12.72
C CYS B 140 8.70 26.39 -11.87
N GLU B 141 8.06 25.83 -10.83
CA GLU B 141 8.72 24.84 -10.00
C GLU B 141 8.99 23.58 -10.84
N HIS B 142 7.96 23.12 -11.55
CA HIS B 142 8.07 21.92 -12.34
C HIS B 142 8.96 22.11 -13.55
N ILE B 143 9.10 23.35 -14.00
CA ILE B 143 10.05 23.68 -15.07
C ILE B 143 11.45 23.42 -14.54
N GLY B 144 11.73 23.94 -13.35
CA GLY B 144 12.99 23.66 -12.68
C GLY B 144 13.23 22.18 -12.35
N ASN B 145 12.15 21.45 -12.09
CA ASN B 145 12.29 20.04 -11.77
C ASN B 145 12.66 19.23 -12.99
N ILE B 146 11.87 19.34 -14.04
CA ILE B 146 12.13 18.59 -15.27
C ILE B 146 13.56 18.78 -15.75
N TYR B 147 14.04 20.01 -15.70
CA TYR B 147 15.40 20.31 -16.08
C TYR B 147 16.38 19.64 -15.15
N SER B 148 15.98 19.50 -13.89
CA SER B 148 16.85 18.88 -12.89
C SER B 148 16.97 17.37 -13.07
N ARG B 149 15.87 16.71 -13.42
CA ARG B 149 15.86 15.26 -13.58
C ARG B 149 16.38 14.85 -14.93
N LYS B 150 16.34 15.75 -15.90
CA LYS B 150 16.71 15.41 -17.26
C LYS B 150 18.01 16.04 -17.80
N LYS B 151 18.22 17.34 -17.57
CA LYS B 151 19.43 18.03 -18.04
C LYS B 151 20.41 18.34 -16.92
N GLY B 152 20.32 17.56 -15.84
CA GLY B 152 21.28 17.63 -14.76
C GLY B 152 21.57 19.01 -14.21
N LEU B 153 20.55 19.88 -14.20
CA LEU B 153 20.63 21.09 -13.42
C LEU B 153 20.36 20.72 -11.98
N CYS B 154 20.70 21.60 -11.06
CA CYS B 154 20.47 21.34 -9.63
C CYS B 154 19.67 22.46 -9.06
N ILE B 155 18.41 22.53 -9.50
CA ILE B 155 17.54 23.62 -9.16
C ILE B 155 16.85 23.34 -7.85
N LYS B 156 17.01 24.26 -6.91
CA LYS B 156 16.37 24.18 -5.60
C LYS B 156 15.27 25.22 -5.48
N ASN B 157 14.02 24.78 -5.60
CA ASN B 157 12.88 25.68 -5.43
C ASN B 157 12.62 26.00 -3.95
N LEU B 158 12.88 27.24 -3.55
CA LEU B 158 12.59 27.66 -2.19
C LEU B 158 11.15 28.16 -2.10
N ARG B 159 10.39 27.63 -1.14
CA ARG B 159 9.01 28.06 -0.96
C ARG B 159 8.89 29.00 0.23
N PHE B 160 9.12 30.29 -0.03
CA PHE B 160 9.13 31.29 1.03
C PHE B 160 7.78 31.53 1.67
N ALA B 161 7.80 31.98 2.93
CA ALA B 161 6.60 32.46 3.59
C ALA B 161 6.46 33.94 3.24
N HIS B 162 5.51 34.64 3.87
CA HIS B 162 5.23 36.03 3.54
C HIS B 162 6.32 36.95 4.06
N LEU B 163 6.85 37.81 3.19
CA LEU B 163 8.04 38.61 3.53
C LEU B 163 7.77 40.07 3.94
N TYR B 164 8.37 40.47 5.04
CA TYR B 164 8.33 41.84 5.51
C TYR B 164 9.77 42.27 5.68
N GLY B 165 10.00 43.57 5.81
CA GLY B 165 11.34 44.07 6.00
C GLY B 165 11.42 45.57 6.12
N PHE B 166 12.37 46.15 5.42
CA PHE B 166 12.75 47.54 5.60
C PHE B 166 12.66 48.31 4.27
N ASN B 167 11.65 49.17 4.14
CA ASN B 167 11.46 49.99 2.94
C ASN B 167 10.69 49.33 1.80
N GLU B 168 9.37 49.36 1.88
CA GLU B 168 8.53 48.57 0.99
C GLU B 168 7.50 49.39 0.18
N ASN B 171 2.81 49.64 0.49
CA ASN B 171 1.77 50.03 1.45
C ASN B 171 0.87 48.88 1.93
N TYR B 172 1.39 47.66 1.90
CA TYR B 172 0.64 46.51 2.42
C TYR B 172 0.40 46.71 3.90
N ILE B 174 1.39 45.03 6.80
CA ILE B 174 2.60 45.02 7.62
C ILE B 174 3.41 46.29 7.47
N ASN B 175 3.51 46.80 6.26
CA ASN B 175 4.24 48.03 5.98
C ASN B 175 3.51 49.28 6.45
N ARG B 176 2.19 49.28 6.30
CA ARG B 176 1.35 50.35 6.83
C ARG B 176 1.71 50.61 8.30
N PHE B 177 1.51 49.61 9.17
CA PHE B 177 2.02 49.75 10.53
C PHE B 177 3.54 49.90 10.46
N ALA B 195 -6.66 33.65 13.26
CA ALA B 195 -6.17 33.29 11.92
C ALA B 195 -4.69 33.64 11.74
N LYS B 196 -3.84 32.63 11.85
CA LYS B 196 -2.39 32.83 11.89
C LYS B 196 -1.76 32.75 10.49
N ARG B 197 -0.66 33.47 10.31
CA ARG B 197 0.03 33.48 9.03
C ARG B 197 1.53 33.63 9.25
N GLU B 198 2.29 32.69 8.69
CA GLU B 198 3.74 32.64 8.85
C GLU B 198 4.44 33.77 8.09
N PHE B 199 5.15 34.60 8.85
CA PHE B 199 5.87 35.74 8.29
C PHE B 199 7.38 35.55 8.36
N LEU B 200 8.04 35.75 7.22
CA LEU B 200 9.49 35.56 7.13
C LEU B 200 10.23 36.87 6.87
N TYR B 201 11.17 37.18 7.73
CA TYR B 201 12.02 38.37 7.58
C TYR B 201 12.92 38.23 6.34
N ALA B 202 12.88 39.23 5.47
CA ALA B 202 13.66 39.20 4.23
C ALA B 202 15.12 38.86 4.47
N LYS B 203 15.66 39.34 5.58
CA LYS B 203 17.05 39.07 5.91
C LYS B 203 17.22 37.57 6.13
N ASP B 204 16.21 36.92 6.70
CA ASP B 204 16.23 35.46 6.89
C ASP B 204 16.02 34.71 5.57
N ALA B 205 15.10 35.21 4.76
CA ALA B 205 14.87 34.68 3.43
C ALA B 205 16.19 34.66 2.69
N ALA B 206 16.86 35.80 2.68
CA ALA B 206 18.16 35.94 2.03
C ALA B 206 19.11 34.85 2.53
N LYS B 207 19.34 34.84 3.84
CA LYS B 207 20.18 33.83 4.47
C LYS B 207 19.89 32.46 3.89
N SER B 208 18.61 32.17 3.67
CA SER B 208 18.20 30.85 3.19
C SER B 208 18.64 30.62 1.73
N VAL B 209 18.72 31.70 0.94
CA VAL B 209 19.26 31.60 -0.41
C VAL B 209 20.75 31.21 -0.39
N ILE B 210 21.51 31.83 0.51
CA ILE B 210 22.93 31.52 0.69
C ILE B 210 23.15 30.06 1.10
N TYR B 211 22.35 29.60 2.07
CA TYR B 211 22.43 28.22 2.54
C TYR B 211 22.01 27.21 1.50
N ALA B 212 20.98 27.54 0.74
CA ALA B 212 20.57 26.67 -0.35
C ALA B 212 21.73 26.54 -1.33
N LEU B 213 22.35 27.69 -1.64
CA LEU B 213 23.46 27.76 -2.61
C LEU B 213 24.69 26.93 -2.24
N LYS B 214 24.99 26.86 -0.94
CA LYS B 214 26.09 26.04 -0.45
C LYS B 214 25.91 24.55 -0.78
N GLN B 215 24.66 24.14 -1.02
CA GLN B 215 24.37 22.76 -1.37
C GLN B 215 24.24 22.60 -2.87
N GLU B 216 25.28 23.00 -3.59
CA GLU B 216 25.28 23.11 -5.04
C GLU B 216 24.99 21.83 -5.81
N LYS B 217 24.80 20.73 -5.09
CA LYS B 217 24.58 19.45 -5.73
C LYS B 217 23.13 19.03 -5.55
N VAL B 218 22.53 19.52 -4.48
CA VAL B 218 21.15 19.20 -4.12
C VAL B 218 20.11 19.83 -5.06
N SER B 219 19.00 19.13 -5.27
CA SER B 219 17.85 19.69 -5.99
C SER B 219 16.53 19.25 -5.35
N GLY B 220 15.49 20.06 -5.54
CA GLY B 220 14.19 19.77 -4.98
C GLY B 220 13.51 20.98 -4.38
N THR B 221 12.36 20.76 -3.74
CA THR B 221 11.56 21.85 -3.21
C THR B 221 11.64 21.95 -1.68
N PHE B 222 11.96 23.13 -1.17
CA PHE B 222 12.10 23.34 0.27
C PHE B 222 11.21 24.45 0.83
N ASN B 223 10.52 24.16 1.93
CA ASN B 223 9.75 25.18 2.63
C ASN B 223 10.69 26.08 3.43
N ILE B 224 10.65 27.38 3.16
CA ILE B 224 11.47 28.30 3.92
C ILE B 224 10.57 29.21 4.76
N GLY B 225 10.40 28.85 6.02
CA GLY B 225 9.58 29.62 6.93
C GLY B 225 10.36 29.97 8.18
N SER B 226 9.70 30.61 9.13
CA SER B 226 10.37 31.09 10.32
C SER B 226 9.88 30.39 11.59
N GLY B 227 8.70 29.81 11.49
CA GLY B 227 8.01 29.27 12.67
C GLY B 227 7.09 30.32 13.26
N ASP B 228 7.19 31.53 12.72
CA ASP B 228 6.40 32.67 13.21
C ASP B 228 5.03 32.76 12.56
N ALA B 229 4.06 32.03 13.11
CA ALA B 229 2.68 32.09 12.66
C ALA B 229 1.89 33.08 13.52
N LEU B 230 1.70 34.30 13.01
CA LEU B 230 1.06 35.36 13.80
C LEU B 230 -0.27 35.79 13.21
N THR B 231 -1.27 35.88 14.08
CA THR B 231 -2.53 36.52 13.73
C THR B 231 -2.28 38.02 13.63
N ASN B 232 -3.08 38.70 12.83
CA ASN B 232 -2.86 40.14 12.62
C ASN B 232 -2.86 40.93 13.94
N TYR B 233 -3.55 40.40 14.94
CA TYR B 233 -3.58 41.01 16.26
C TYR B 233 -2.17 41.09 16.81
N GLU B 234 -1.52 39.93 16.88
CA GLU B 234 -0.16 39.85 17.41
C GLU B 234 0.80 40.69 16.59
N VAL B 235 0.61 40.69 15.27
CA VAL B 235 1.48 41.45 14.40
C VAL B 235 1.48 42.94 14.80
N ALA B 236 0.29 43.52 14.88
CA ALA B 236 0.16 44.92 15.32
C ALA B 236 0.85 45.13 16.67
N ASN B 237 0.47 44.33 17.67
CA ASN B 237 1.04 44.46 19.02
C ASN B 237 2.56 44.52 19.02
N THR B 238 3.19 43.50 18.42
CA THR B 238 4.63 43.39 18.45
C THR B 238 5.31 44.64 17.92
N ILE B 239 4.68 45.25 16.90
CA ILE B 239 5.20 46.47 16.31
C ILE B 239 5.05 47.67 17.26
N ASN B 240 3.84 47.87 17.77
CA ASN B 240 3.59 48.93 18.75
C ASN B 240 4.67 48.96 19.83
N ASN B 241 4.95 47.81 20.43
CA ASN B 241 5.89 47.70 21.54
C ASN B 241 7.31 48.08 21.16
N ALA B 242 7.81 47.49 20.08
CA ALA B 242 9.19 47.71 19.66
C ALA B 242 9.38 49.11 19.08
N PHE B 243 8.28 49.82 18.85
CA PHE B 243 8.35 51.15 18.26
C PHE B 243 7.98 52.26 19.26
N GLY B 244 7.05 51.96 20.16
CA GLY B 244 6.55 52.93 21.11
C GLY B 244 5.05 53.11 20.95
N ASN B 245 4.61 53.29 19.70
CA ASN B 245 3.20 53.51 19.39
C ASN B 245 2.31 52.49 20.09
N ILE B 260 -9.59 36.41 5.45
CA ILE B 260 -8.21 35.95 5.68
C ILE B 260 -8.16 34.48 6.12
N HIS B 261 -7.23 33.74 5.54
CA HIS B 261 -7.07 32.32 5.82
C HIS B 261 -5.74 31.99 6.47
N SER B 262 -5.71 30.91 7.24
CA SER B 262 -4.50 30.49 7.94
C SER B 262 -3.46 29.84 7.00
N SER B 263 -2.20 30.23 7.18
CA SER B 263 -1.09 29.68 6.39
C SER B 263 0.23 29.73 7.16
N TYR B 264 0.83 28.56 7.33
CA TYR B 264 2.14 28.43 7.94
C TYR B 264 2.65 27.06 7.52
N ASP B 266 5.65 23.65 7.85
CA ASP B 266 6.68 22.86 8.48
C ASP B 266 7.94 22.97 7.63
N SER B 267 9.04 23.37 8.25
CA SER B 267 10.29 23.58 7.52
C SER B 267 11.39 22.65 7.99
N SER B 268 10.98 21.47 8.45
CA SER B 268 11.92 20.45 8.88
C SER B 268 12.90 20.12 7.75
N LYS B 269 12.40 20.04 6.52
CA LYS B 269 13.23 19.58 5.43
C LYS B 269 14.46 20.45 5.19
N ALA B 270 14.31 21.75 5.35
CA ALA B 270 15.41 22.69 5.10
C ALA B 270 16.41 22.69 6.24
N LYS B 271 15.88 22.71 7.47
CA LYS B 271 16.68 22.70 8.69
C LYS B 271 17.48 21.41 8.74
N GLU B 272 17.20 20.53 7.79
CA GLU B 272 17.71 19.19 7.86
C GLU B 272 18.59 18.84 6.68
N LEU B 273 18.31 19.42 5.51
CA LEU B 273 19.07 19.09 4.30
C LEU B 273 19.86 20.29 3.73
N LEU B 274 19.71 21.44 4.40
CA LEU B 274 20.28 22.71 3.96
C LEU B 274 20.93 23.42 5.16
N ASP B 275 20.60 22.92 6.35
CA ASP B 275 21.00 23.49 7.63
C ASP B 275 20.40 24.87 7.88
N PHE B 276 19.21 25.11 7.35
CA PHE B 276 18.61 26.43 7.52
C PHE B 276 17.66 26.59 8.71
N SER B 277 17.82 27.69 9.40
CA SER B 277 16.87 28.12 10.41
C SER B 277 17.06 29.62 10.62
N THR B 278 15.97 30.33 10.91
CA THR B 278 16.01 31.78 10.95
C THR B 278 16.68 32.33 12.20
N ASP B 279 17.42 33.43 12.02
CA ASP B 279 18.08 34.14 13.11
C ASP B 279 17.10 34.95 13.95
N TYR B 280 16.15 35.57 13.29
CA TYR B 280 15.22 36.45 13.98
C TYR B 280 13.89 35.74 14.18
N ASN B 281 13.12 36.24 15.15
CA ASN B 281 11.69 35.92 15.22
C ASN B 281 10.99 37.24 14.94
N PHE B 282 9.67 37.24 14.82
CA PHE B 282 9.01 38.48 14.44
C PHE B 282 9.38 39.62 15.38
N ALA B 283 9.58 39.30 16.66
CA ALA B 283 9.88 40.31 17.68
C ALA B 283 11.26 40.92 17.50
N THR B 284 12.25 40.07 17.24
CA THR B 284 13.64 40.50 17.08
C THR B 284 13.89 41.29 15.78
N ALA B 285 13.18 40.94 14.71
CA ALA B 285 13.35 41.57 13.40
C ALA B 285 12.71 42.96 13.33
N VAL B 286 11.55 43.10 13.98
CA VAL B 286 10.93 44.40 14.14
C VAL B 286 11.87 45.36 14.86
N GLU B 287 12.37 44.94 16.03
CA GLU B 287 13.33 45.74 16.79
C GLU B 287 14.37 46.35 15.87
N GLU B 288 14.84 45.55 14.92
CA GLU B 288 15.90 45.97 14.01
C GLU B 288 15.39 46.93 12.94
N ILE B 289 14.20 46.67 12.42
CA ILE B 289 13.63 47.52 11.39
C ILE B 289 13.40 48.93 11.96
N HIS B 290 12.90 48.99 13.19
CA HIS B 290 12.76 50.23 13.93
C HIS B 290 14.04 51.07 13.85
N LEU B 291 15.12 50.54 14.43
CA LEU B 291 16.41 51.20 14.39
C LEU B 291 16.78 51.71 13.00
N LEU B 292 16.57 50.87 11.99
CA LEU B 292 16.95 51.22 10.63
C LEU B 292 16.08 52.35 10.08
N ARG B 294 15.22 54.99 11.90
CA ARG B 294 15.63 56.20 12.59
C ARG B 294 16.81 56.87 11.89
N GLY B 295 17.01 56.53 10.62
CA GLY B 295 18.07 57.13 9.83
C GLY B 295 17.56 57.66 8.50
N SER C 2 -37.21 24.02 -3.90
CA SER C 2 -37.54 23.81 -2.49
C SER C 2 -37.96 22.37 -2.20
N LEU C 3 -37.06 21.62 -1.53
CA LEU C 3 -37.24 20.19 -1.34
C LEU C 3 -37.76 19.80 0.06
N LYS C 4 -38.57 18.75 0.10
CA LYS C 4 -39.02 18.15 1.36
C LYS C 4 -38.04 17.09 1.86
N ILE C 5 -37.27 17.44 2.89
CA ILE C 5 -36.22 16.55 3.39
C ILE C 5 -36.60 15.83 4.70
N ALA C 6 -36.94 14.55 4.60
CA ALA C 6 -37.34 13.78 5.77
C ALA C 6 -36.16 13.44 6.68
N VAL C 7 -36.36 13.58 7.99
CA VAL C 7 -35.31 13.30 8.96
C VAL C 7 -35.80 12.31 10.01
N THR C 8 -35.33 11.07 9.96
CA THR C 8 -35.59 10.12 11.05
C THR C 8 -34.79 10.59 12.25
N GLY C 9 -35.18 10.17 13.43
CA GLY C 9 -34.50 10.64 14.64
C GLY C 9 -34.33 12.14 14.75
N GLY C 10 -35.24 12.88 14.11
CA GLY C 10 -35.14 14.33 14.01
C GLY C 10 -35.51 15.09 15.26
N THR C 11 -35.69 14.39 16.37
CA THR C 11 -36.03 15.05 17.63
C THR C 11 -34.87 14.95 18.60
N GLY C 12 -33.85 14.20 18.21
CA GLY C 12 -32.72 13.96 19.07
C GLY C 12 -31.76 15.13 19.09
N PHE C 13 -30.65 14.95 19.80
CA PHE C 13 -29.60 15.95 19.94
C PHE C 13 -29.08 16.42 18.57
N LEU C 14 -28.66 15.46 17.74
CA LEU C 14 -28.26 15.77 16.36
C LEU C 14 -29.49 16.17 15.52
N GLY C 15 -30.58 15.41 15.66
CA GLY C 15 -31.79 15.64 14.88
C GLY C 15 -32.24 17.09 14.84
N GLN C 16 -32.17 17.75 15.99
CA GLN C 16 -32.62 19.13 16.11
C GLN C 16 -31.66 20.07 15.40
N TYR C 17 -30.37 19.82 15.57
CA TYR C 17 -29.36 20.56 14.82
C TYR C 17 -29.55 20.38 13.30
N VAL C 18 -29.91 19.17 12.87
CA VAL C 18 -30.00 18.90 11.44
C VAL C 18 -31.28 19.49 10.84
N VAL C 19 -32.40 19.36 11.54
CA VAL C 19 -33.63 20.01 11.11
C VAL C 19 -33.41 21.51 10.98
N GLU C 20 -32.78 22.13 11.98
CA GLU C 20 -32.48 23.56 11.94
C GLU C 20 -31.71 23.94 10.67
N SER C 21 -30.61 23.25 10.41
CA SER C 21 -29.78 23.50 9.22
C SER C 21 -30.53 23.36 7.89
N ILE C 22 -31.37 22.35 7.78
CA ILE C 22 -32.14 22.11 6.57
C ILE C 22 -33.10 23.25 6.31
N LYS C 23 -33.53 23.89 7.38
CA LYS C 23 -34.53 24.95 7.29
C LYS C 23 -33.86 26.27 6.95
N ASN C 24 -32.75 26.55 7.62
CA ASN C 24 -31.99 27.76 7.33
C ASN C 24 -31.46 27.73 5.91
N ASP C 25 -31.66 26.59 5.24
CA ASP C 25 -31.08 26.35 3.93
C ASP C 25 -32.15 26.49 2.85
N GLY C 26 -33.35 26.90 3.29
CA GLY C 26 -34.44 27.17 2.37
C GLY C 26 -35.27 25.95 2.02
N ASN C 27 -35.01 24.84 2.72
CA ASN C 27 -35.75 23.61 2.49
C ASN C 27 -36.70 23.24 3.63
N THR C 28 -37.66 22.37 3.33
CA THR C 28 -38.66 21.98 4.32
C THR C 28 -38.33 20.66 5.02
N PRO C 29 -37.84 20.74 6.26
CA PRO C 29 -37.63 19.52 7.07
C PRO C 29 -38.95 18.88 7.44
N ILE C 30 -39.03 17.56 7.30
CA ILE C 30 -40.16 16.80 7.80
C ILE C 30 -39.65 15.81 8.85
N ILE C 31 -40.10 15.96 10.10
CA ILE C 31 -39.57 15.18 11.21
C ILE C 31 -40.27 13.84 11.43
N LEU C 32 -39.60 12.73 11.12
CA LEU C 32 -40.15 11.41 11.39
C LEU C 32 -39.89 10.99 12.84
N THR C 33 -40.94 10.55 13.51
CA THR C 33 -40.81 10.16 14.90
C THR C 33 -41.90 9.15 15.26
N ARG C 34 -41.63 8.34 16.28
CA ARG C 34 -42.58 7.31 16.65
C ARG C 34 -43.76 7.97 17.33
N SER C 35 -43.47 9.05 18.06
CA SER C 35 -44.50 9.82 18.76
C SER C 35 -44.09 11.24 19.13
N ILE C 36 -45.10 12.08 19.32
CA ILE C 36 -44.91 13.44 19.82
C ILE C 36 -46.13 13.91 20.61
N GLY C 37 -45.86 14.65 21.68
CA GLY C 37 -46.93 15.28 22.44
C GLY C 37 -46.73 16.80 22.52
N ASN C 38 -46.41 17.28 23.71
CA ASN C 38 -46.19 18.70 23.92
C ASN C 38 -44.70 19.07 23.91
N ASP C 43 -44.74 24.99 13.97
CA ASP C 43 -43.75 25.45 13.00
C ASP C 43 -43.20 24.33 12.09
N TYR C 44 -42.29 23.50 12.65
CA TYR C 44 -41.77 22.32 11.95
C TYR C 44 -42.89 21.34 11.63
N GLU C 45 -42.77 20.59 10.53
CA GLU C 45 -43.75 19.54 10.26
C GLU C 45 -43.32 18.17 10.84
N TYR C 46 -44.21 17.57 11.64
CA TYR C 46 -43.95 16.28 12.28
C TYR C 46 -44.78 15.19 11.60
N ARG C 47 -44.15 14.06 11.29
CA ARG C 47 -44.89 12.92 10.78
C ARG C 47 -44.67 11.73 11.68
N VAL C 48 -45.77 11.19 12.17
CA VAL C 48 -45.72 10.05 13.05
C VAL C 48 -45.64 8.76 12.27
N SER C 49 -44.76 7.87 12.73
CA SER C 49 -44.53 6.61 12.05
C SER C 49 -44.30 5.48 13.06
N ASP C 50 -44.76 4.27 12.72
CA ASP C 50 -44.39 3.09 13.50
C ASP C 50 -43.20 2.40 12.84
N TYR C 51 -42.65 3.03 11.80
CA TYR C 51 -41.40 2.61 11.18
C TYR C 51 -41.50 1.25 10.49
N THR C 52 -42.72 0.89 10.11
CA THR C 52 -42.94 -0.30 9.30
C THR C 52 -42.84 0.08 7.83
N LEU C 53 -42.61 -0.90 6.97
CA LEU C 53 -42.53 -0.60 5.55
C LEU C 53 -43.85 -0.02 5.03
N GLU C 54 -44.97 -0.57 5.50
CA GLU C 54 -46.30 -0.11 5.08
C GLU C 54 -46.51 1.34 5.45
N ASP C 55 -46.17 1.69 6.69
CA ASP C 55 -46.33 3.06 7.15
C ASP C 55 -45.33 3.97 6.45
N LEU C 56 -44.07 3.54 6.40
CA LEU C 56 -43.04 4.35 5.75
C LEU C 56 -43.31 4.58 4.25
N ILE C 57 -43.90 3.59 3.58
CA ILE C 57 -44.26 3.78 2.18
C ILE C 57 -45.23 4.95 2.02
N ASN C 58 -45.97 5.27 3.07
CA ASN C 58 -46.89 6.41 3.00
C ASN C 58 -46.25 7.69 3.50
N GLN C 59 -45.59 7.60 4.64
CA GLN C 59 -45.05 8.81 5.27
C GLN C 59 -43.98 9.49 4.41
N LEU C 60 -43.66 8.90 3.26
CA LEU C 60 -42.62 9.45 2.38
C LEU C 60 -43.06 9.57 0.92
N ASN C 61 -44.37 9.67 0.68
CA ASN C 61 -44.87 9.65 -0.69
C ASN C 61 -44.62 10.96 -1.45
N ASP C 62 -44.14 11.97 -0.72
CA ASP C 62 -43.94 13.30 -1.29
C ASP C 62 -42.58 13.89 -0.92
N VAL C 63 -41.71 13.06 -0.36
CA VAL C 63 -40.42 13.52 0.11
C VAL C 63 -39.42 13.45 -1.02
N ASP C 64 -38.41 14.32 -0.96
CA ASP C 64 -37.40 14.42 -2.01
C ASP C 64 -36.06 13.86 -1.54
N ALA C 65 -35.78 13.99 -0.25
CA ALA C 65 -34.60 13.34 0.30
C ALA C 65 -34.84 12.84 1.73
N VAL C 66 -34.02 11.88 2.17
CA VAL C 66 -34.09 11.40 3.53
C VAL C 66 -32.74 11.58 4.24
N VAL C 67 -32.78 11.99 5.49
CA VAL C 67 -31.63 11.91 6.37
C VAL C 67 -32.01 10.94 7.46
N HIS C 68 -31.17 9.92 7.67
CA HIS C 68 -31.46 8.85 8.61
C HIS C 68 -30.55 8.93 9.84
N LEU C 69 -31.06 9.52 10.93
CA LEU C 69 -30.28 9.73 12.16
C LEU C 69 -30.77 8.86 13.32
N ALA C 70 -32.01 8.39 13.23
CA ALA C 70 -32.61 7.56 14.27
C ALA C 70 -31.73 6.36 14.64
N ALA C 71 -30.97 6.51 15.70
CA ALA C 71 -30.18 5.41 16.22
C ALA C 71 -30.47 5.26 17.71
N THR C 72 -29.94 4.18 18.30
CA THR C 72 -29.88 4.02 19.74
C THR C 72 -28.43 3.83 20.10
N ARG C 73 -28.07 4.16 21.34
CA ARG C 73 -26.68 4.10 21.76
C ARG C 73 -26.41 2.82 22.54
N GLY C 74 -27.48 2.23 23.06
CA GLY C 74 -27.41 0.97 23.80
C GLY C 74 -26.82 1.13 25.18
N SER C 75 -27.33 0.38 26.15
CA SER C 75 -26.86 0.53 27.52
C SER C 75 -26.19 -0.71 28.07
N GLN C 76 -26.38 -1.86 27.40
CA GLN C 76 -25.97 -3.15 27.94
C GLN C 76 -24.70 -3.74 27.31
N GLY C 77 -24.46 -3.45 26.03
CA GLY C 77 -23.35 -4.07 25.32
C GLY C 77 -23.79 -5.31 24.54
N LYS C 78 -25.09 -5.46 24.36
CA LYS C 78 -25.63 -6.60 23.61
C LYS C 78 -26.08 -6.17 22.22
N ILE C 79 -25.62 -6.87 21.19
CA ILE C 79 -25.91 -6.50 19.81
C ILE C 79 -27.41 -6.55 19.55
N SER C 80 -28.17 -7.07 20.52
CA SER C 80 -29.61 -7.18 20.36
C SER C 80 -30.32 -5.88 20.66
N GLU C 81 -29.63 -4.96 21.33
CA GLU C 81 -30.16 -3.65 21.61
C GLU C 81 -30.22 -2.84 20.34
N PHE C 82 -29.53 -3.32 19.31
CA PHE C 82 -29.40 -2.60 18.05
C PHE C 82 -30.13 -3.26 16.88
N HIS C 83 -30.75 -4.41 17.13
CA HIS C 83 -31.42 -5.13 16.07
C HIS C 83 -32.64 -4.40 15.54
N ASP C 84 -33.15 -3.43 16.31
CA ASP C 84 -34.33 -2.68 15.90
C ASP C 84 -34.03 -1.55 14.93
N ASN C 85 -32.92 -0.83 15.16
CA ASN C 85 -32.39 0.14 14.18
C ASN C 85 -32.19 -0.51 12.83
N GLU C 86 -31.65 -1.72 12.85
CA GLU C 86 -31.30 -2.41 11.63
C GLU C 86 -32.52 -2.77 10.78
N ILE C 87 -33.62 -3.13 11.42
CA ILE C 87 -34.86 -3.37 10.68
C ILE C 87 -35.38 -2.04 10.17
N LEU C 88 -35.38 -1.04 11.06
CA LEU C 88 -35.81 0.31 10.75
C LEU C 88 -35.12 0.82 9.49
N THR C 89 -33.81 0.63 9.44
CA THR C 89 -32.99 1.05 8.30
C THR C 89 -33.36 0.37 6.99
N GLN C 90 -33.39 -0.97 6.97
CA GLN C 90 -33.79 -1.67 5.76
C GLN C 90 -35.22 -1.37 5.34
N ASN C 91 -36.10 -1.25 6.32
CA ASN C 91 -37.47 -0.81 6.06
C ASN C 91 -37.50 0.52 5.33
N LEU C 92 -36.78 1.49 5.90
CA LEU C 92 -36.67 2.83 5.36
C LEU C 92 -36.16 2.83 3.92
N TYR C 93 -35.08 2.10 3.66
CA TYR C 93 -34.55 2.04 2.30
C TYR C 93 -35.56 1.39 1.34
N ASP C 94 -36.25 0.37 1.81
CA ASP C 94 -37.33 -0.23 1.03
C ASP C 94 -38.36 0.82 0.68
N ALA C 95 -38.81 1.55 1.70
CA ALA C 95 -39.78 2.61 1.53
C ALA C 95 -39.28 3.62 0.50
N CYS C 96 -37.98 3.89 0.54
CA CYS C 96 -37.39 4.85 -0.39
C CYS C 96 -37.41 4.33 -1.82
N TYR C 97 -37.01 3.08 -2.01
CA TYR C 97 -37.09 2.47 -3.32
C TYR C 97 -38.53 2.48 -3.89
N GLU C 98 -39.54 2.56 -3.03
CA GLU C 98 -40.92 2.59 -3.50
C GLU C 98 -41.37 3.99 -3.94
N ASN C 99 -40.80 5.02 -3.31
CA ASN C 99 -41.21 6.39 -3.58
C ASN C 99 -40.25 7.10 -4.53
N ASN C 100 -39.25 6.36 -5.01
CA ASN C 100 -38.26 6.91 -5.92
C ASN C 100 -37.35 7.93 -5.24
N ILE C 101 -37.24 7.83 -3.93
CA ILE C 101 -36.26 8.60 -3.20
C ILE C 101 -34.92 7.91 -3.34
N SER C 102 -33.89 8.64 -3.71
CA SER C 102 -32.56 8.06 -3.84
C SER C 102 -31.50 8.84 -3.08
N ASN C 103 -31.77 10.10 -2.81
CA ASN C 103 -30.83 10.91 -2.07
C ASN C 103 -30.97 10.67 -0.59
N ILE C 104 -30.13 9.80 -0.03
CA ILE C 104 -30.18 9.52 1.39
C ILE C 104 -28.82 9.71 2.07
N VAL C 105 -28.85 10.22 3.30
CA VAL C 105 -27.64 10.31 4.12
C VAL C 105 -27.86 9.42 5.35
N TYR C 106 -26.90 8.55 5.65
CA TYR C 106 -26.94 7.77 6.89
C TYR C 106 -25.87 8.23 7.88
N ALA C 107 -26.26 8.39 9.13
CA ALA C 107 -25.31 8.82 10.15
C ALA C 107 -24.59 7.62 10.77
N SER C 108 -23.32 7.44 10.38
CA SER C 108 -22.48 6.40 10.98
C SER C 108 -21.55 7.00 12.04
N THR C 109 -20.36 6.44 12.22
CA THR C 109 -19.52 6.86 13.34
C THR C 109 -18.03 6.57 13.13
N ILE C 110 -17.18 7.27 13.87
CA ILE C 110 -15.75 6.99 13.88
C ILE C 110 -15.52 5.65 14.58
N SER C 111 -16.55 5.21 15.30
CA SER C 111 -16.50 3.95 16.02
C SER C 111 -16.43 2.75 15.05
N ALA C 112 -16.44 3.03 13.75
CA ALA C 112 -16.19 1.99 12.76
C ALA C 112 -14.76 1.49 12.87
N TYR C 113 -13.89 2.30 13.48
CA TYR C 113 -12.47 1.98 13.57
C TYR C 113 -12.03 1.87 15.04
N SER C 114 -10.88 1.25 15.27
CA SER C 114 -10.31 1.23 16.61
C SER C 114 -8.78 1.12 16.62
N ASP C 115 -8.23 0.45 15.60
CA ASP C 115 -6.79 0.19 15.51
C ASP C 115 -5.89 1.45 15.68
N GLU C 116 -5.36 1.65 16.89
CA GLU C 116 -4.50 2.82 17.18
C GLU C 116 -3.29 2.93 16.25
N THR C 117 -2.89 1.81 15.68
CA THR C 117 -1.72 1.78 14.82
C THR C 117 -1.91 2.50 13.47
N SER C 118 -3.15 2.59 12.98
CA SER C 118 -3.40 3.14 11.66
C SER C 118 -3.75 4.64 11.60
N LEU C 119 -3.69 5.32 12.75
CA LEU C 119 -4.07 6.73 12.80
C LEU C 119 -3.23 7.61 11.89
N PRO C 120 -3.88 8.54 11.17
CA PRO C 120 -5.33 8.73 11.21
C PRO C 120 -6.02 7.72 10.30
N TRP C 121 -7.33 7.56 10.47
CA TRP C 121 -8.05 6.55 9.72
C TRP C 121 -8.69 7.15 8.48
N ASN C 122 -8.43 6.55 7.33
CA ASN C 122 -9.17 6.90 6.11
C ASN C 122 -10.21 5.85 5.75
N GLU C 123 -11.04 6.18 4.76
CA GLU C 123 -12.17 5.34 4.41
C GLU C 123 -11.68 4.02 3.84
N LYS C 124 -10.37 3.87 3.78
CA LYS C 124 -9.81 2.63 3.29
C LYS C 124 -9.40 1.71 4.43
N GLU C 125 -9.30 2.27 5.64
CA GLU C 125 -8.97 1.49 6.83
C GLU C 125 -9.95 0.35 7.03
N LEU C 126 -9.41 -0.84 7.26
CA LEU C 126 -10.22 -2.01 7.58
C LEU C 126 -10.97 -1.78 8.89
N PRO C 127 -12.32 -1.75 8.84
CA PRO C 127 -13.13 -1.56 10.04
C PRO C 127 -12.85 -2.58 11.14
N LEU C 128 -12.83 -2.11 12.37
CA LEU C 128 -12.58 -2.95 13.52
C LEU C 128 -13.20 -2.36 14.78
N PRO C 129 -14.55 -2.46 14.90
CA PRO C 129 -15.34 -1.95 16.02
C PRO C 129 -14.88 -2.47 17.39
N ASP C 130 -14.85 -1.58 18.36
CA ASP C 130 -14.67 -1.97 19.76
C ASP C 130 -16.02 -2.23 20.41
N LEU C 131 -17.06 -1.60 19.88
CA LEU C 131 -18.36 -1.62 20.52
C LEU C 131 -19.42 -2.29 19.68
N TYR C 133 -22.17 -1.22 19.35
CA TYR C 133 -22.71 -0.06 18.66
C TYR C 133 -22.07 0.09 17.29
N GLY C 134 -20.75 -0.04 17.24
CA GLY C 134 -20.01 0.04 16.00
C GLY C 134 -20.38 -1.08 15.07
N VAL C 135 -20.50 -2.28 15.61
CA VAL C 135 -20.89 -3.41 14.80
C VAL C 135 -22.19 -3.05 14.09
N SER C 136 -23.17 -2.58 14.86
CA SER C 136 -24.47 -2.28 14.31
C SER C 136 -24.42 -1.24 13.21
N LYS C 137 -23.64 -0.19 13.43
CA LYS C 137 -23.50 0.89 12.44
C LYS C 137 -22.93 0.36 11.12
N LEU C 138 -21.90 -0.47 11.22
CA LEU C 138 -21.31 -1.08 10.05
C LEU C 138 -22.37 -1.83 9.26
N ALA C 139 -23.18 -2.60 9.97
CA ALA C 139 -24.24 -3.40 9.36
C ALA C 139 -25.14 -2.54 8.52
N CYS C 140 -25.55 -1.39 9.08
CA CYS C 140 -26.43 -0.45 8.38
C CYS C 140 -25.76 0.17 7.18
N GLU C 141 -24.52 0.64 7.38
CA GLU C 141 -23.71 1.16 6.29
C GLU C 141 -23.82 0.21 5.10
N HIS C 142 -23.60 -1.08 5.37
CA HIS C 142 -23.59 -2.09 4.31
C HIS C 142 -24.98 -2.40 3.73
N ILE C 143 -26.02 -2.29 4.56
CA ILE C 143 -27.37 -2.38 4.04
C ILE C 143 -27.52 -1.33 2.94
N GLY C 144 -27.22 -0.08 3.29
CA GLY C 144 -27.26 1.01 2.33
C GLY C 144 -26.34 0.84 1.13
N ASN C 145 -25.12 0.39 1.37
CA ASN C 145 -24.20 0.06 0.29
C ASN C 145 -24.82 -0.94 -0.69
N ILE C 146 -25.54 -1.94 -0.17
CA ILE C 146 -26.21 -2.91 -1.04
C ILE C 146 -27.34 -2.27 -1.82
N TYR C 147 -28.19 -1.53 -1.14
CA TYR C 147 -29.26 -0.80 -1.80
C TYR C 147 -28.71 0.17 -2.83
N SER C 148 -27.61 0.82 -2.50
CA SER C 148 -27.02 1.74 -3.45
C SER C 148 -26.55 1.03 -4.72
N ARG C 149 -25.89 -0.12 -4.57
CA ARG C 149 -25.43 -0.87 -5.74
C ARG C 149 -26.54 -1.61 -6.51
N LYS C 150 -27.42 -2.31 -5.79
CA LYS C 150 -28.34 -3.24 -6.44
C LYS C 150 -29.71 -2.66 -6.76
N LYS C 151 -30.07 -1.59 -6.07
CA LYS C 151 -31.39 -0.98 -6.24
C LYS C 151 -31.32 0.50 -6.61
N GLY C 152 -30.12 0.99 -6.91
CA GLY C 152 -29.99 2.34 -7.44
C GLY C 152 -30.22 3.53 -6.51
N LEU C 153 -30.14 3.29 -5.21
CA LEU C 153 -30.19 4.39 -4.25
C LEU C 153 -28.81 5.10 -4.24
N CYS C 154 -28.73 6.21 -3.54
CA CYS C 154 -27.50 6.99 -3.47
C CYS C 154 -27.20 7.31 -2.02
N ILE C 155 -26.91 6.27 -1.25
CA ILE C 155 -26.76 6.42 0.18
C ILE C 155 -25.36 6.90 0.52
N LYS C 156 -25.29 8.00 1.26
CA LYS C 156 -24.02 8.59 1.71
C LYS C 156 -23.82 8.29 3.17
N ASN C 157 -22.87 7.40 3.48
CA ASN C 157 -22.54 7.06 4.87
C ASN C 157 -21.50 8.00 5.47
N LEU C 158 -21.94 8.90 6.35
CA LEU C 158 -21.01 9.78 7.04
C LEU C 158 -20.60 9.19 8.38
N ARG C 159 -19.28 9.05 8.55
CA ARG C 159 -18.74 8.63 9.82
C ARG C 159 -18.39 9.81 10.70
N PHE C 160 -19.33 10.19 11.56
CA PHE C 160 -19.15 11.32 12.44
C PHE C 160 -18.11 11.06 13.49
N ALA C 161 -17.30 12.08 13.76
CA ALA C 161 -16.41 12.08 14.91
C ALA C 161 -17.25 12.11 16.19
N HIS C 162 -16.56 12.18 17.32
CA HIS C 162 -17.25 12.24 18.60
C HIS C 162 -17.98 13.56 18.72
N LEU C 163 -19.31 13.49 18.69
CA LEU C 163 -20.15 14.69 18.68
C LEU C 163 -20.35 15.30 20.06
N TYR C 164 -20.46 16.62 20.11
CA TYR C 164 -20.79 17.32 21.35
C TYR C 164 -21.58 18.57 20.99
N GLY C 165 -22.18 19.22 21.99
CA GLY C 165 -22.95 20.41 21.72
C GLY C 165 -23.61 21.03 22.93
N PHE C 166 -24.72 21.71 22.68
CA PHE C 166 -25.40 22.50 23.71
C PHE C 166 -26.61 21.78 24.28
N ASN C 167 -26.58 21.54 25.59
CA ASN C 167 -27.75 21.06 26.33
C ASN C 167 -28.08 19.59 26.09
N GLU C 168 -27.13 18.73 26.44
CA GLU C 168 -27.25 17.29 26.24
C GLU C 168 -27.33 16.56 27.60
N ASN C 171 -25.06 13.19 30.25
CA ASN C 171 -24.23 12.99 31.43
C ASN C 171 -22.84 12.40 31.15
N TYR C 172 -22.38 12.51 29.90
CA TYR C 172 -21.02 12.07 29.53
C TYR C 172 -19.94 13.03 30.07
N ILE C 174 -17.70 15.18 28.53
CA ILE C 174 -17.73 16.52 27.92
C ILE C 174 -18.88 17.41 28.40
N ASN C 175 -19.93 16.79 28.93
CA ASN C 175 -21.09 17.53 29.41
C ASN C 175 -21.04 17.81 30.91
N ARG C 176 -20.47 16.87 31.67
CA ARG C 176 -20.17 17.14 33.06
C ARG C 176 -19.29 18.37 33.11
N PHE C 177 -18.19 18.34 32.38
CA PHE C 177 -17.31 19.51 32.29
C PHE C 177 -18.08 20.79 31.95
N PHE C 178 -18.94 20.73 30.94
CA PHE C 178 -19.78 21.87 30.60
C PHE C 178 -20.54 22.41 31.82
N ARG C 179 -21.11 21.50 32.60
CA ARG C 179 -21.91 21.88 33.76
C ARG C 179 -21.05 22.17 34.99
N GLN C 180 -19.99 21.41 35.18
CA GLN C 180 -19.08 21.61 36.31
C GLN C 180 -18.47 23.02 36.28
N ALA C 181 -18.06 23.46 35.10
CA ALA C 181 -17.41 24.76 34.95
C ALA C 181 -18.42 25.91 34.89
N PHE C 182 -19.57 25.65 34.28
CA PHE C 182 -20.59 26.68 34.15
C PHE C 182 -20.87 27.29 35.52
N HIS C 183 -20.98 26.42 36.52
CA HIS C 183 -21.20 26.87 37.89
C HIS C 183 -19.89 27.27 38.55
N GLY C 184 -18.78 26.81 37.98
CA GLY C 184 -17.48 27.14 38.53
C GLY C 184 -17.10 26.18 39.62
N GLU C 185 -17.28 24.89 39.34
CA GLU C 185 -16.85 23.80 40.22
C GLU C 185 -15.56 23.20 39.64
N GLN C 186 -14.91 22.30 40.37
CA GLN C 186 -13.63 21.77 39.93
C GLN C 186 -13.73 20.53 39.05
N LEU C 187 -13.11 20.61 37.87
CA LEU C 187 -13.01 19.48 36.98
C LEU C 187 -12.09 18.42 37.56
N THR C 188 -12.49 17.15 37.45
CA THR C 188 -11.72 16.02 38.00
C THR C 188 -11.34 14.97 36.97
N LEU C 189 -10.05 14.89 36.62
CA LEU C 189 -9.54 13.86 35.72
C LEU C 189 -8.87 12.71 36.46
N HIS C 190 -9.11 11.49 36.00
CA HIS C 190 -8.55 10.28 36.60
C HIS C 190 -7.02 10.23 36.48
N ALA C 191 -6.53 9.43 35.54
CA ALA C 191 -5.08 9.26 35.38
C ALA C 191 -4.51 10.26 34.38
N ASN C 192 -3.28 9.99 33.93
CA ASN C 192 -2.59 10.91 33.03
C ASN C 192 -3.11 10.83 31.59
N SER C 193 -4.04 11.72 31.26
CA SER C 193 -4.63 11.77 29.93
C SER C 193 -3.58 12.10 28.87
N VAL C 194 -3.61 11.37 27.76
CA VAL C 194 -2.59 11.49 26.73
C VAL C 194 -3.14 11.13 25.35
N ALA C 195 -4.07 10.18 25.34
CA ALA C 195 -4.74 9.77 24.11
C ALA C 195 -5.55 10.91 23.51
N LYS C 196 -5.50 11.05 22.18
CA LYS C 196 -6.23 12.12 21.50
C LYS C 196 -7.48 11.59 20.83
N ARG C 197 -8.58 12.33 20.94
CA ARG C 197 -9.84 11.96 20.33
C ARG C 197 -10.45 13.15 19.59
N GLU C 198 -10.99 12.89 18.40
CA GLU C 198 -11.49 13.95 17.53
C GLU C 198 -12.92 14.33 17.88
N PHE C 199 -13.12 15.60 18.23
CA PHE C 199 -14.44 16.09 18.59
C PHE C 199 -15.04 17.01 17.53
N LEU C 200 -16.32 16.81 17.24
CA LEU C 200 -17.01 17.51 16.17
C LEU C 200 -18.27 18.15 16.70
N TYR C 201 -18.43 19.44 16.44
CA TYR C 201 -19.57 20.21 16.93
C TYR C 201 -20.83 19.85 16.14
N ALA C 202 -21.95 19.71 16.82
CA ALA C 202 -23.19 19.31 16.16
C ALA C 202 -23.57 20.27 15.04
N LYS C 203 -23.34 21.56 15.26
CA LYS C 203 -23.52 22.59 14.25
C LYS C 203 -22.79 22.16 12.96
N ASP C 204 -21.51 21.81 13.14
CA ASP C 204 -20.65 21.34 12.05
C ASP C 204 -21.14 20.03 11.44
N ALA C 205 -21.58 19.10 12.30
CA ALA C 205 -22.09 17.83 11.80
C ALA C 205 -23.24 18.09 10.85
N ALA C 206 -24.17 18.93 11.30
CA ALA C 206 -25.32 19.32 10.49
C ALA C 206 -24.89 19.92 9.16
N LYS C 207 -23.82 20.70 9.19
CA LYS C 207 -23.31 21.30 7.96
C LYS C 207 -22.97 20.22 6.94
N SER C 208 -22.28 19.17 7.40
CA SER C 208 -21.92 18.08 6.50
C SER C 208 -23.15 17.33 5.98
N VAL C 209 -24.22 17.27 6.78
CA VAL C 209 -25.47 16.67 6.32
C VAL C 209 -26.09 17.48 5.15
N ILE C 210 -26.10 18.80 5.28
CA ILE C 210 -26.52 19.66 4.17
C ILE C 210 -25.61 19.50 2.94
N TYR C 211 -24.29 19.42 3.19
CA TYR C 211 -23.31 19.41 2.13
C TYR C 211 -23.26 18.10 1.39
N ALA C 212 -23.51 17.02 2.12
CA ALA C 212 -23.60 15.69 1.56
C ALA C 212 -24.86 15.62 0.73
N LEU C 213 -25.95 16.12 1.30
CA LEU C 213 -27.25 16.10 0.64
C LEU C 213 -27.23 16.72 -0.75
N LYS C 214 -26.32 17.67 -0.97
CA LYS C 214 -26.17 18.30 -2.29
C LYS C 214 -25.67 17.31 -3.35
N GLN C 215 -24.79 16.41 -2.95
CA GLN C 215 -24.30 15.44 -3.91
C GLN C 215 -25.34 14.34 -4.09
N GLU C 216 -26.49 14.71 -4.63
CA GLU C 216 -27.66 13.83 -4.66
C GLU C 216 -27.57 12.59 -5.56
N LYS C 217 -26.45 12.38 -6.25
CA LYS C 217 -26.27 11.13 -6.99
C LYS C 217 -25.03 10.36 -6.53
N VAL C 218 -24.34 10.93 -5.56
CA VAL C 218 -23.16 10.33 -5.00
C VAL C 218 -23.57 9.30 -3.97
N SER C 219 -22.86 8.18 -3.93
CA SER C 219 -23.07 7.17 -2.91
C SER C 219 -21.71 6.64 -2.52
N GLY C 220 -21.44 6.59 -1.22
CA GLY C 220 -20.18 6.09 -0.68
C GLY C 220 -20.05 6.35 0.81
N THR C 221 -18.87 6.11 1.37
CA THR C 221 -18.66 6.36 2.78
C THR C 221 -17.58 7.44 3.02
N PHE C 222 -17.87 8.37 3.93
CA PHE C 222 -17.03 9.55 4.18
C PHE C 222 -16.80 9.80 5.67
N ASN C 223 -15.56 9.92 6.09
CA ASN C 223 -15.31 10.42 7.41
C ASN C 223 -15.73 11.88 7.54
N ILE C 224 -16.51 12.18 8.58
CA ILE C 224 -16.88 13.58 8.83
C ILE C 224 -16.33 14.07 10.18
N GLY C 225 -15.05 14.47 10.15
CA GLY C 225 -14.36 14.92 11.34
C GLY C 225 -14.07 16.42 11.32
N SER C 226 -13.28 16.86 12.29
CA SER C 226 -13.11 18.27 12.58
C SER C 226 -11.66 18.71 12.46
N GLY C 227 -10.75 17.77 12.74
CA GLY C 227 -9.34 18.07 12.85
C GLY C 227 -8.95 18.31 14.30
N ASP C 228 -9.95 18.58 15.13
CA ASP C 228 -9.74 18.83 16.55
C ASP C 228 -9.63 17.53 17.35
N ALA C 229 -8.45 16.92 17.36
CA ALA C 229 -8.22 15.70 18.13
C ALA C 229 -7.58 16.06 19.43
N LEU C 230 -8.33 16.00 20.53
CA LEU C 230 -7.85 16.54 21.81
C LEU C 230 -7.61 15.49 22.89
N THR C 231 -6.64 15.77 23.76
CA THR C 231 -6.44 14.96 24.97
C THR C 231 -7.44 15.44 26.02
N ASN C 232 -7.72 14.60 27.01
CA ASN C 232 -8.74 14.98 28.00
C ASN C 232 -8.37 16.17 28.87
N TYR C 233 -7.07 16.41 29.03
CA TYR C 233 -6.59 17.63 29.66
C TYR C 233 -6.96 18.85 28.82
N GLU C 234 -6.64 18.80 27.52
CA GLU C 234 -6.94 19.90 26.61
C GLU C 234 -8.42 20.27 26.62
N VAL C 235 -9.28 19.26 26.70
CA VAL C 235 -10.73 19.48 26.71
C VAL C 235 -11.16 20.13 28.02
N ALA C 236 -10.67 19.59 29.13
CA ALA C 236 -10.85 20.24 30.42
C ALA C 236 -10.44 21.72 30.33
N ASN C 237 -9.16 21.98 30.07
CA ASN C 237 -8.63 23.33 29.84
C ASN C 237 -9.50 24.29 29.02
N THR C 238 -9.60 24.02 27.72
CA THR C 238 -10.32 24.87 26.78
C THR C 238 -11.68 25.34 27.29
N ILE C 239 -12.38 24.45 27.99
CA ILE C 239 -13.68 24.76 28.58
C ILE C 239 -13.54 25.61 29.84
N ASN C 240 -12.54 25.28 30.66
CA ASN C 240 -12.29 26.03 31.88
C ASN C 240 -11.92 27.50 31.64
N ASN C 241 -11.39 27.80 30.45
CA ASN C 241 -11.13 29.19 30.07
C ASN C 241 -12.38 29.83 29.51
N ALA C 242 -13.13 29.08 28.72
CA ALA C 242 -14.33 29.60 28.09
C ALA C 242 -15.45 29.85 29.10
N PHE C 243 -15.44 29.12 30.22
CA PHE C 243 -16.50 29.23 31.22
C PHE C 243 -16.12 30.07 32.44
N GLY C 244 -14.87 30.54 32.47
CA GLY C 244 -14.39 31.38 33.56
C GLY C 244 -13.62 30.63 34.63
N ASN C 245 -14.04 29.39 34.87
CA ASN C 245 -13.39 28.49 35.82
C ASN C 245 -11.94 28.13 35.44
N LYS C 246 -10.97 28.99 35.75
CA LYS C 246 -9.59 28.80 35.26
C LYS C 246 -8.62 28.02 36.16
N ASP C 247 -7.84 27.14 35.54
CA ASP C 247 -6.91 26.25 36.23
C ASP C 247 -7.59 25.51 37.40
N ASN C 248 -8.92 25.48 37.37
CA ASN C 248 -9.70 24.76 38.38
C ASN C 248 -9.84 23.31 37.96
N LEU C 249 -8.71 22.69 37.63
CA LEU C 249 -8.67 21.31 37.21
C LEU C 249 -7.77 20.51 38.12
N LEU C 250 -8.21 19.29 38.45
CA LEU C 250 -7.46 18.43 39.36
C LEU C 250 -7.25 17.04 38.76
N VAL C 251 -6.03 16.53 38.92
CA VAL C 251 -5.66 15.20 38.44
C VAL C 251 -5.64 14.17 39.58
N ILE C 260 -8.09 3.91 27.80
CA ILE C 260 -8.67 4.72 26.74
C ILE C 260 -7.72 4.97 25.55
N HIS C 261 -8.19 4.57 24.36
CA HIS C 261 -7.41 4.70 23.12
C HIS C 261 -7.66 5.98 22.37
N SER C 262 -6.80 6.28 21.40
CA SER C 262 -6.98 7.46 20.56
C SER C 262 -7.93 7.17 19.44
N SER C 263 -8.67 8.17 19.01
CA SER C 263 -9.48 8.06 17.80
C SER C 263 -9.61 9.41 17.10
N TYR C 264 -9.01 9.52 15.92
CA TYR C 264 -9.17 10.69 15.08
C TYR C 264 -9.09 10.25 13.62
N ASP C 266 -8.96 11.07 9.14
CA ASP C 266 -8.59 11.91 8.02
C ASP C 266 -9.86 12.16 7.21
N SER C 267 -10.31 13.41 7.16
CA SER C 267 -11.54 13.76 6.46
C SER C 267 -11.25 14.47 5.14
N SER C 268 -10.12 14.11 4.54
CA SER C 268 -9.72 14.54 3.21
C SER C 268 -10.81 14.30 2.17
N LYS C 269 -11.40 13.13 2.22
CA LYS C 269 -12.32 12.70 1.18
C LYS C 269 -13.56 13.56 1.18
N ALA C 270 -14.11 13.80 2.37
CA ALA C 270 -15.26 14.69 2.47
C ALA C 270 -14.92 16.10 2.02
N LYS C 271 -13.77 16.61 2.47
CA LYS C 271 -13.25 17.92 2.05
C LYS C 271 -13.44 18.19 0.56
N GLU C 272 -12.86 17.33 -0.27
CA GLU C 272 -12.91 17.50 -1.70
C GLU C 272 -14.26 17.17 -2.33
N LEU C 273 -14.66 15.90 -2.21
CA LEU C 273 -15.92 15.41 -2.80
C LEU C 273 -17.10 16.22 -2.29
N LEU C 274 -17.16 16.40 -0.97
CA LEU C 274 -18.32 17.02 -0.33
C LEU C 274 -18.20 18.52 -0.16
N ASP C 275 -16.99 19.06 -0.36
CA ASP C 275 -16.75 20.47 -0.16
C ASP C 275 -16.91 20.84 1.30
N PHE C 276 -16.72 19.86 2.18
CA PHE C 276 -16.98 20.08 3.60
C PHE C 276 -15.76 20.42 4.42
N SER C 277 -15.84 21.53 5.16
CA SER C 277 -14.89 21.79 6.23
C SER C 277 -15.62 22.32 7.47
N THR C 278 -14.98 22.29 8.62
CA THR C 278 -15.62 22.71 9.86
C THR C 278 -15.65 24.23 10.03
N ASP C 279 -16.82 24.75 10.43
CA ASP C 279 -16.96 26.16 10.74
C ASP C 279 -16.36 26.51 12.12
N TYR C 280 -16.34 25.55 13.02
CA TYR C 280 -15.89 25.80 14.38
C TYR C 280 -14.72 24.90 14.72
N ASN C 281 -13.84 25.36 15.60
CA ASN C 281 -12.89 24.45 16.24
C ASN C 281 -13.36 24.31 17.67
N PHE C 282 -12.74 23.43 18.43
CA PHE C 282 -13.21 23.22 19.79
C PHE C 282 -13.34 24.56 20.52
N ALA C 283 -12.25 25.33 20.46
CA ALA C 283 -12.16 26.63 21.11
C ALA C 283 -13.43 27.47 20.94
N THR C 284 -13.80 27.73 19.69
CA THR C 284 -14.89 28.66 19.40
C THR C 284 -16.26 28.09 19.75
N ALA C 285 -16.46 26.79 19.51
CA ALA C 285 -17.76 26.16 19.76
C ALA C 285 -18.07 26.10 21.24
N VAL C 286 -17.07 25.76 22.05
CA VAL C 286 -17.25 25.81 23.49
C VAL C 286 -17.71 27.20 23.89
N GLU C 287 -16.97 28.23 23.48
CA GLU C 287 -17.41 29.61 23.66
C GLU C 287 -18.89 29.79 23.33
N GLU C 288 -19.29 29.39 22.13
CA GLU C 288 -20.67 29.56 21.67
C GLU C 288 -21.66 28.79 22.53
N ILE C 289 -21.28 27.57 22.90
CA ILE C 289 -22.11 26.74 23.77
C ILE C 289 -22.23 27.41 25.12
N HIS C 290 -21.20 28.18 25.47
CA HIS C 290 -21.11 28.83 26.77
C HIS C 290 -22.14 29.94 26.96
N LEU C 291 -22.31 30.79 25.94
CA LEU C 291 -23.31 31.84 26.05
C LEU C 291 -24.72 31.26 25.89
N LEU C 292 -24.90 30.39 24.89
CA LEU C 292 -26.17 29.68 24.75
C LEU C 292 -26.60 29.12 26.09
N ARG C 294 -27.29 29.90 28.84
CA ARG C 294 -27.83 30.90 29.74
C ARG C 294 -29.34 30.99 29.51
N GLY C 295 -30.01 29.83 29.60
CA GLY C 295 -31.44 29.75 29.36
C GLY C 295 -32.04 28.46 29.87
N SER D 2 8.14 -21.53 36.03
CA SER D 2 7.32 -22.65 35.57
C SER D 2 7.87 -23.30 34.31
N LEU D 3 7.88 -22.56 33.20
CA LEU D 3 8.50 -23.00 31.95
C LEU D 3 10.01 -22.70 31.94
N LYS D 4 10.82 -23.67 31.48
CA LYS D 4 12.26 -23.42 31.28
C LYS D 4 12.49 -23.03 29.85
N ILE D 5 12.94 -21.80 29.62
CA ILE D 5 13.20 -21.31 28.27
C ILE D 5 14.69 -21.01 28.06
N ALA D 6 15.30 -21.65 27.07
CA ALA D 6 16.72 -21.47 26.83
C ALA D 6 16.93 -20.36 25.83
N VAL D 7 17.77 -19.38 26.20
CA VAL D 7 18.16 -18.31 25.26
C VAL D 7 19.57 -18.50 24.68
N THR D 8 19.59 -18.88 23.40
CA THR D 8 20.79 -18.91 22.58
C THR D 8 21.32 -17.48 22.37
N GLY D 9 22.59 -17.25 22.68
CA GLY D 9 23.13 -15.91 22.67
C GLY D 9 22.59 -15.09 23.83
N GLY D 10 22.26 -15.78 24.91
CA GLY D 10 21.68 -15.17 26.08
C GLY D 10 22.48 -14.01 26.62
N THR D 11 23.80 -14.02 26.43
CA THR D 11 24.67 -13.01 27.03
C THR D 11 24.87 -11.73 26.21
N GLY D 12 24.37 -11.71 24.99
CA GLY D 12 24.53 -10.54 24.14
C GLY D 12 23.61 -9.38 24.48
N PHE D 13 23.49 -8.45 23.54
CA PHE D 13 22.67 -7.26 23.73
C PHE D 13 21.19 -7.61 23.82
N LEU D 14 20.58 -8.03 22.72
CA LEU D 14 19.19 -8.44 22.71
C LEU D 14 18.99 -9.58 23.70
N GLY D 15 20.01 -10.40 23.84
CA GLY D 15 19.96 -11.54 24.76
C GLY D 15 19.61 -11.14 26.18
N GLN D 16 20.31 -10.13 26.69
CA GLN D 16 20.06 -9.64 28.05
C GLN D 16 18.64 -9.09 28.25
N TYR D 17 18.10 -8.44 27.22
CA TYR D 17 16.75 -7.91 27.28
C TYR D 17 15.73 -9.05 27.31
N VAL D 18 15.99 -10.10 26.54
CA VAL D 18 15.10 -11.25 26.43
C VAL D 18 15.08 -12.08 27.71
N VAL D 19 16.25 -12.36 28.26
CA VAL D 19 16.35 -13.14 29.49
C VAL D 19 15.55 -12.48 30.61
N GLU D 20 15.54 -11.15 30.62
CA GLU D 20 14.88 -10.38 31.66
C GLU D 20 13.36 -10.42 31.48
N SER D 21 12.89 -10.17 30.27
CA SER D 21 11.48 -10.34 29.93
C SER D 21 10.99 -11.70 30.39
N ILE D 22 11.71 -12.73 29.99
CA ILE D 22 11.38 -14.11 30.33
C ILE D 22 11.21 -14.28 31.84
N LYS D 23 12.20 -13.82 32.61
CA LYS D 23 12.12 -13.92 34.06
C LYS D 23 10.90 -13.19 34.57
N ASN D 24 10.75 -11.94 34.11
CA ASN D 24 9.63 -11.09 34.47
C ASN D 24 8.27 -11.64 34.05
N ASP D 25 8.28 -12.64 33.17
CA ASP D 25 7.03 -13.25 32.73
C ASP D 25 6.70 -14.42 33.65
N GLY D 26 7.46 -14.54 34.73
CA GLY D 26 7.32 -15.66 35.65
C GLY D 26 7.74 -16.98 35.03
N ASN D 27 8.82 -16.93 34.26
CA ASN D 27 9.39 -18.13 33.65
C ASN D 27 10.87 -18.25 34.01
N THR D 28 11.45 -19.38 33.68
CA THR D 28 12.86 -19.60 33.97
C THR D 28 13.71 -19.55 32.71
N PRO D 29 14.53 -18.50 32.59
CA PRO D 29 15.47 -18.36 31.47
C PRO D 29 16.64 -19.29 31.71
N ILE D 30 17.20 -19.80 30.63
CA ILE D 30 18.41 -20.58 30.72
C ILE D 30 19.31 -20.13 29.60
N ILE D 31 20.37 -19.42 29.95
CA ILE D 31 21.29 -18.86 28.97
C ILE D 31 22.31 -19.88 28.44
N LEU D 32 22.18 -20.23 27.17
CA LEU D 32 23.22 -20.93 26.42
C LEU D 32 24.27 -19.93 25.93
N THR D 33 25.53 -20.31 26.04
CA THR D 33 26.64 -19.49 25.57
C THR D 33 27.89 -20.36 25.40
N ARG D 34 28.87 -19.85 24.66
CA ARG D 34 30.11 -20.59 24.42
C ARG D 34 31.03 -20.53 25.63
N SER D 35 30.98 -19.40 26.33
CA SER D 35 31.86 -19.15 27.47
C SER D 35 31.31 -18.02 28.32
N ILE D 36 31.83 -17.91 29.54
CA ILE D 36 31.53 -16.76 30.40
C ILE D 36 32.54 -16.53 31.53
N GLY D 37 32.76 -15.26 31.88
CA GLY D 37 33.65 -14.91 32.96
C GLY D 37 32.96 -14.23 34.13
N ASP D 43 21.13 -13.84 39.31
CA ASP D 43 21.65 -15.20 39.40
C ASP D 43 20.84 -16.24 38.58
N TYR D 44 21.00 -16.18 37.26
CA TYR D 44 20.29 -17.04 36.33
C TYR D 44 20.98 -18.39 36.21
N GLU D 45 20.55 -19.21 35.27
CA GLU D 45 21.34 -20.39 34.96
C GLU D 45 22.05 -20.28 33.60
N TYR D 46 23.36 -20.53 33.64
CA TYR D 46 24.20 -20.49 32.45
C TYR D 46 24.61 -21.91 32.04
N ARG D 47 24.43 -22.22 30.77
CA ARG D 47 24.89 -23.49 30.27
C ARG D 47 25.90 -23.30 29.16
N VAL D 48 27.16 -23.54 29.46
CA VAL D 48 28.20 -23.54 28.43
C VAL D 48 27.93 -24.66 27.43
N SER D 49 28.15 -24.38 26.15
CA SER D 49 27.92 -25.37 25.10
C SER D 49 28.75 -25.05 23.87
N ASP D 50 29.21 -26.08 23.17
CA ASP D 50 30.01 -25.86 21.96
C ASP D 50 29.17 -25.90 20.68
N TYR D 51 27.85 -25.86 20.86
CA TYR D 51 26.88 -25.82 19.76
C TYR D 51 27.05 -26.89 18.69
N THR D 52 27.52 -28.07 19.11
CA THR D 52 27.48 -29.25 18.25
C THR D 52 26.13 -29.89 18.51
N LEU D 53 25.69 -30.81 17.66
CA LEU D 53 24.38 -31.45 17.84
C LEU D 53 24.30 -32.24 19.15
N GLU D 54 25.30 -33.04 19.45
CA GLU D 54 25.19 -33.89 20.64
C GLU D 54 25.31 -33.11 21.94
N ASP D 55 26.19 -32.13 22.01
CA ASP D 55 26.22 -31.31 23.23
C ASP D 55 24.92 -30.52 23.40
N LEU D 56 24.30 -30.10 22.31
CA LEU D 56 23.07 -29.33 22.39
C LEU D 56 21.88 -30.18 22.84
N ILE D 57 21.86 -31.44 22.42
CA ILE D 57 20.84 -32.41 22.87
C ILE D 57 20.88 -32.62 24.38
N ASN D 58 22.06 -32.53 24.97
CA ASN D 58 22.17 -32.68 26.41
C ASN D 58 21.92 -31.39 27.15
N GLN D 59 22.29 -30.26 26.54
CA GLN D 59 22.03 -28.95 27.14
C GLN D 59 20.55 -28.56 27.09
N LEU D 60 19.76 -29.27 26.30
CA LEU D 60 18.39 -28.84 26.00
C LEU D 60 17.33 -29.81 26.47
N ASN D 61 17.67 -30.76 27.33
CA ASN D 61 16.74 -31.86 27.57
C ASN D 61 15.79 -31.68 28.74
N ASP D 62 15.89 -30.55 29.44
CA ASP D 62 14.89 -30.20 30.43
C ASP D 62 14.22 -28.88 30.07
N VAL D 63 14.37 -28.52 28.79
CA VAL D 63 13.93 -27.23 28.27
C VAL D 63 12.59 -27.35 27.57
N ASP D 64 11.73 -26.37 27.79
CA ASP D 64 10.39 -26.38 27.20
C ASP D 64 10.30 -25.54 25.92
N ALA D 65 11.14 -24.52 25.82
CA ALA D 65 11.13 -23.64 24.65
C ALA D 65 12.50 -23.04 24.46
N VAL D 66 12.78 -22.64 23.21
CA VAL D 66 14.05 -22.07 22.87
C VAL D 66 13.81 -20.76 22.14
N VAL D 67 14.53 -19.72 22.54
CA VAL D 67 14.64 -18.49 21.75
C VAL D 67 16.04 -18.47 21.15
N HIS D 68 16.12 -18.24 19.84
CA HIS D 68 17.39 -18.35 19.12
C HIS D 68 17.95 -17.02 18.66
N LEU D 69 18.89 -16.47 19.44
CA LEU D 69 19.41 -15.13 19.20
C LEU D 69 20.84 -15.10 18.69
N ALA D 70 21.59 -16.17 18.92
CA ALA D 70 23.02 -16.20 18.57
C ALA D 70 23.26 -16.01 17.07
N ALA D 71 23.78 -14.83 16.70
CA ALA D 71 24.12 -14.55 15.33
C ALA D 71 25.51 -13.93 15.21
N THR D 72 25.82 -13.44 14.01
CA THR D 72 27.03 -12.65 13.77
C THR D 72 26.71 -11.58 12.72
N ARG D 73 27.26 -10.39 12.91
CA ARG D 73 26.93 -9.26 12.03
C ARG D 73 27.90 -9.15 10.85
N GLY D 74 28.98 -9.94 10.92
CA GLY D 74 29.98 -9.98 9.86
C GLY D 74 30.85 -8.76 9.96
N SER D 75 31.73 -8.56 8.98
CA SER D 75 32.65 -7.41 9.00
C SER D 75 33.49 -7.29 7.74
N GLN D 76 33.31 -8.23 6.82
CA GLN D 76 34.15 -8.33 5.64
C GLN D 76 33.28 -8.44 4.40
N GLY D 77 31.96 -8.49 4.62
CA GLY D 77 31.01 -8.71 3.55
C GLY D 77 31.27 -10.03 2.84
N LYS D 78 31.58 -11.06 3.62
CA LYS D 78 31.87 -12.39 3.08
C LYS D 78 30.91 -13.44 3.66
N ILE D 79 30.18 -14.12 2.77
CA ILE D 79 29.17 -15.08 3.20
C ILE D 79 29.78 -16.15 4.08
N SER D 80 31.06 -16.42 3.90
CA SER D 80 31.74 -17.40 4.71
C SER D 80 31.64 -17.00 6.20
N GLU D 81 31.57 -15.70 6.44
CA GLU D 81 31.56 -15.20 7.79
C GLU D 81 30.38 -15.70 8.59
N PHE D 82 29.32 -16.08 7.89
CA PHE D 82 28.06 -16.45 8.52
C PHE D 82 27.79 -17.94 8.53
N HIS D 83 28.60 -18.69 7.81
CA HIS D 83 28.45 -20.14 7.70
C HIS D 83 28.35 -20.87 9.03
N ASP D 84 29.10 -20.41 10.01
CA ASP D 84 29.07 -21.03 11.32
C ASP D 84 27.76 -20.79 12.07
N ASN D 85 27.07 -19.68 11.77
CA ASN D 85 25.69 -19.48 12.25
C ASN D 85 24.75 -20.47 11.62
N GLU D 86 24.77 -20.53 10.30
CA GLU D 86 23.87 -21.42 9.61
C GLU D 86 23.94 -22.85 10.14
N ILE D 87 25.10 -23.25 10.68
CA ILE D 87 25.30 -24.64 11.14
C ILE D 87 24.84 -24.77 12.57
N LEU D 88 25.23 -23.81 13.41
CA LEU D 88 24.75 -23.75 14.77
C LEU D 88 23.22 -23.80 14.77
N THR D 89 22.63 -23.10 13.83
CA THR D 89 21.18 -23.04 13.71
C THR D 89 20.59 -24.42 13.45
N GLN D 90 21.05 -25.09 12.40
CA GLN D 90 20.58 -26.46 12.13
C GLN D 90 20.90 -27.40 13.28
N ASN D 91 22.07 -27.24 13.88
CA ASN D 91 22.40 -28.07 15.02
C ASN D 91 21.32 -27.93 16.07
N LEU D 92 21.01 -26.68 16.42
CA LEU D 92 20.06 -26.36 17.48
C LEU D 92 18.66 -26.90 17.19
N TYR D 93 18.25 -26.89 15.92
CA TYR D 93 16.94 -27.41 15.57
C TYR D 93 16.85 -28.93 15.67
N ASP D 94 17.86 -29.63 15.14
CA ASP D 94 17.99 -31.09 15.32
C ASP D 94 17.93 -31.49 16.79
N ALA D 95 18.55 -30.69 17.65
CA ALA D 95 18.52 -30.93 19.07
C ALA D 95 17.11 -30.76 19.61
N CYS D 96 16.48 -29.63 19.27
CA CYS D 96 15.07 -29.43 19.58
C CYS D 96 14.27 -30.66 19.24
N TYR D 97 14.33 -31.08 17.98
CA TYR D 97 13.68 -32.30 17.56
C TYR D 97 13.93 -33.47 18.54
N GLU D 98 15.20 -33.82 18.75
CA GLU D 98 15.56 -34.87 19.71
C GLU D 98 14.86 -34.73 21.05
N ASN D 99 14.78 -33.52 21.57
CA ASN D 99 14.23 -33.28 22.90
C ASN D 99 12.74 -33.04 22.88
N ASN D 100 12.17 -33.06 21.69
CA ASN D 100 10.76 -32.81 21.51
C ASN D 100 10.36 -31.38 21.86
N ILE D 101 11.30 -30.46 21.65
CA ILE D 101 11.02 -29.03 21.70
C ILE D 101 10.53 -28.57 20.32
N SER D 102 9.44 -27.82 20.29
CA SER D 102 8.93 -27.33 19.02
C SER D 102 8.57 -25.84 19.07
N ASN D 103 8.36 -25.33 20.27
CA ASN D 103 8.08 -23.91 20.45
C ASN D 103 9.38 -23.10 20.43
N ILE D 104 9.77 -22.66 19.23
CA ILE D 104 11.06 -22.03 18.99
C ILE D 104 10.88 -20.65 18.37
N VAL D 105 11.69 -19.69 18.79
CA VAL D 105 11.65 -18.35 18.22
C VAL D 105 13.01 -18.01 17.61
N TYR D 106 13.01 -17.59 16.34
CA TYR D 106 14.25 -17.20 15.66
C TYR D 106 14.29 -15.70 15.42
N ALA D 107 15.41 -15.07 15.74
CA ALA D 107 15.60 -13.66 15.50
C ALA D 107 16.14 -13.37 14.08
N SER D 108 15.25 -13.02 13.16
CA SER D 108 15.63 -12.56 11.83
C SER D 108 15.81 -11.04 11.82
N THR D 109 15.61 -10.42 10.67
CA THR D 109 15.88 -8.98 10.51
C THR D 109 15.10 -8.33 9.36
N ILE D 110 14.97 -7.01 9.44
CA ILE D 110 14.44 -6.18 8.36
C ILE D 110 15.38 -6.16 7.16
N SER D 111 16.68 -6.40 7.42
CA SER D 111 17.66 -6.48 6.34
C SER D 111 17.29 -7.51 5.26
N ALA D 112 16.33 -8.38 5.57
CA ALA D 112 15.73 -9.28 4.59
C ALA D 112 15.17 -8.52 3.38
N TYR D 113 14.96 -7.21 3.55
CA TYR D 113 14.31 -6.42 2.52
C TYR D 113 15.21 -5.30 2.02
N SER D 114 14.97 -4.85 0.79
CA SER D 114 15.71 -3.72 0.27
C SER D 114 14.94 -2.88 -0.74
N ASP D 115 14.07 -3.50 -1.54
CA ASP D 115 13.34 -2.77 -2.58
C ASP D 115 12.67 -1.52 -2.03
N GLU D 116 13.17 -0.35 -2.44
CA GLU D 116 12.66 0.93 -1.96
C GLU D 116 11.35 1.32 -2.67
N THR D 117 11.04 0.57 -3.72
CA THR D 117 9.79 0.73 -4.45
C THR D 117 8.59 0.14 -3.69
N SER D 118 8.89 -0.54 -2.59
CA SER D 118 7.94 -1.48 -1.98
C SER D 118 7.48 -1.12 -0.55
N LEU D 119 8.00 -0.03 0.00
CA LEU D 119 7.70 0.34 1.36
C LEU D 119 6.23 0.75 1.51
N PRO D 120 5.61 0.39 2.64
CA PRO D 120 6.24 -0.38 3.71
C PRO D 120 6.24 -1.86 3.35
N TRP D 121 7.18 -2.61 3.90
CA TRP D 121 7.32 -4.02 3.54
C TRP D 121 6.47 -4.92 4.42
N ASN D 122 5.57 -5.65 3.79
CA ASN D 122 4.91 -6.73 4.51
C ASN D 122 5.58 -8.09 4.22
N GLU D 123 5.19 -9.12 4.95
CA GLU D 123 5.87 -10.41 4.88
C GLU D 123 5.64 -11.09 3.53
N LYS D 124 4.80 -10.48 2.69
CA LYS D 124 4.52 -11.01 1.36
C LYS D 124 5.57 -10.53 0.35
N GLU D 125 6.22 -9.42 0.67
CA GLU D 125 7.30 -8.87 -0.14
C GLU D 125 8.38 -9.91 -0.46
N LEU D 126 8.73 -10.07 -1.74
CA LEU D 126 9.90 -10.88 -2.09
C LEU D 126 11.09 -10.31 -1.33
N PRO D 127 11.89 -11.18 -0.70
CA PRO D 127 13.07 -10.67 0.02
C PRO D 127 14.26 -10.30 -0.91
N LEU D 128 14.97 -9.24 -0.57
CA LEU D 128 16.03 -8.75 -1.44
C LEU D 128 17.24 -8.29 -0.62
N PRO D 129 17.89 -9.23 0.08
CA PRO D 129 18.97 -8.84 0.98
C PRO D 129 20.01 -7.98 0.24
N ASP D 130 20.60 -7.02 0.96
CA ASP D 130 21.67 -6.19 0.44
C ASP D 130 23.04 -6.60 1.01
N LEU D 131 23.01 -7.29 2.15
CA LEU D 131 24.24 -7.71 2.80
C LEU D 131 24.28 -9.22 2.88
N TYR D 133 24.86 -10.48 5.45
CA TYR D 133 24.16 -10.58 6.71
C TYR D 133 22.74 -11.06 6.44
N GLY D 134 22.07 -10.37 5.54
CA GLY D 134 20.67 -10.62 5.30
C GLY D 134 20.47 -11.89 4.52
N VAL D 135 21.48 -12.27 3.75
CA VAL D 135 21.38 -13.49 2.96
C VAL D 135 21.42 -14.71 3.90
N SER D 136 22.28 -14.62 4.90
CA SER D 136 22.43 -15.67 5.87
C SER D 136 21.21 -15.82 6.78
N LYS D 137 20.63 -14.69 7.19
CA LYS D 137 19.45 -14.71 8.06
C LYS D 137 18.24 -15.19 7.29
N LEU D 138 18.23 -14.93 6.00
CA LEU D 138 17.21 -15.47 5.15
C LEU D 138 17.37 -16.98 5.09
N ALA D 139 18.61 -17.45 4.98
CA ALA D 139 18.86 -18.89 4.98
C ALA D 139 18.38 -19.55 6.27
N CYS D 140 18.80 -19.02 7.42
CA CYS D 140 18.44 -19.57 8.72
C CYS D 140 16.93 -19.56 8.92
N GLU D 141 16.27 -18.59 8.29
CA GLU D 141 14.82 -18.52 8.32
C GLU D 141 14.23 -19.77 7.65
N HIS D 142 14.71 -20.08 6.46
CA HIS D 142 14.22 -21.20 5.67
C HIS D 142 14.69 -22.57 6.19
N ILE D 143 15.83 -22.60 6.88
CA ILE D 143 16.20 -23.80 7.60
C ILE D 143 15.06 -24.10 8.56
N GLY D 144 14.73 -23.10 9.39
CA GLY D 144 13.63 -23.17 10.34
C GLY D 144 12.30 -23.54 9.72
N ASN D 145 11.96 -22.91 8.60
CA ASN D 145 10.74 -23.24 7.89
C ASN D 145 10.69 -24.73 7.56
N ILE D 146 11.78 -25.26 7.02
CA ILE D 146 11.86 -26.68 6.66
C ILE D 146 11.58 -27.61 7.85
N TYR D 147 12.27 -27.37 8.96
CA TYR D 147 12.02 -28.16 10.16
C TYR D 147 10.57 -28.08 10.65
N SER D 148 9.92 -26.93 10.48
CA SER D 148 8.52 -26.81 10.84
C SER D 148 7.62 -27.64 9.95
N ARG D 149 7.85 -27.54 8.64
CA ARG D 149 6.99 -28.21 7.67
C ARG D 149 7.28 -29.69 7.56
N LYS D 150 8.48 -30.10 7.94
CA LYS D 150 8.91 -31.48 7.70
C LYS D 150 9.10 -32.29 8.96
N LYS D 151 9.72 -31.71 9.98
CA LYS D 151 9.92 -32.37 11.26
C LYS D 151 8.95 -31.90 12.34
N GLY D 152 7.92 -31.17 11.93
CA GLY D 152 6.91 -30.67 12.85
C GLY D 152 7.40 -29.81 14.01
N LEU D 153 8.41 -28.97 13.77
CA LEU D 153 8.76 -27.96 14.74
C LEU D 153 7.84 -26.75 14.52
N CYS D 154 7.90 -25.79 15.44
CA CYS D 154 7.02 -24.62 15.36
C CYS D 154 7.85 -23.38 15.50
N ILE D 155 8.55 -23.05 14.42
CA ILE D 155 9.47 -21.93 14.44
C ILE D 155 8.81 -20.65 13.93
N LYS D 156 8.87 -19.63 14.78
CA LYS D 156 8.45 -18.29 14.40
C LYS D 156 9.69 -17.42 14.19
N ASN D 157 9.85 -16.94 12.96
CA ASN D 157 10.95 -16.07 12.59
C ASN D 157 10.50 -14.64 12.76
N LEU D 158 11.26 -13.88 13.54
CA LEU D 158 10.88 -12.50 13.84
C LEU D 158 11.75 -11.50 13.09
N ARG D 159 11.16 -10.85 12.08
CA ARG D 159 11.90 -9.87 11.30
C ARG D 159 11.91 -8.52 12.01
N PHE D 160 12.84 -8.38 12.95
CA PHE D 160 12.99 -7.18 13.75
C PHE D 160 13.35 -5.98 12.90
N ALA D 161 12.84 -4.81 13.27
CA ALA D 161 13.33 -3.55 12.72
C ALA D 161 14.74 -3.35 13.26
N HIS D 162 15.31 -2.17 13.10
CA HIS D 162 16.67 -1.93 13.58
C HIS D 162 16.74 -1.75 15.09
N LEU D 163 17.37 -2.70 15.78
CA LEU D 163 17.43 -2.69 17.24
C LEU D 163 18.32 -1.59 17.78
N TYR D 164 17.91 -1.03 18.92
CA TYR D 164 18.73 -0.10 19.67
C TYR D 164 18.34 -0.24 21.15
N GLY D 165 19.24 0.11 22.06
CA GLY D 165 18.96 -0.01 23.47
C GLY D 165 20.06 0.52 24.35
N PHE D 166 20.05 0.10 25.62
CA PHE D 166 20.98 0.64 26.60
C PHE D 166 22.28 -0.14 26.65
N ASN D 167 23.39 0.59 26.55
CA ASN D 167 24.72 0.02 26.68
C ASN D 167 25.02 -1.10 25.68
N GLU D 168 24.72 -0.88 24.40
CA GLU D 168 25.12 -1.81 23.34
C GLU D 168 26.54 -1.44 22.92
N LYS D 169 27.48 -2.36 23.15
CA LYS D 169 28.89 -2.03 23.04
C LYS D 169 29.44 -2.11 21.63
N ASN D 170 28.99 -1.21 20.78
CA ASN D 170 29.49 -1.15 19.41
C ASN D 170 29.67 0.28 18.91
N ASN D 171 30.22 0.44 17.71
CA ASN D 171 30.43 1.74 17.13
C ASN D 171 29.51 1.93 15.96
N TYR D 172 28.26 1.50 16.14
CA TYR D 172 27.24 1.74 15.14
C TYR D 172 26.74 3.15 15.34
N ILE D 174 23.94 4.72 15.95
CA ILE D 174 23.07 5.10 17.04
C ILE D 174 23.82 5.11 18.38
N ASN D 175 24.73 4.16 18.55
CA ASN D 175 25.47 4.05 19.82
C ASN D 175 26.52 5.15 20.00
N ARG D 176 27.27 5.42 18.94
CA ARG D 176 28.21 6.50 18.96
C ARG D 176 27.48 7.81 19.26
N PHE D 177 26.21 7.90 18.88
CA PHE D 177 25.40 9.08 19.18
C PHE D 177 25.10 9.18 20.66
N PHE D 178 24.66 8.08 21.26
CA PHE D 178 24.40 8.07 22.68
C PHE D 178 25.65 8.50 23.43
N ARG D 179 26.76 7.83 23.13
CA ARG D 179 28.01 8.09 23.82
C ARG D 179 28.59 9.49 23.54
N GLN D 180 28.50 9.95 22.29
CA GLN D 180 28.97 11.28 21.94
C GLN D 180 28.19 12.34 22.70
N ALA D 181 26.87 12.23 22.66
CA ALA D 181 26.00 13.19 23.32
C ALA D 181 26.15 13.14 24.85
N PHE D 182 26.43 11.96 25.38
CA PHE D 182 26.61 11.82 26.82
C PHE D 182 27.70 12.75 27.29
N HIS D 183 28.73 12.91 26.45
CA HIS D 183 29.89 13.71 26.77
C HIS D 183 29.84 15.07 26.05
N GLY D 184 28.66 15.38 25.53
CA GLY D 184 28.41 16.68 24.95
C GLY D 184 29.22 16.99 23.72
N GLU D 185 29.69 15.97 23.02
CA GLU D 185 30.39 16.17 21.76
C GLU D 185 29.38 16.48 20.64
N GLN D 186 29.88 17.02 19.54
CA GLN D 186 29.02 17.39 18.42
C GLN D 186 28.82 16.19 17.52
N LEU D 187 27.57 15.75 17.39
CA LEU D 187 27.19 14.63 16.52
C LEU D 187 27.32 15.03 15.06
N THR D 188 27.71 14.08 14.22
CA THR D 188 27.89 14.36 12.80
C THR D 188 27.00 13.48 11.92
N LEU D 189 26.13 14.11 11.15
CA LEU D 189 25.33 13.43 10.15
C LEU D 189 26.13 13.34 8.85
N HIS D 190 26.55 12.12 8.50
CA HIS D 190 27.62 11.99 7.52
C HIS D 190 27.26 12.09 6.04
N ALA D 191 26.01 11.85 5.73
CA ALA D 191 25.51 12.09 4.39
C ALA D 191 24.04 12.35 4.59
N ASN D 192 23.75 13.29 5.46
CA ASN D 192 22.40 13.42 5.94
C ASN D 192 21.41 13.42 4.79
N SER D 193 20.32 12.70 4.99
CA SER D 193 19.32 12.50 3.98
C SER D 193 17.97 12.52 4.65
N VAL D 194 16.92 12.51 3.85
CA VAL D 194 15.57 12.52 4.39
C VAL D 194 14.99 11.10 4.36
N ALA D 195 15.84 10.15 3.99
CA ALA D 195 15.51 8.72 4.10
C ALA D 195 15.26 8.36 5.55
N LYS D 196 14.28 7.49 5.78
CA LYS D 196 13.94 7.08 7.13
C LYS D 196 14.08 5.58 7.35
N ARG D 197 14.29 5.21 8.60
CA ARG D 197 14.51 3.82 8.99
C ARG D 197 13.76 3.54 10.28
N GLU D 198 13.20 2.34 10.37
CA GLU D 198 12.41 1.96 11.53
C GLU D 198 13.30 1.47 12.66
N PHE D 199 13.16 2.06 13.84
CA PHE D 199 13.97 1.67 14.98
C PHE D 199 13.14 0.96 16.06
N LEU D 200 13.69 -0.10 16.64
CA LEU D 200 12.96 -0.88 17.63
C LEU D 200 13.71 -0.94 18.97
N TYR D 201 13.02 -0.60 20.06
CA TYR D 201 13.63 -0.62 21.37
C TYR D 201 13.81 -2.08 21.83
N ALA D 202 15.00 -2.42 22.30
CA ALA D 202 15.26 -3.80 22.69
C ALA D 202 14.17 -4.37 23.62
N LYS D 203 13.64 -3.52 24.49
CA LYS D 203 12.59 -3.90 25.43
C LYS D 203 11.32 -4.33 24.67
N ASP D 204 11.04 -3.66 23.56
CA ASP D 204 9.91 -4.04 22.72
C ASP D 204 10.19 -5.33 21.96
N ALA D 205 11.45 -5.56 21.60
CA ALA D 205 11.83 -6.79 20.90
C ALA D 205 11.72 -7.96 21.84
N ALA D 206 12.15 -7.77 23.08
CA ALA D 206 12.07 -8.85 24.07
C ALA D 206 10.61 -9.19 24.29
N LYS D 207 9.78 -8.16 24.33
CA LYS D 207 8.35 -8.36 24.51
C LYS D 207 7.77 -9.18 23.36
N SER D 208 8.20 -8.88 22.14
CA SER D 208 7.66 -9.55 20.96
C SER D 208 8.01 -11.01 20.99
N VAL D 209 9.20 -11.32 21.51
CA VAL D 209 9.64 -12.69 21.73
C VAL D 209 8.65 -13.42 22.66
N ILE D 210 8.24 -12.74 23.74
CA ILE D 210 7.31 -13.33 24.72
C ILE D 210 5.93 -13.62 24.11
N TYR D 211 5.38 -12.65 23.39
CA TYR D 211 4.11 -12.83 22.71
C TYR D 211 4.17 -13.91 21.62
N ALA D 212 5.35 -14.06 21.03
CA ALA D 212 5.58 -15.11 20.05
C ALA D 212 5.56 -16.49 20.74
N LEU D 213 6.36 -16.62 21.79
CA LEU D 213 6.41 -17.85 22.56
C LEU D 213 5.02 -18.32 23.01
N LYS D 214 4.09 -17.38 23.20
CA LYS D 214 2.74 -17.74 23.63
C LYS D 214 2.07 -18.59 22.58
N GLN D 215 2.29 -18.27 21.30
CA GLN D 215 1.67 -19.01 20.21
C GLN D 215 2.47 -20.27 19.94
N GLU D 216 2.58 -21.12 20.94
CA GLU D 216 3.52 -22.22 20.90
C GLU D 216 3.28 -23.20 19.78
N LYS D 217 2.06 -23.24 19.28
CA LYS D 217 1.75 -24.17 18.21
C LYS D 217 1.94 -23.53 16.83
N VAL D 218 2.16 -22.22 16.81
CA VAL D 218 2.24 -21.46 15.56
C VAL D 218 3.63 -21.50 14.90
N SER D 219 3.66 -21.62 13.57
CA SER D 219 4.90 -21.53 12.81
C SER D 219 4.72 -20.55 11.66
N GLY D 220 5.65 -19.61 11.51
CA GLY D 220 5.58 -18.60 10.48
C GLY D 220 6.67 -17.52 10.57
N THR D 221 6.52 -16.46 9.78
CA THR D 221 7.45 -15.32 9.79
C THR D 221 6.72 -14.00 10.06
N PHE D 222 7.28 -13.21 10.97
CA PHE D 222 6.61 -11.96 11.37
C PHE D 222 7.50 -10.72 11.44
N ASN D 223 7.08 -9.66 10.72
CA ASN D 223 7.70 -8.37 10.88
C ASN D 223 7.43 -7.88 12.31
N ILE D 224 8.49 -7.47 12.99
CA ILE D 224 8.36 -6.82 14.27
C ILE D 224 8.99 -5.45 14.20
N GLY D 225 8.16 -4.42 14.01
CA GLY D 225 8.63 -3.04 14.05
C GLY D 225 7.84 -2.21 15.03
N SER D 226 8.26 -0.96 15.23
CA SER D 226 7.57 -0.07 16.13
C SER D 226 6.69 0.90 15.37
N GLY D 227 6.84 0.93 14.05
CA GLY D 227 6.14 1.91 13.23
C GLY D 227 6.72 3.29 13.43
N ASP D 228 7.95 3.31 13.96
CA ASP D 228 8.72 4.54 14.15
C ASP D 228 9.80 4.67 13.10
N ALA D 229 9.43 5.16 11.92
CA ALA D 229 10.40 5.44 10.88
C ALA D 229 11.06 6.83 11.05
N LEU D 230 12.34 6.85 11.40
CA LEU D 230 13.03 8.13 11.62
C LEU D 230 14.17 8.43 10.62
N THR D 231 14.51 9.71 10.49
CA THR D 231 15.67 10.14 9.72
C THR D 231 16.88 10.19 10.64
N ASN D 232 18.07 10.24 10.06
CA ASN D 232 19.28 10.37 10.85
C ASN D 232 19.24 11.68 11.63
N TYR D 233 18.64 12.71 11.03
CA TYR D 233 18.47 13.97 11.74
C TYR D 233 17.54 13.80 12.94
N GLU D 234 16.34 13.27 12.72
CA GLU D 234 15.38 13.13 13.81
C GLU D 234 15.99 12.33 14.97
N VAL D 235 16.81 11.33 14.65
CA VAL D 235 17.46 10.51 15.66
C VAL D 235 18.53 11.27 16.45
N ALA D 236 19.48 11.87 15.72
CA ALA D 236 20.51 12.71 16.34
C ALA D 236 19.86 13.75 17.25
N ASN D 237 18.75 14.32 16.79
CA ASN D 237 18.09 15.39 17.50
C ASN D 237 17.42 14.93 18.80
N THR D 238 16.69 13.83 18.72
CA THR D 238 16.01 13.29 19.88
C THR D 238 17.01 12.93 20.97
N ILE D 239 18.10 12.30 20.58
CA ILE D 239 19.16 11.94 21.52
C ILE D 239 19.72 13.22 22.13
N ASN D 240 20.11 14.16 21.29
CA ASN D 240 20.63 15.44 21.75
C ASN D 240 19.67 16.07 22.75
N ASN D 241 18.40 16.16 22.38
CA ASN D 241 17.39 16.81 23.22
C ASN D 241 17.22 16.14 24.59
N ALA D 242 17.48 14.84 24.68
CA ALA D 242 17.27 14.13 25.92
C ALA D 242 18.56 13.89 26.71
N PHE D 243 19.68 14.34 26.15
CA PHE D 243 20.99 14.14 26.77
C PHE D 243 21.63 15.49 27.13
N GLY D 244 20.86 16.57 27.03
CA GLY D 244 21.38 17.89 27.31
C GLY D 244 22.53 18.29 26.40
N ASN D 245 22.35 18.03 25.11
CA ASN D 245 23.33 18.39 24.10
C ASN D 245 22.58 19.11 23.01
N LYS D 246 21.53 19.82 23.42
CA LYS D 246 20.63 20.51 22.49
C LYS D 246 21.34 21.17 21.30
N ASP D 247 20.89 20.77 20.10
CA ASP D 247 21.33 21.39 18.84
C ASP D 247 22.83 21.36 18.61
N ASN D 248 23.52 20.41 19.23
CA ASN D 248 24.93 20.16 18.94
C ASN D 248 25.04 19.18 17.78
N LEU D 249 24.79 19.67 16.57
CA LEU D 249 24.71 18.81 15.39
C LEU D 249 25.45 19.41 14.21
N LEU D 250 26.11 18.56 13.44
CA LEU D 250 26.74 19.01 12.22
C LEU D 250 26.29 18.11 11.08
N VAL D 251 25.69 18.70 10.05
CA VAL D 251 25.26 17.93 8.89
C VAL D 251 26.13 18.21 7.66
N LYS D 252 26.60 17.13 7.02
CA LYS D 252 27.56 17.22 5.90
C LYS D 252 27.05 16.60 4.59
N ASN D 253 26.15 17.27 3.91
CA ASN D 253 25.61 16.72 2.66
C ASN D 253 26.57 16.89 1.50
N SER D 262 15.88 3.94 2.64
CA SER D 262 14.72 3.84 3.52
C SER D 262 14.34 2.41 3.89
N SER D 263 13.96 2.22 5.15
CA SER D 263 13.80 0.89 5.71
C SER D 263 12.70 0.89 6.78
N TYR D 264 11.56 0.29 6.47
CA TYR D 264 10.51 0.10 7.46
C TYR D 264 9.46 -0.88 6.97
N ASP D 266 5.44 -3.00 7.50
CA ASP D 266 4.11 -3.22 8.03
C ASP D 266 4.17 -4.35 9.07
N SER D 267 3.58 -4.12 10.25
CA SER D 267 3.56 -5.12 11.30
C SER D 267 2.13 -5.51 11.68
N SER D 268 1.21 -5.34 10.74
CA SER D 268 -0.19 -5.75 10.91
C SER D 268 -0.24 -7.19 11.35
N LYS D 269 0.34 -8.05 10.54
CA LYS D 269 0.40 -9.48 10.80
C LYS D 269 0.69 -9.80 12.28
N ALA D 270 1.78 -9.29 12.82
CA ALA D 270 2.12 -9.59 14.22
C ALA D 270 1.09 -9.02 15.17
N LYS D 271 0.49 -7.91 14.78
CA LYS D 271 -0.54 -7.23 15.57
C LYS D 271 -1.76 -8.12 15.75
N GLU D 272 -2.16 -8.83 14.70
CA GLU D 272 -3.31 -9.73 14.74
C GLU D 272 -3.00 -11.13 15.28
N LEU D 273 -2.03 -11.80 14.67
CA LEU D 273 -1.74 -13.20 14.97
C LEU D 273 -1.00 -13.38 16.29
N LEU D 274 -0.11 -12.47 16.61
CA LEU D 274 0.60 -12.59 17.88
C LEU D 274 -0.01 -11.68 18.94
N ASP D 275 -1.03 -10.94 18.53
CA ASP D 275 -1.72 -10.03 19.44
C ASP D 275 -0.67 -9.10 20.04
N PHE D 276 0.16 -8.50 19.18
CA PHE D 276 1.34 -7.78 19.65
C PHE D 276 1.49 -6.36 19.14
N SER D 277 1.90 -5.47 20.02
CA SER D 277 2.28 -4.11 19.63
C SER D 277 3.34 -3.48 20.55
N THR D 278 4.01 -2.47 20.04
CA THR D 278 5.10 -1.85 20.79
C THR D 278 4.57 -0.91 21.87
N ASP D 279 5.35 -0.75 22.93
CA ASP D 279 5.00 0.11 24.04
C ASP D 279 5.73 1.43 23.93
N TYR D 280 6.98 1.34 23.47
CA TYR D 280 7.85 2.50 23.44
C TYR D 280 7.92 3.15 22.08
N ASN D 281 8.31 4.41 22.11
CA ASN D 281 8.64 5.17 20.92
C ASN D 281 10.06 5.69 21.14
N PHE D 282 10.71 6.13 20.08
CA PHE D 282 12.10 6.49 20.20
C PHE D 282 12.33 7.44 21.38
N ALA D 283 11.56 8.52 21.43
CA ALA D 283 11.78 9.57 22.43
C ALA D 283 11.70 9.05 23.87
N THR D 284 10.73 8.19 24.12
CA THR D 284 10.53 7.62 25.46
C THR D 284 11.59 6.58 25.81
N ALA D 285 11.99 5.79 24.81
CA ALA D 285 13.01 4.78 25.01
C ALA D 285 14.37 5.45 25.29
N VAL D 286 14.57 6.61 24.69
CA VAL D 286 15.84 7.30 24.81
C VAL D 286 15.99 7.94 26.19
N GLU D 287 14.94 8.61 26.68
CA GLU D 287 14.97 9.20 28.01
C GLU D 287 15.25 8.12 29.04
N GLU D 288 14.96 6.89 28.67
CA GLU D 288 15.17 5.75 29.55
C GLU D 288 16.62 5.27 29.42
N ILE D 289 17.11 5.22 28.19
CA ILE D 289 18.49 4.81 27.96
C ILE D 289 19.47 5.82 28.55
N HIS D 290 19.04 7.06 28.66
CA HIS D 290 19.89 8.10 29.22
C HIS D 290 20.10 7.92 30.73
N LEU D 291 19.01 7.88 31.48
CA LEU D 291 19.07 7.66 32.92
C LEU D 291 19.89 6.40 33.25
N LEU D 292 19.75 5.38 32.42
CA LEU D 292 20.44 4.13 32.64
C LEU D 292 21.95 4.29 32.54
N ARG D 294 23.45 6.77 33.33
CA ARG D 294 23.84 7.72 34.35
C ARG D 294 24.46 7.03 35.52
N GLY D 295 24.19 5.76 35.65
CA GLY D 295 24.79 4.98 36.70
C GLY D 295 25.30 3.77 35.99
N LEU D 296 26.54 3.83 35.55
CA LEU D 296 27.40 4.91 35.93
C LEU D 296 28.76 4.52 35.43
N ASP D 297 29.83 4.94 36.11
CA ASP D 297 31.11 4.30 35.85
C ASP D 297 31.82 4.86 34.64
N ASP D 298 31.64 4.20 33.50
CA ASP D 298 32.45 4.49 32.33
C ASP D 298 31.70 4.39 31.00
N VAL D 299 31.81 5.45 30.20
CA VAL D 299 31.23 5.49 28.87
C VAL D 299 32.32 5.88 27.87
N PRO D 300 33.03 4.88 27.34
CA PRO D 300 34.10 5.14 26.38
C PRO D 300 33.48 5.74 25.14
N LEU D 301 34.16 6.63 24.44
CA LEU D 301 33.56 7.17 23.22
C LEU D 301 33.85 6.27 22.03
N TRP D 302 34.64 5.22 22.25
CA TRP D 302 34.89 4.24 21.19
C TRP D 302 34.98 2.79 21.70
N TYR D 303 35.05 1.87 20.75
CA TYR D 303 35.26 0.46 21.02
C TYR D 303 36.02 -0.15 19.85
N SER E 2 34.90 -16.62 -31.33
CA SER E 2 34.75 -15.20 -30.99
C SER E 2 34.74 -14.95 -29.47
N LEU E 3 33.69 -15.40 -28.80
CA LEU E 3 33.59 -15.25 -27.35
C LEU E 3 34.27 -16.41 -26.62
N LYS E 4 34.96 -16.11 -25.52
CA LYS E 4 35.51 -17.13 -24.63
C LYS E 4 34.70 -17.22 -23.33
N ILE E 5 34.06 -18.37 -23.13
CA ILE E 5 33.08 -18.54 -22.07
C ILE E 5 33.49 -19.60 -21.05
N ALA E 6 33.95 -19.15 -19.90
CA ALA E 6 34.37 -20.08 -18.86
C ALA E 6 33.14 -20.81 -18.30
N VAL E 7 33.24 -22.13 -18.16
CA VAL E 7 32.19 -22.91 -17.54
C VAL E 7 32.68 -23.61 -16.28
N THR E 8 32.46 -22.98 -15.14
CA THR E 8 32.52 -23.63 -13.84
C THR E 8 31.59 -24.85 -13.85
N GLY E 9 32.11 -26.01 -13.49
CA GLY E 9 31.30 -27.22 -13.48
C GLY E 9 31.19 -27.99 -14.79
N GLY E 10 31.97 -27.59 -15.80
CA GLY E 10 31.86 -28.13 -17.16
C GLY E 10 32.07 -29.63 -17.35
N THR E 11 32.57 -30.29 -16.31
CA THR E 11 32.87 -31.70 -16.36
C THR E 11 31.65 -32.53 -15.95
N GLY E 12 30.85 -31.95 -15.06
CA GLY E 12 29.69 -32.63 -14.52
C GLY E 12 28.65 -32.91 -15.58
N PHE E 13 27.54 -33.48 -15.14
CA PHE E 13 26.48 -33.89 -16.03
C PHE E 13 25.99 -32.78 -16.96
N LEU E 14 25.29 -31.80 -16.40
CA LEU E 14 24.80 -30.69 -17.20
C LEU E 14 25.96 -29.90 -17.78
N GLY E 15 27.03 -29.73 -17.02
CA GLY E 15 28.20 -29.05 -17.50
C GLY E 15 28.57 -29.47 -18.92
N GLN E 16 28.45 -30.76 -19.20
CA GLN E 16 28.88 -31.32 -20.49
C GLN E 16 27.92 -30.97 -21.64
N TYR E 17 26.66 -30.73 -21.32
CA TYR E 17 25.74 -30.23 -22.32
C TYR E 17 26.03 -28.75 -22.60
N VAL E 18 26.20 -27.95 -21.55
CA VAL E 18 26.42 -26.52 -21.73
C VAL E 18 27.67 -26.28 -22.58
N VAL E 19 28.70 -27.07 -22.34
CA VAL E 19 29.94 -26.99 -23.10
C VAL E 19 29.72 -27.26 -24.58
N GLU E 20 28.97 -28.33 -24.88
CA GLU E 20 28.71 -28.72 -26.26
C GLU E 20 27.97 -27.62 -27.01
N SER E 21 26.95 -27.04 -26.36
CA SER E 21 26.15 -25.99 -26.96
C SER E 21 26.91 -24.68 -27.12
N ILE E 22 27.90 -24.45 -26.28
CA ILE E 22 28.73 -23.28 -26.47
C ILE E 22 29.54 -23.47 -27.74
N LYS E 23 30.21 -24.61 -27.86
CA LYS E 23 30.99 -24.93 -29.07
C LYS E 23 30.15 -24.83 -30.35
N ASN E 24 29.00 -25.49 -30.36
CA ASN E 24 28.15 -25.47 -31.55
C ASN E 24 27.63 -24.08 -31.91
N ASP E 25 27.82 -23.14 -30.99
CA ASP E 25 27.30 -21.80 -31.19
C ASP E 25 28.35 -20.87 -31.80
N GLY E 26 29.58 -21.35 -31.90
CA GLY E 26 30.65 -20.57 -32.51
C GLY E 26 31.60 -19.99 -31.50
N ASN E 27 31.35 -20.23 -30.22
CA ASN E 27 32.21 -19.70 -29.18
C ASN E 27 33.07 -20.77 -28.55
N THR E 28 34.02 -20.33 -27.73
CA THR E 28 35.01 -21.23 -27.19
C THR E 28 34.78 -21.48 -25.70
N PRO E 29 34.36 -22.73 -25.38
CA PRO E 29 34.11 -23.18 -24.01
C PRO E 29 35.43 -23.24 -23.29
N ILE E 30 35.45 -22.98 -21.99
CA ILE E 30 36.67 -23.11 -21.23
C ILE E 30 36.32 -23.71 -19.90
N ILE E 31 36.58 -25.01 -19.76
CA ILE E 31 36.15 -25.78 -18.61
C ILE E 31 37.01 -25.52 -17.37
N LEU E 32 36.48 -24.77 -16.41
CA LEU E 32 37.18 -24.61 -15.14
C LEU E 32 36.99 -25.87 -14.31
N THR E 33 38.08 -26.41 -13.78
CA THR E 33 38.02 -27.67 -13.04
C THR E 33 39.02 -27.72 -11.91
N ARG E 34 38.67 -28.42 -10.84
CA ARG E 34 39.53 -28.56 -9.66
C ARG E 34 40.86 -29.26 -10.00
N SER E 35 40.80 -30.23 -10.91
CA SER E 35 41.96 -31.01 -11.34
C SER E 35 41.65 -31.83 -12.61
N ILE E 36 42.68 -32.10 -13.41
CA ILE E 36 42.58 -32.92 -14.62
C ILE E 36 43.40 -34.20 -14.48
N GLY E 37 42.87 -35.33 -14.93
CA GLY E 37 43.64 -36.56 -14.94
C GLY E 37 44.54 -36.63 -16.15
N TYR E 44 38.42 -29.35 -26.21
CA TYR E 44 38.19 -28.11 -25.49
C TYR E 44 39.38 -27.74 -24.63
N GLU E 45 39.38 -26.51 -24.11
CA GLU E 45 40.41 -26.07 -23.19
C GLU E 45 39.97 -26.34 -21.76
N TYR E 46 40.91 -26.74 -20.92
CA TYR E 46 40.66 -26.92 -19.50
C TYR E 46 41.59 -26.02 -18.69
N ARG E 47 41.07 -25.46 -17.60
CA ARG E 47 41.93 -24.71 -16.69
C ARG E 47 41.70 -25.20 -15.28
N VAL E 48 42.79 -25.64 -14.66
CA VAL E 48 42.76 -26.08 -13.27
C VAL E 48 42.70 -24.87 -12.36
N SER E 49 41.77 -24.91 -11.41
CA SER E 49 41.64 -23.85 -10.41
C SER E 49 41.54 -24.43 -9.02
N ASP E 50 41.96 -23.68 -8.01
CA ASP E 50 41.69 -24.05 -6.63
C ASP E 50 40.53 -23.19 -6.10
N TYR E 51 39.85 -22.53 -7.01
CA TYR E 51 38.67 -21.75 -6.69
C TYR E 51 38.90 -20.70 -5.58
N THR E 52 40.15 -20.37 -5.30
CA THR E 52 40.50 -19.19 -4.49
C THR E 52 40.35 -17.89 -5.29
N LEU E 53 40.08 -16.79 -4.60
CA LEU E 53 39.86 -15.51 -5.29
C LEU E 53 41.00 -15.23 -6.25
N GLU E 54 42.22 -15.19 -5.72
CA GLU E 54 43.40 -14.88 -6.54
C GLU E 54 43.50 -15.79 -7.76
N ASP E 55 43.45 -17.10 -7.53
CA ASP E 55 43.58 -18.06 -8.62
C ASP E 55 42.57 -17.79 -9.74
N LEU E 56 41.30 -17.60 -9.37
CA LEU E 56 40.23 -17.38 -10.36
C LEU E 56 40.39 -16.07 -11.13
N ILE E 57 40.84 -15.02 -10.46
CA ILE E 57 41.12 -13.77 -11.15
C ILE E 57 42.03 -14.09 -12.32
N ASN E 58 43.02 -14.92 -12.05
CA ASN E 58 44.00 -15.34 -13.05
C ASN E 58 43.43 -16.23 -14.18
N GLN E 59 42.72 -17.29 -13.82
CA GLN E 59 42.13 -18.19 -14.81
C GLN E 59 41.09 -17.52 -15.70
N LEU E 60 40.65 -16.32 -15.32
CA LEU E 60 39.57 -15.65 -16.05
C LEU E 60 39.98 -14.36 -16.75
N ASN E 61 41.27 -14.17 -17.02
CA ASN E 61 41.74 -12.89 -17.57
C ASN E 61 41.75 -12.78 -19.09
N ASP E 62 41.23 -13.79 -19.79
CA ASP E 62 40.99 -13.66 -21.22
C ASP E 62 39.55 -14.01 -21.57
N VAL E 63 38.67 -13.98 -20.57
CA VAL E 63 37.33 -14.55 -20.68
C VAL E 63 36.23 -13.51 -20.77
N ASP E 64 35.23 -13.81 -21.59
CA ASP E 64 34.12 -12.89 -21.87
C ASP E 64 32.87 -13.11 -21.02
N ALA E 65 32.41 -14.36 -20.91
CA ALA E 65 31.31 -14.66 -20.01
C ALA E 65 31.62 -15.83 -19.07
N VAL E 66 30.67 -16.10 -18.18
CA VAL E 66 30.81 -17.19 -17.24
C VAL E 66 29.48 -17.91 -17.11
N VAL E 67 29.50 -19.23 -17.24
CA VAL E 67 28.34 -20.06 -16.93
C VAL E 67 28.66 -20.87 -15.68
N HIS E 68 27.99 -20.57 -14.58
CA HIS E 68 28.36 -21.15 -13.28
C HIS E 68 27.50 -22.36 -12.87
N LEU E 69 28.06 -23.57 -13.00
CA LEU E 69 27.31 -24.81 -12.71
C LEU E 69 27.91 -25.68 -11.58
N ALA E 70 29.14 -25.42 -11.20
CA ALA E 70 29.79 -26.19 -10.14
C ALA E 70 28.91 -26.16 -8.93
N ALA E 71 28.46 -27.34 -8.50
CA ALA E 71 27.55 -27.46 -7.39
C ALA E 71 27.69 -28.80 -6.64
N THR E 72 27.05 -28.88 -5.48
CA THR E 72 26.98 -30.10 -4.72
C THR E 72 25.50 -30.42 -4.49
N ARG E 73 25.18 -31.71 -4.39
CA ARG E 73 23.79 -32.11 -4.18
C ARG E 73 23.56 -32.53 -2.72
N GLY E 74 24.64 -32.90 -2.05
CA GLY E 74 24.61 -33.13 -0.61
C GLY E 74 23.81 -34.33 -0.15
N SER E 75 24.51 -35.33 0.37
CA SER E 75 23.88 -36.56 0.85
C SER E 75 23.15 -36.43 2.20
N GLN E 76 23.74 -35.68 3.14
CA GLN E 76 23.30 -35.75 4.54
C GLN E 76 22.13 -34.84 4.95
N GLY E 77 21.65 -34.01 4.05
CA GLY E 77 20.67 -33.00 4.42
C GLY E 77 21.20 -31.92 5.35
N LYS E 78 22.49 -31.64 5.29
CA LYS E 78 23.10 -30.61 6.14
C LYS E 78 23.47 -29.36 5.34
N ILE E 79 23.29 -28.19 5.94
CA ILE E 79 23.59 -26.95 5.24
C ILE E 79 25.10 -26.79 5.01
N SER E 80 25.92 -27.28 5.93
CA SER E 80 27.37 -27.18 5.78
C SER E 80 27.84 -27.87 4.50
N GLU E 81 27.07 -28.85 4.03
CA GLU E 81 27.42 -29.57 2.82
C GLU E 81 27.48 -28.63 1.63
N PHE E 82 26.84 -27.47 1.79
CA PHE E 82 26.73 -26.53 0.69
C PHE E 82 27.57 -25.26 0.84
N HIS E 83 28.28 -25.14 1.95
CA HIS E 83 29.09 -23.95 2.24
C HIS E 83 30.27 -23.73 1.29
N ASP E 84 30.90 -24.78 0.77
CA ASP E 84 31.97 -24.57 -0.20
C ASP E 84 31.42 -23.95 -1.48
N ASN E 85 30.22 -24.32 -1.87
CA ASN E 85 29.62 -23.76 -3.07
C ASN E 85 29.38 -22.28 -2.93
N GLU E 86 29.03 -21.87 -1.73
CA GLU E 86 28.69 -20.48 -1.50
C GLU E 86 29.92 -19.60 -1.47
N ILE E 87 31.00 -20.12 -0.90
CA ILE E 87 32.28 -19.42 -0.93
C ILE E 87 32.78 -19.34 -2.36
N LEU E 88 32.64 -20.44 -3.08
CA LEU E 88 33.13 -20.55 -4.44
C LEU E 88 32.40 -19.59 -5.36
N THR E 89 31.09 -19.47 -5.15
CA THR E 89 30.28 -18.54 -5.94
C THR E 89 30.71 -17.10 -5.70
N GLN E 90 30.95 -16.74 -4.44
CA GLN E 90 31.35 -15.37 -4.16
C GLN E 90 32.72 -15.03 -4.73
N ASN E 91 33.67 -15.97 -4.61
CA ASN E 91 35.01 -15.77 -5.13
C ASN E 91 34.98 -15.61 -6.64
N LEU E 92 34.19 -16.48 -7.29
CA LEU E 92 33.96 -16.39 -8.73
C LEU E 92 33.41 -15.02 -9.13
N TYR E 93 32.47 -14.50 -8.37
CA TYR E 93 31.93 -13.19 -8.68
C TYR E 93 32.94 -12.06 -8.43
N ASP E 94 33.64 -12.09 -7.28
CA ASP E 94 34.71 -11.13 -7.04
C ASP E 94 35.66 -11.11 -8.22
N ALA E 95 35.86 -12.28 -8.84
CA ALA E 95 36.83 -12.41 -9.92
C ALA E 95 36.29 -11.91 -11.26
N CYS E 96 35.03 -12.17 -11.56
CA CYS E 96 34.46 -11.60 -12.75
C CYS E 96 34.63 -10.09 -12.68
N TYR E 97 34.45 -9.55 -11.48
CA TYR E 97 34.51 -8.10 -11.28
C TYR E 97 35.90 -7.54 -11.55
N GLU E 98 36.93 -8.20 -11.02
CA GLU E 98 38.32 -7.78 -11.24
C GLU E 98 38.68 -7.85 -12.69
N ASN E 99 38.00 -8.72 -13.43
CA ASN E 99 38.32 -8.98 -14.81
C ASN E 99 37.42 -8.24 -15.78
N ASN E 100 36.51 -7.43 -15.25
CA ASN E 100 35.52 -6.75 -16.07
C ASN E 100 34.53 -7.68 -16.77
N ILE E 101 34.21 -8.81 -16.16
CA ILE E 101 33.26 -9.73 -16.74
C ILE E 101 31.91 -9.48 -16.11
N SER E 102 30.90 -9.16 -16.93
CA SER E 102 29.59 -8.82 -16.38
C SER E 102 28.55 -9.89 -16.74
N ASN E 103 28.70 -10.49 -17.92
CA ASN E 103 27.73 -11.43 -18.45
C ASN E 103 27.89 -12.81 -17.82
N ILE E 104 27.03 -13.10 -16.84
CA ILE E 104 27.13 -14.32 -16.08
C ILE E 104 25.80 -15.07 -16.06
N VAL E 105 25.88 -16.39 -15.97
CA VAL E 105 24.68 -17.21 -15.88
C VAL E 105 24.91 -18.22 -14.77
N TYR E 106 23.95 -18.33 -13.86
CA TYR E 106 24.07 -19.25 -12.74
C TYR E 106 22.97 -20.29 -12.73
N ALA E 107 23.36 -21.55 -12.54
CA ALA E 107 22.45 -22.67 -12.47
C ALA E 107 21.71 -22.72 -11.14
N SER E 108 20.42 -22.37 -11.17
CA SER E 108 19.56 -22.50 -10.01
C SER E 108 18.52 -23.56 -10.27
N THR E 109 17.58 -23.71 -9.35
CA THR E 109 16.72 -24.89 -9.39
C THR E 109 15.27 -24.56 -9.08
N ILE E 110 14.37 -25.37 -9.63
CA ILE E 110 12.94 -25.25 -9.34
C ILE E 110 12.74 -25.50 -7.87
N SER E 111 13.69 -26.22 -7.29
CA SER E 111 13.65 -26.52 -5.85
C SER E 111 13.77 -25.28 -4.99
N ALA E 112 13.58 -24.11 -5.59
CA ALA E 112 13.51 -22.88 -4.83
C ALA E 112 12.08 -22.70 -4.32
N TYR E 113 11.15 -23.46 -4.93
CA TYR E 113 9.73 -23.36 -4.62
C TYR E 113 9.21 -24.62 -3.91
N SER E 114 7.98 -24.54 -3.36
CA SER E 114 7.39 -25.69 -2.67
C SER E 114 5.85 -25.62 -2.43
N ASP E 115 5.33 -24.45 -2.05
CA ASP E 115 3.90 -24.28 -1.80
C ASP E 115 3.03 -24.86 -2.91
N GLU E 116 2.50 -26.06 -2.70
CA GLU E 116 1.64 -26.75 -3.67
C GLU E 116 0.37 -25.96 -3.99
N THR E 117 0.14 -24.91 -3.22
CA THR E 117 -1.06 -24.10 -3.32
C THR E 117 -0.96 -23.05 -4.41
N SER E 118 0.21 -22.96 -5.02
CA SER E 118 0.63 -21.75 -5.71
C SER E 118 0.88 -21.93 -7.21
N LEU E 119 0.76 -23.17 -7.71
CA LEU E 119 1.13 -23.51 -9.08
C LEU E 119 0.20 -22.96 -10.17
N PRO E 120 0.77 -22.57 -11.33
CA PRO E 120 2.20 -22.69 -11.66
C PRO E 120 3.03 -21.57 -11.03
N TRP E 121 4.28 -21.89 -10.71
CA TRP E 121 5.11 -20.92 -10.00
C TRP E 121 5.77 -19.92 -10.94
N ASN E 122 5.64 -18.63 -10.64
CA ASN E 122 6.40 -17.65 -11.40
C ASN E 122 7.42 -16.93 -10.52
N GLU E 123 8.20 -16.02 -11.11
CA GLU E 123 9.30 -15.39 -10.41
C GLU E 123 8.85 -14.48 -9.26
N LYS E 124 7.59 -14.03 -9.29
CA LYS E 124 7.07 -13.23 -8.19
C LYS E 124 6.72 -14.12 -6.99
N GLU E 125 6.71 -15.42 -7.20
CA GLU E 125 6.46 -16.39 -6.14
C GLU E 125 7.46 -16.27 -5.00
N LEU E 126 6.98 -16.25 -3.77
CA LEU E 126 7.87 -16.31 -2.62
C LEU E 126 8.60 -17.64 -2.61
N PRO E 127 9.94 -17.60 -2.60
CA PRO E 127 10.68 -18.85 -2.44
C PRO E 127 10.45 -19.42 -1.04
N LEU E 128 10.39 -20.74 -0.99
CA LEU E 128 10.24 -21.50 0.24
C LEU E 128 10.87 -22.84 -0.08
N PRO E 129 12.20 -22.94 0.11
CA PRO E 129 12.93 -24.14 -0.29
C PRO E 129 12.48 -25.38 0.48
N ASP E 130 12.47 -26.53 -0.18
CA ASP E 130 12.08 -27.79 0.44
C ASP E 130 13.31 -28.60 0.90
N LEU E 131 14.50 -28.16 0.49
CA LEU E 131 15.72 -28.87 0.81
C LEU E 131 16.83 -27.90 1.14
N TYR E 133 19.60 -28.24 -0.06
CA TYR E 133 20.04 -28.02 -1.43
C TYR E 133 19.50 -26.68 -1.95
N GLY E 134 18.18 -26.52 -1.86
CA GLY E 134 17.50 -25.37 -2.42
C GLY E 134 17.68 -24.11 -1.60
N VAL E 135 17.98 -24.25 -0.32
CA VAL E 135 18.30 -23.09 0.50
C VAL E 135 19.59 -22.51 -0.01
N SER E 136 20.54 -23.38 -0.27
CA SER E 136 21.85 -22.94 -0.73
C SER E 136 21.78 -22.26 -2.10
N LYS E 137 21.02 -22.84 -3.03
CA LYS E 137 20.81 -22.20 -4.32
C LYS E 137 20.22 -20.81 -4.14
N LEU E 138 19.21 -20.69 -3.28
CA LEU E 138 18.62 -19.39 -2.94
C LEU E 138 19.68 -18.40 -2.46
N ALA E 139 20.58 -18.85 -1.60
CA ALA E 139 21.67 -18.02 -1.10
C ALA E 139 22.58 -17.53 -2.23
N CYS E 140 23.04 -18.45 -3.08
CA CYS E 140 23.90 -18.09 -4.21
C CYS E 140 23.17 -17.13 -5.14
N GLU E 141 21.84 -17.25 -5.21
CA GLU E 141 21.03 -16.39 -6.06
C GLU E 141 21.18 -14.95 -5.60
N HIS E 142 21.06 -14.76 -4.29
CA HIS E 142 21.16 -13.43 -3.70
C HIS E 142 22.60 -12.91 -3.62
N ILE E 143 23.57 -13.81 -3.49
CA ILE E 143 24.97 -13.40 -3.62
C ILE E 143 25.13 -12.78 -5.00
N GLY E 144 24.48 -13.41 -5.97
CA GLY E 144 24.50 -12.91 -7.33
C GLY E 144 23.72 -11.62 -7.51
N ASN E 145 22.56 -11.53 -6.88
CA ASN E 145 21.71 -10.37 -7.03
C ASN E 145 22.40 -9.12 -6.50
N ILE E 146 23.17 -9.28 -5.43
CA ILE E 146 23.91 -8.17 -4.83
C ILE E 146 25.05 -7.66 -5.71
N TYR E 147 25.89 -8.58 -6.19
CA TYR E 147 26.95 -8.22 -7.10
C TYR E 147 26.40 -7.55 -8.35
N SER E 148 25.21 -7.98 -8.79
CA SER E 148 24.55 -7.33 -9.93
C SER E 148 24.13 -5.88 -9.63
N ARG E 149 23.61 -5.65 -8.42
CA ARG E 149 23.08 -4.33 -8.05
C ARG E 149 24.17 -3.38 -7.60
N LYS E 150 25.03 -3.85 -6.72
CA LYS E 150 26.00 -2.96 -6.10
C LYS E 150 27.36 -2.96 -6.79
N LYS E 151 27.57 -3.85 -7.76
CA LYS E 151 28.89 -3.95 -8.39
C LYS E 151 28.88 -3.99 -9.92
N GLY E 152 27.72 -3.83 -10.54
CA GLY E 152 27.63 -3.67 -11.98
C GLY E 152 27.71 -4.96 -12.77
N LEU E 153 27.66 -6.09 -12.07
CA LEU E 153 27.59 -7.39 -12.72
C LEU E 153 26.20 -7.62 -13.34
N CYS E 154 26.10 -8.59 -14.23
CA CYS E 154 24.83 -8.91 -14.88
C CYS E 154 24.51 -10.39 -14.78
N ILE E 155 24.31 -10.86 -13.55
CA ILE E 155 24.13 -12.27 -13.27
C ILE E 155 22.69 -12.73 -13.52
N LYS E 156 22.54 -13.69 -14.43
CA LYS E 156 21.23 -14.23 -14.76
C LYS E 156 20.98 -15.62 -14.13
N ASN E 157 20.33 -15.59 -12.97
CA ASN E 157 19.94 -16.80 -12.26
C ASN E 157 18.82 -17.58 -12.97
N LEU E 158 19.13 -18.82 -13.37
CA LEU E 158 18.14 -19.67 -14.02
C LEU E 158 17.65 -20.79 -13.10
N ARG E 159 16.36 -20.76 -12.78
CA ARG E 159 15.76 -21.79 -11.95
C ARG E 159 15.30 -22.96 -12.83
N PHE E 160 16.18 -23.94 -13.02
CA PHE E 160 15.92 -25.06 -13.92
C PHE E 160 14.90 -26.04 -13.35
N ALA E 161 14.01 -26.51 -14.20
CA ALA E 161 13.14 -27.63 -13.86
C ALA E 161 14.01 -28.85 -13.58
N HIS E 162 13.37 -29.96 -13.20
CA HIS E 162 14.10 -31.16 -12.83
C HIS E 162 14.87 -31.73 -14.03
N LEU E 163 16.20 -31.68 -13.95
CA LEU E 163 17.05 -32.03 -15.08
C LEU E 163 17.18 -33.53 -15.34
N TYR E 164 16.95 -33.92 -16.58
CA TYR E 164 17.15 -35.29 -16.98
C TYR E 164 17.89 -35.34 -18.32
N GLY E 165 18.46 -36.49 -18.67
CA GLY E 165 19.16 -36.60 -19.95
C GLY E 165 19.72 -37.96 -20.32
N PHE E 166 20.83 -37.93 -21.05
CA PHE E 166 21.47 -39.17 -21.50
C PHE E 166 22.69 -39.53 -20.66
N ASN E 167 22.81 -40.83 -20.39
CA ASN E 167 23.88 -41.41 -19.59
C ASN E 167 24.25 -40.63 -18.34
N GLU E 168 23.26 -40.37 -17.50
CA GLU E 168 23.54 -39.79 -16.20
C GLU E 168 23.78 -40.91 -15.20
N LYS E 169 25.05 -41.23 -14.99
CA LYS E 169 25.47 -42.31 -14.12
C LYS E 169 25.02 -42.10 -12.67
N ASN E 170 23.72 -42.22 -12.43
CA ASN E 170 23.16 -42.18 -11.08
C ASN E 170 21.94 -43.11 -10.94
N ASN E 171 21.53 -43.37 -9.71
CA ASN E 171 20.50 -44.37 -9.45
C ASN E 171 19.11 -43.79 -9.14
N TYR E 172 18.94 -42.49 -9.38
CA TYR E 172 17.64 -41.85 -9.17
C TYR E 172 16.57 -42.29 -10.17
N ILE E 174 14.11 -41.43 -12.79
CA ILE E 174 14.05 -41.39 -14.24
C ILE E 174 15.19 -42.17 -14.86
N ASN E 175 16.29 -42.30 -14.13
CA ASN E 175 17.45 -43.06 -14.60
C ASN E 175 17.30 -44.57 -14.42
N ARG E 176 16.76 -45.01 -13.29
CA ARG E 176 16.50 -46.42 -13.09
C ARG E 176 15.52 -46.85 -14.17
N PHE E 177 14.42 -46.13 -14.30
CA PHE E 177 13.48 -46.35 -15.41
C PHE E 177 14.23 -46.52 -16.74
N PHE E 178 15.18 -45.64 -17.02
CA PHE E 178 15.92 -45.75 -18.26
C PHE E 178 16.65 -47.10 -18.34
N ARG E 179 17.60 -47.33 -17.44
CA ARG E 179 18.36 -48.57 -17.43
C ARG E 179 17.45 -49.82 -17.42
N GLN E 180 16.47 -49.84 -16.53
CA GLN E 180 15.52 -50.96 -16.41
C GLN E 180 14.81 -51.28 -17.72
N ALA E 181 13.95 -50.37 -18.17
CA ALA E 181 13.13 -50.58 -19.36
C ALA E 181 13.96 -50.79 -20.61
N PHE E 182 15.25 -50.50 -20.55
CA PHE E 182 16.11 -50.76 -21.69
C PHE E 182 16.27 -52.26 -21.84
N HIS E 183 15.76 -53.00 -20.86
CA HIS E 183 15.77 -54.46 -20.86
C HIS E 183 14.36 -55.05 -20.83
N ALA E 195 0.14 -35.87 -8.59
CA ALA E 195 1.47 -35.31 -8.35
C ALA E 195 2.22 -35.09 -9.65
N LYS E 196 2.15 -33.86 -10.18
CA LYS E 196 2.80 -33.54 -11.43
C LYS E 196 4.11 -32.78 -11.19
N ARG E 197 5.17 -33.21 -11.89
CA ARG E 197 6.47 -32.56 -11.78
C ARG E 197 7.04 -32.26 -13.17
N GLU E 198 7.64 -31.08 -13.31
CA GLU E 198 8.17 -30.60 -14.59
C GLU E 198 9.57 -31.11 -14.88
N PHE E 199 9.75 -31.70 -16.06
CA PHE E 199 11.03 -32.29 -16.40
C PHE E 199 11.65 -31.55 -17.58
N LEU E 200 12.97 -31.41 -17.57
CA LEU E 200 13.66 -30.62 -18.58
C LEU E 200 14.91 -31.33 -19.11
N TYR E 201 14.93 -31.59 -20.42
CA TYR E 201 16.07 -32.17 -21.11
C TYR E 201 17.31 -31.29 -20.97
N ALA E 202 18.41 -31.86 -20.48
CA ALA E 202 19.63 -31.10 -20.30
C ALA E 202 20.03 -30.39 -21.60
N LYS E 203 19.61 -30.94 -22.72
CA LYS E 203 19.95 -30.34 -24.00
C LYS E 203 19.20 -29.02 -24.14
N ASP E 204 17.98 -28.97 -23.61
CA ASP E 204 17.18 -27.75 -23.60
C ASP E 204 17.61 -26.81 -22.50
N ALA E 205 18.16 -27.36 -21.43
CA ALA E 205 18.75 -26.55 -20.38
C ALA E 205 19.96 -25.86 -20.96
N ALA E 206 20.72 -26.61 -21.76
CA ALA E 206 21.89 -26.03 -22.43
C ALA E 206 21.45 -24.84 -23.29
N LYS E 207 20.43 -25.05 -24.12
CA LYS E 207 19.92 -24.01 -25.00
C LYS E 207 19.47 -22.73 -24.27
N SER E 208 18.91 -22.90 -23.07
CA SER E 208 18.51 -21.76 -22.28
C SER E 208 19.74 -20.95 -21.88
N VAL E 209 20.83 -21.62 -21.52
CA VAL E 209 22.08 -20.94 -21.16
C VAL E 209 22.58 -20.10 -22.33
N ILE E 210 22.55 -20.66 -23.53
CA ILE E 210 22.97 -19.94 -24.72
C ILE E 210 22.11 -18.70 -24.97
N TYR E 211 20.82 -18.77 -24.67
CA TYR E 211 19.92 -17.64 -24.87
C TYR E 211 20.01 -16.60 -23.76
N ALA E 212 20.23 -17.07 -22.53
CA ALA E 212 20.43 -16.17 -21.41
C ALA E 212 21.72 -15.39 -21.66
N LEU E 213 22.67 -16.09 -22.28
CA LEU E 213 24.03 -15.58 -22.49
C LEU E 213 24.07 -14.45 -23.52
N LYS E 214 23.04 -14.38 -24.35
CA LYS E 214 22.92 -13.29 -25.32
C LYS E 214 22.41 -11.99 -24.67
N GLN E 215 21.69 -12.10 -23.58
CA GLN E 215 21.19 -10.92 -22.90
C GLN E 215 22.24 -10.40 -21.92
N GLU E 216 23.42 -10.08 -22.45
CA GLU E 216 24.55 -9.75 -21.59
C GLU E 216 24.32 -8.58 -20.63
N LYS E 217 23.58 -7.56 -21.05
CA LYS E 217 23.38 -6.38 -20.23
C LYS E 217 22.37 -6.68 -19.14
N VAL E 218 21.59 -7.74 -19.37
CA VAL E 218 20.46 -8.10 -18.52
C VAL E 218 20.88 -8.90 -17.28
N SER E 219 20.13 -8.72 -16.20
CA SER E 219 20.34 -9.48 -14.97
C SER E 219 19.02 -9.61 -14.24
N GLY E 220 18.79 -10.79 -13.68
CA GLY E 220 17.61 -11.07 -12.88
C GLY E 220 17.44 -12.56 -12.70
N THR E 221 16.23 -12.99 -12.34
CA THR E 221 15.97 -14.42 -12.18
C THR E 221 14.92 -14.92 -13.16
N PHE E 222 15.10 -16.15 -13.65
CA PHE E 222 14.29 -16.66 -14.74
C PHE E 222 13.97 -18.12 -14.57
N ASN E 223 12.67 -18.41 -14.50
CA ASN E 223 12.17 -19.78 -14.48
C ASN E 223 12.43 -20.41 -15.83
N ILE E 224 13.15 -21.53 -15.82
CA ILE E 224 13.46 -22.25 -17.04
C ILE E 224 12.94 -23.67 -16.99
N GLY E 225 11.66 -23.85 -17.29
CA GLY E 225 11.06 -25.17 -17.38
C GLY E 225 10.75 -25.55 -18.81
N SER E 226 9.89 -26.56 -19.00
CA SER E 226 9.54 -27.02 -20.34
C SER E 226 8.04 -27.02 -20.63
N GLY E 227 7.23 -26.82 -19.61
CA GLY E 227 5.79 -26.91 -19.76
C GLY E 227 5.32 -28.36 -19.76
N ASP E 228 6.24 -29.26 -19.39
CA ASP E 228 5.98 -30.70 -19.36
C ASP E 228 5.82 -31.22 -17.94
N ALA E 229 4.65 -31.02 -17.34
CA ALA E 229 4.40 -31.54 -15.99
C ALA E 229 3.83 -32.96 -16.03
N LEU E 230 4.64 -33.93 -15.64
CA LEU E 230 4.24 -35.33 -15.75
C LEU E 230 4.13 -36.02 -14.39
N THR E 231 3.30 -37.06 -14.34
CA THR E 231 3.19 -37.87 -13.15
C THR E 231 4.09 -39.04 -13.37
N ASN E 232 4.63 -39.61 -12.29
CA ASN E 232 5.56 -40.73 -12.43
C ASN E 232 5.02 -41.78 -13.38
N TYR E 233 3.70 -41.98 -13.32
CA TYR E 233 2.98 -42.89 -14.21
C TYR E 233 3.28 -42.51 -15.66
N GLU E 234 2.85 -41.33 -16.06
CA GLU E 234 3.06 -40.87 -17.42
C GLU E 234 4.53 -41.03 -17.79
N VAL E 235 5.41 -40.73 -16.85
CA VAL E 235 6.83 -40.90 -17.12
C VAL E 235 7.12 -42.35 -17.45
N ALA E 236 6.72 -43.25 -16.56
CA ALA E 236 6.87 -44.69 -16.78
C ALA E 236 6.33 -45.12 -18.16
N ASN E 237 5.03 -44.88 -18.35
CA ASN E 237 4.36 -45.20 -19.61
C ASN E 237 5.18 -44.70 -20.79
N THR E 238 5.31 -43.38 -20.89
CA THR E 238 6.07 -42.75 -21.96
C THR E 238 7.42 -43.41 -22.26
N ILE E 239 8.20 -43.71 -21.22
CA ILE E 239 9.50 -44.35 -21.42
C ILE E 239 9.35 -45.73 -22.07
N ASN E 240 8.44 -46.54 -21.52
CA ASN E 240 8.20 -47.90 -22.03
C ASN E 240 7.99 -47.94 -23.54
N ASN E 241 7.07 -47.13 -24.04
CA ASN E 241 6.81 -47.12 -25.48
C ASN E 241 8.04 -46.83 -26.32
N ALA E 242 8.86 -45.88 -25.89
CA ALA E 242 10.05 -45.55 -26.67
C ALA E 242 11.17 -46.56 -26.43
N PHE E 243 10.98 -47.41 -25.41
CA PHE E 243 12.01 -48.39 -25.03
C PHE E 243 11.61 -49.87 -25.30
N GLY E 244 10.31 -50.14 -25.40
CA GLY E 244 9.81 -51.50 -25.55
C GLY E 244 8.66 -51.84 -24.61
N ILE E 260 6.46 -37.11 -4.24
CA ILE E 260 5.04 -37.15 -3.92
C ILE E 260 4.45 -35.75 -3.76
N HIS E 261 5.20 -34.73 -4.17
CA HIS E 261 4.67 -33.36 -4.19
C HIS E 261 4.79 -32.73 -5.57
N SER E 262 3.80 -31.95 -5.96
CA SER E 262 3.77 -31.37 -7.30
C SER E 262 4.76 -30.23 -7.49
N SER E 263 5.48 -30.23 -8.62
CA SER E 263 6.35 -29.11 -8.95
C SER E 263 6.38 -28.73 -10.42
N TYR E 264 5.79 -27.61 -10.75
CA TYR E 264 5.89 -27.07 -12.10
C TYR E 264 5.84 -25.57 -12.07
N ASP E 266 5.70 -21.58 -14.20
CA ASP E 266 5.42 -20.66 -15.29
C ASP E 266 6.73 -20.08 -15.86
N SER E 267 7.06 -20.44 -17.10
CA SER E 267 8.29 -19.97 -17.74
C SER E 267 8.05 -18.89 -18.78
N SER E 268 7.09 -18.02 -18.48
CA SER E 268 6.71 -16.92 -19.38
C SER E 268 7.81 -15.91 -19.53
N LYS E 269 8.40 -15.51 -18.41
CA LYS E 269 9.45 -14.51 -18.38
C LYS E 269 10.57 -14.90 -19.34
N ALA E 270 11.13 -16.09 -19.15
CA ALA E 270 12.18 -16.60 -20.03
C ALA E 270 11.72 -16.58 -21.48
N LYS E 271 10.47 -16.95 -21.71
CA LYS E 271 9.90 -16.95 -23.04
C LYS E 271 10.12 -15.58 -23.67
N GLU E 272 9.66 -14.56 -22.97
CA GLU E 272 9.69 -13.20 -23.46
C GLU E 272 11.08 -12.58 -23.41
N LEU E 273 11.58 -12.37 -22.19
CA LEU E 273 12.81 -11.63 -21.95
C LEU E 273 14.06 -12.29 -22.52
N LEU E 274 14.07 -13.62 -22.58
CA LEU E 274 15.24 -14.39 -23.01
C LEU E 274 15.04 -15.03 -24.39
N ASP E 275 13.80 -15.03 -24.86
CA ASP E 275 13.44 -15.61 -26.14
C ASP E 275 13.60 -17.12 -26.11
N PHE E 276 13.37 -17.70 -24.94
CA PHE E 276 13.62 -19.12 -24.75
C PHE E 276 12.37 -19.97 -24.80
N SER E 277 12.47 -21.08 -25.50
CA SER E 277 11.43 -22.09 -25.52
C SER E 277 12.10 -23.41 -25.83
N THR E 278 11.57 -24.51 -25.31
CA THR E 278 12.20 -25.81 -25.42
C THR E 278 12.04 -26.41 -26.80
N ASP E 279 13.11 -27.00 -27.32
CA ASP E 279 13.07 -27.71 -28.60
C ASP E 279 12.34 -29.04 -28.48
N TYR E 280 12.66 -29.79 -27.42
CA TYR E 280 12.08 -31.10 -27.20
C TYR E 280 10.83 -31.10 -26.34
N ASN E 281 10.23 -32.28 -26.23
CA ASN E 281 9.25 -32.58 -25.20
C ASN E 281 9.55 -34.00 -24.70
N PHE E 282 8.96 -34.39 -23.58
CA PHE E 282 9.41 -35.57 -22.88
C PHE E 282 9.57 -36.80 -23.77
N ALA E 283 8.51 -37.15 -24.51
CA ALA E 283 8.57 -38.31 -25.40
C ALA E 283 9.72 -38.15 -26.40
N THR E 284 9.77 -37.01 -27.07
CA THR E 284 10.74 -36.75 -28.11
C THR E 284 12.17 -36.88 -27.62
N ALA E 285 12.41 -36.47 -26.38
CA ALA E 285 13.76 -36.50 -25.81
C ALA E 285 14.08 -37.92 -25.34
N VAL E 286 13.10 -38.55 -24.72
CA VAL E 286 13.22 -39.94 -24.35
C VAL E 286 13.58 -40.78 -25.57
N GLU E 287 13.02 -40.43 -26.73
CA GLU E 287 13.28 -41.16 -27.97
C GLU E 287 14.69 -40.95 -28.47
N GLU E 288 15.29 -39.83 -28.09
CA GLU E 288 16.65 -39.50 -28.48
C GLU E 288 17.61 -40.18 -27.53
N ILE E 289 17.20 -40.24 -26.27
CA ILE E 289 18.00 -40.87 -25.25
C ILE E 289 18.11 -42.36 -25.52
N HIS E 290 17.00 -42.97 -25.92
CA HIS E 290 16.98 -44.39 -26.27
C HIS E 290 18.02 -44.71 -27.35
N LEU E 291 17.95 -43.98 -28.46
CA LEU E 291 18.87 -44.13 -29.58
C LEU E 291 20.33 -44.04 -29.13
N LEU E 292 20.62 -43.07 -28.29
CA LEU E 292 21.99 -42.82 -27.86
C LEU E 292 22.52 -43.95 -26.97
N ARG E 294 22.39 -47.08 -27.15
CA ARG E 294 23.15 -48.04 -27.93
C ARG E 294 24.55 -47.47 -28.13
N GLY E 295 25.44 -47.74 -27.17
CA GLY E 295 26.81 -47.24 -27.24
C GLY E 295 27.59 -47.54 -25.98
N SER F 2 -8.14 -37.04 25.80
CA SER F 2 -9.10 -36.48 24.85
C SER F 2 -9.51 -35.07 25.25
N LEU F 3 -9.75 -34.22 24.24
CA LEU F 3 -10.38 -32.93 24.45
C LEU F 3 -11.85 -33.01 24.09
N LYS F 4 -12.70 -32.37 24.89
CA LYS F 4 -14.14 -32.26 24.58
C LYS F 4 -14.45 -30.99 23.79
N ILE F 5 -15.08 -31.17 22.63
CA ILE F 5 -15.26 -30.07 21.67
C ILE F 5 -16.72 -29.93 21.21
N ALA F 6 -17.41 -28.92 21.71
CA ALA F 6 -18.80 -28.70 21.34
C ALA F 6 -18.90 -28.17 19.92
N VAL F 7 -19.97 -28.55 19.23
CA VAL F 7 -20.16 -28.11 17.86
C VAL F 7 -21.60 -27.65 17.66
N THR F 8 -21.72 -26.34 17.71
CA THR F 8 -22.95 -25.64 17.47
C THR F 8 -23.48 -25.89 16.05
N GLY F 9 -24.69 -26.42 15.95
CA GLY F 9 -25.25 -26.79 14.66
C GLY F 9 -24.47 -27.94 14.04
N GLY F 10 -23.96 -28.81 14.92
CA GLY F 10 -23.22 -30.00 14.51
C GLY F 10 -24.17 -31.11 14.12
N THR F 11 -25.28 -30.73 13.52
CA THR F 11 -26.28 -31.66 13.05
C THR F 11 -26.47 -31.41 11.57
N GLY F 12 -25.89 -30.32 11.10
CA GLY F 12 -26.07 -29.90 9.72
C GLY F 12 -25.03 -30.47 8.79
N PHE F 13 -25.04 -30.00 7.55
CA PHE F 13 -24.15 -30.53 6.53
C PHE F 13 -22.68 -30.53 6.94
N LEU F 14 -22.11 -29.34 7.06
CA LEU F 14 -20.73 -29.21 7.52
C LEU F 14 -20.58 -29.93 8.86
N GLY F 15 -21.61 -29.81 9.69
CA GLY F 15 -21.57 -30.36 11.04
C GLY F 15 -21.25 -31.84 11.10
N GLN F 16 -21.87 -32.62 10.22
CA GLN F 16 -21.68 -34.07 10.23
C GLN F 16 -20.26 -34.47 9.77
N TYR F 17 -19.65 -33.64 8.93
CA TYR F 17 -18.24 -33.81 8.57
C TYR F 17 -17.32 -33.40 9.71
N VAL F 18 -17.68 -32.31 10.40
CA VAL F 18 -16.82 -31.72 11.41
C VAL F 18 -16.72 -32.58 12.63
N VAL F 19 -17.87 -33.08 13.07
CA VAL F 19 -17.93 -34.02 14.17
C VAL F 19 -17.13 -35.27 13.81
N GLU F 20 -17.29 -35.74 12.58
CA GLU F 20 -16.55 -36.91 12.10
C GLU F 20 -15.07 -36.64 12.22
N SER F 21 -14.64 -35.48 11.76
CA SER F 21 -13.24 -35.11 11.81
C SER F 21 -12.73 -35.09 13.26
N ILE F 22 -13.48 -34.45 14.15
CA ILE F 22 -13.06 -34.32 15.54
C ILE F 22 -12.88 -35.67 16.22
N LYS F 23 -13.76 -36.61 15.90
CA LYS F 23 -13.70 -37.99 16.40
C LYS F 23 -12.45 -38.75 15.91
N ASN F 24 -12.21 -38.68 14.60
CA ASN F 24 -11.08 -39.35 13.95
C ASN F 24 -9.71 -38.78 14.32
N ASP F 25 -9.70 -37.82 15.24
CA ASP F 25 -8.48 -37.12 15.59
C ASP F 25 -8.22 -37.33 17.07
N GLY F 26 -9.06 -38.16 17.66
CA GLY F 26 -8.87 -38.60 19.02
C GLY F 26 -9.69 -37.84 20.04
N ASN F 27 -10.56 -36.96 19.56
CA ASN F 27 -11.34 -36.09 20.45
C ASN F 27 -12.82 -36.47 20.55
N THR F 28 -13.51 -35.92 21.55
CA THR F 28 -14.94 -36.21 21.76
C THR F 28 -15.83 -35.09 21.26
N PRO F 29 -16.47 -35.30 20.10
CA PRO F 29 -17.43 -34.30 19.63
C PRO F 29 -18.58 -34.20 20.62
N ILE F 30 -19.13 -33.00 20.76
CA ILE F 30 -20.36 -32.82 21.49
C ILE F 30 -21.29 -31.99 20.64
N ILE F 31 -22.33 -32.62 20.09
CA ILE F 31 -23.27 -31.91 19.25
C ILE F 31 -24.18 -31.00 20.10
N LEU F 32 -24.17 -29.71 19.79
CA LEU F 32 -25.12 -28.80 20.39
C LEU F 32 -26.20 -28.59 19.33
N THR F 33 -27.46 -28.76 19.69
CA THR F 33 -28.55 -28.61 18.73
C THR F 33 -29.88 -28.14 19.35
N ARG F 34 -30.79 -27.65 18.50
CA ARG F 34 -32.09 -27.20 18.96
C ARG F 34 -33.00 -28.42 19.21
N SER F 35 -33.27 -29.19 18.16
CA SER F 35 -34.10 -30.37 18.29
C SER F 35 -33.37 -31.60 17.79
N ILE F 36 -33.91 -32.78 18.10
CA ILE F 36 -33.49 -34.02 17.45
C ILE F 36 -34.61 -34.58 16.55
N GLY F 37 -34.33 -34.67 15.26
CA GLY F 37 -35.25 -35.21 14.27
C GLY F 37 -34.61 -36.23 13.33
N ASP F 43 -24.97 -40.77 16.20
CA ASP F 43 -24.77 -41.55 17.42
C ASP F 43 -23.50 -41.18 18.21
N TYR F 44 -23.36 -39.89 18.54
CA TYR F 44 -22.40 -39.41 19.53
C TYR F 44 -23.21 -38.70 20.63
N GLU F 45 -22.54 -37.97 21.52
CA GLU F 45 -23.27 -37.25 22.57
C GLU F 45 -23.95 -35.94 22.10
N TYR F 46 -25.26 -35.84 22.37
CA TYR F 46 -26.03 -34.64 22.05
C TYR F 46 -26.39 -33.86 23.32
N ARG F 47 -26.36 -32.53 23.21
CA ARG F 47 -26.95 -31.69 24.24
C ARG F 47 -27.90 -30.72 23.56
N VAL F 48 -29.17 -30.81 23.95
CA VAL F 48 -30.19 -29.99 23.35
C VAL F 48 -30.20 -28.67 24.08
N SER F 49 -30.22 -27.58 23.32
CA SER F 49 -30.21 -26.25 23.93
C SER F 49 -31.16 -25.30 23.25
N ASP F 50 -31.52 -24.24 23.96
CA ASP F 50 -32.30 -23.14 23.40
C ASP F 50 -31.43 -21.93 23.07
N TYR F 51 -30.13 -22.06 23.34
CA TYR F 51 -29.12 -21.02 23.08
C TYR F 51 -29.27 -19.72 23.91
N THR F 52 -29.88 -19.83 25.07
CA THR F 52 -29.89 -18.73 26.01
C THR F 52 -28.57 -18.76 26.77
N LEU F 53 -28.15 -17.63 27.30
CA LEU F 53 -26.92 -17.57 28.06
C LEU F 53 -26.91 -18.63 29.17
N GLU F 54 -28.02 -18.74 29.90
CA GLU F 54 -28.06 -19.56 31.11
C GLU F 54 -27.88 -21.03 30.80
N ASP F 55 -28.60 -21.48 29.78
CA ASP F 55 -28.54 -22.86 29.36
C ASP F 55 -27.15 -23.20 28.82
N LEU F 56 -26.64 -22.34 27.95
CA LEU F 56 -25.34 -22.52 27.33
C LEU F 56 -24.21 -22.64 28.36
N ILE F 57 -24.26 -21.82 29.41
CA ILE F 57 -23.28 -21.94 30.47
C ILE F 57 -23.28 -23.36 31.05
N ASN F 58 -24.44 -23.97 31.13
CA ASN F 58 -24.56 -25.33 31.69
C ASN F 58 -24.20 -26.37 30.67
N GLN F 59 -24.45 -26.07 29.41
CA GLN F 59 -24.23 -27.03 28.34
C GLN F 59 -22.76 -27.15 27.99
N LEU F 60 -21.94 -26.27 28.55
CA LEU F 60 -20.52 -26.25 28.17
C LEU F 60 -19.55 -26.25 29.35
N ASN F 61 -19.98 -26.66 30.54
CA ASN F 61 -19.10 -26.51 31.70
C ASN F 61 -17.94 -27.51 31.77
N ASP F 62 -18.08 -28.58 30.99
CA ASP F 62 -17.01 -29.55 30.85
C ASP F 62 -16.41 -29.52 29.44
N VAL F 63 -16.69 -28.47 28.68
CA VAL F 63 -16.18 -28.36 27.31
C VAL F 63 -14.85 -27.62 27.26
N ASP F 64 -13.97 -28.06 26.34
CA ASP F 64 -12.64 -27.45 26.19
C ASP F 64 -12.53 -26.48 24.99
N ALA F 65 -13.29 -26.75 23.95
CA ALA F 65 -13.30 -25.87 22.80
C ALA F 65 -14.66 -25.92 22.09
N VAL F 66 -14.99 -24.84 21.39
CA VAL F 66 -16.24 -24.75 20.68
C VAL F 66 -15.99 -24.54 19.18
N VAL F 67 -16.78 -25.23 18.35
CA VAL F 67 -16.81 -24.95 16.93
C VAL F 67 -18.19 -24.41 16.65
N HIS F 68 -18.27 -23.16 16.23
CA HIS F 68 -19.56 -22.53 16.10
C HIS F 68 -20.08 -22.49 14.67
N LEU F 69 -20.92 -23.45 14.29
CA LEU F 69 -21.47 -23.47 12.92
C LEU F 69 -22.94 -23.09 12.76
N ALA F 70 -23.67 -22.93 13.87
CA ALA F 70 -25.12 -22.69 13.77
C ALA F 70 -25.47 -21.45 12.99
N ALA F 71 -26.31 -21.60 11.98
CA ALA F 71 -26.80 -20.43 11.28
C ALA F 71 -28.13 -20.68 10.60
N THR F 72 -28.93 -19.63 10.49
CA THR F 72 -30.08 -19.64 9.60
C THR F 72 -29.69 -18.98 8.28
N ARG F 73 -29.94 -19.69 7.16
CA ARG F 73 -29.57 -19.20 5.84
C ARG F 73 -30.45 -18.05 5.33
N GLY F 74 -31.66 -17.93 5.87
CA GLY F 74 -32.58 -16.89 5.45
C GLY F 74 -33.02 -17.05 4.00
N SER F 75 -34.15 -16.45 3.64
CA SER F 75 -34.65 -16.57 2.27
C SER F 75 -35.32 -15.31 1.73
N GLN F 76 -35.59 -14.36 2.60
CA GLN F 76 -36.34 -13.19 2.19
C GLN F 76 -35.41 -12.13 1.63
N GLY F 77 -34.16 -12.13 2.09
CA GLY F 77 -33.24 -11.05 1.81
C GLY F 77 -33.36 -9.93 2.82
N LYS F 78 -33.83 -10.29 4.03
CA LYS F 78 -34.06 -9.34 5.11
C LYS F 78 -33.14 -9.58 6.32
N ILE F 79 -32.54 -8.51 6.84
CA ILE F 79 -31.56 -8.62 7.93
C ILE F 79 -32.16 -9.22 9.19
N SER F 80 -33.47 -9.10 9.35
CA SER F 80 -34.13 -9.67 10.52
C SER F 80 -33.99 -11.20 10.60
N GLU F 81 -33.88 -11.84 9.44
CA GLU F 81 -33.78 -13.29 9.38
C GLU F 81 -32.52 -13.80 10.04
N PHE F 82 -31.59 -12.88 10.31
CA PHE F 82 -30.26 -13.25 10.77
C PHE F 82 -29.95 -12.78 12.17
N HIS F 83 -30.85 -12.00 12.77
CA HIS F 83 -30.61 -11.46 14.11
C HIS F 83 -30.49 -12.52 15.18
N ASP F 84 -31.14 -13.66 14.95
CA ASP F 84 -31.08 -14.77 15.87
C ASP F 84 -29.67 -15.36 15.94
N ASN F 85 -28.98 -15.49 14.79
CA ASN F 85 -27.58 -15.91 14.81
C ASN F 85 -26.76 -14.98 15.66
N GLU F 86 -26.96 -13.69 15.45
CA GLU F 86 -26.18 -12.70 16.17
C GLU F 86 -26.36 -12.84 17.68
N ILE F 87 -27.60 -12.86 18.16
CA ILE F 87 -27.86 -13.08 19.57
C ILE F 87 -27.14 -14.35 20.02
N LEU F 88 -27.46 -15.45 19.35
CA LEU F 88 -26.93 -16.77 19.62
C LEU F 88 -25.40 -16.75 19.75
N THR F 89 -24.74 -16.14 18.77
CA THR F 89 -23.28 -16.02 18.78
C THR F 89 -22.77 -15.32 20.03
N GLN F 90 -23.43 -14.23 20.41
CA GLN F 90 -23.05 -13.49 21.61
C GLN F 90 -23.34 -14.27 22.88
N ASN F 91 -24.47 -14.95 22.92
CA ASN F 91 -24.77 -15.78 24.07
C ASN F 91 -23.71 -16.85 24.19
N LEU F 92 -23.40 -17.48 23.07
CA LEU F 92 -22.36 -18.50 23.02
C LEU F 92 -21.06 -17.95 23.60
N TYR F 93 -20.51 -16.93 22.97
CA TYR F 93 -19.25 -16.40 23.43
C TYR F 93 -19.32 -16.01 24.90
N ASP F 94 -20.46 -15.47 25.34
CA ASP F 94 -20.63 -15.12 26.73
C ASP F 94 -20.52 -16.35 27.61
N ALA F 95 -21.16 -17.43 27.14
CA ALA F 95 -21.13 -18.70 27.82
C ALA F 95 -19.72 -19.24 27.93
N CYS F 96 -18.92 -19.08 26.89
CA CYS F 96 -17.55 -19.60 26.90
C CYS F 96 -16.71 -18.85 27.91
N TYR F 97 -16.79 -17.52 27.87
CA TYR F 97 -16.12 -16.70 28.85
C TYR F 97 -16.41 -17.22 30.26
N GLU F 98 -17.69 -17.35 30.60
CA GLU F 98 -18.08 -17.82 31.94
C GLU F 98 -17.47 -19.17 32.26
N ASN F 99 -17.26 -19.98 31.23
CA ASN F 99 -16.74 -21.35 31.39
C ASN F 99 -15.26 -21.46 31.16
N ASN F 100 -14.62 -20.30 30.96
CA ASN F 100 -13.18 -20.27 30.73
C ASN F 100 -12.74 -21.00 29.47
N ILE F 101 -13.63 -21.08 28.47
CA ILE F 101 -13.34 -21.62 27.16
C ILE F 101 -12.92 -20.48 26.23
N SER F 102 -11.75 -20.58 25.59
CA SER F 102 -11.26 -19.50 24.75
C SER F 102 -10.93 -19.93 23.33
N ASN F 103 -10.68 -21.22 23.16
CA ASN F 103 -10.39 -21.77 21.84
C ASN F 103 -11.68 -21.97 21.04
N ILE F 104 -11.98 -21.04 20.15
CA ILE F 104 -13.24 -21.02 19.42
C ILE F 104 -13.02 -20.83 17.91
N VAL F 105 -13.74 -21.59 17.11
CA VAL F 105 -13.70 -21.44 15.66
C VAL F 105 -15.08 -21.03 15.17
N TYR F 106 -15.14 -20.04 14.30
CA TYR F 106 -16.42 -19.57 13.79
C TYR F 106 -16.52 -19.69 12.27
N ALA F 107 -17.55 -20.36 11.79
CA ALA F 107 -17.73 -20.58 10.38
C ALA F 107 -18.23 -19.31 9.74
N SER F 108 -17.32 -18.53 9.16
CA SER F 108 -17.74 -17.35 8.40
C SER F 108 -17.73 -17.66 6.92
N THR F 109 -17.64 -16.64 6.07
CA THR F 109 -18.01 -16.84 4.68
C THR F 109 -17.19 -16.08 3.62
N ILE F 110 -17.21 -16.58 2.39
CA ILE F 110 -16.57 -15.90 1.30
C ILE F 110 -17.50 -14.82 0.84
N SER F 111 -18.73 -14.85 1.34
CA SER F 111 -19.68 -13.85 0.92
C SER F 111 -19.43 -12.52 1.64
N ALA F 112 -18.35 -12.48 2.40
CA ALA F 112 -17.91 -11.24 2.98
C ALA F 112 -17.38 -10.34 1.88
N TYR F 113 -16.95 -10.94 0.77
CA TYR F 113 -16.38 -10.18 -0.34
C TYR F 113 -17.32 -10.09 -1.54
N SER F 114 -17.20 -9.02 -2.33
CA SER F 114 -18.03 -8.89 -3.53
C SER F 114 -17.28 -8.28 -4.72
N ASP F 115 -16.37 -7.37 -4.43
CA ASP F 115 -15.77 -6.52 -5.46
C ASP F 115 -14.88 -7.31 -6.42
N GLU F 116 -15.35 -7.48 -7.66
CA GLU F 116 -14.63 -8.30 -8.64
C GLU F 116 -13.30 -7.69 -9.07
N THR F 117 -13.19 -6.37 -8.91
CA THR F 117 -11.95 -5.66 -9.17
C THR F 117 -10.74 -6.27 -8.44
N SER F 118 -11.00 -6.93 -7.31
CA SER F 118 -9.96 -7.21 -6.32
C SER F 118 -9.44 -8.65 -6.32
N LEU F 119 -10.09 -9.52 -7.08
CA LEU F 119 -9.77 -10.95 -7.06
C LEU F 119 -8.30 -11.27 -7.37
N PRO F 120 -7.75 -12.30 -6.71
CA PRO F 120 -8.33 -13.10 -5.64
C PRO F 120 -8.43 -12.28 -4.35
N TRP F 121 -9.41 -12.56 -3.50
CA TRP F 121 -9.57 -11.77 -2.29
C TRP F 121 -8.70 -12.29 -1.16
N ASN F 122 -7.88 -11.40 -0.58
CA ASN F 122 -7.17 -11.75 0.64
C ASN F 122 -7.77 -11.05 1.87
N GLU F 123 -7.30 -11.41 3.05
CA GLU F 123 -7.94 -10.99 4.27
C GLU F 123 -7.74 -9.51 4.51
N LYS F 124 -7.05 -8.86 3.57
CA LYS F 124 -6.77 -7.42 3.69
C LYS F 124 -7.84 -6.65 2.95
N GLU F 125 -8.61 -7.39 2.14
CA GLU F 125 -9.68 -6.83 1.33
C GLU F 125 -10.82 -6.26 2.17
N LEU F 126 -11.19 -5.02 1.91
CA LEU F 126 -12.35 -4.44 2.57
C LEU F 126 -13.52 -5.36 2.33
N PRO F 127 -14.19 -5.78 3.42
CA PRO F 127 -15.47 -6.44 3.21
C PRO F 127 -16.48 -5.52 2.52
N LEU F 128 -17.19 -6.08 1.57
CA LEU F 128 -18.26 -5.40 0.87
C LEU F 128 -19.31 -6.44 0.58
N PRO F 129 -20.07 -6.84 1.62
CA PRO F 129 -21.11 -7.87 1.48
C PRO F 129 -22.12 -7.50 0.42
N ASP F 130 -22.66 -8.51 -0.25
CA ASP F 130 -23.58 -8.31 -1.35
C ASP F 130 -24.95 -8.87 -1.01
N LEU F 131 -25.01 -9.54 0.14
CA LEU F 131 -26.22 -10.19 0.65
C LEU F 131 -26.38 -9.85 2.12
N TYR F 133 -27.20 -11.95 4.22
CA TYR F 133 -26.48 -13.10 4.75
C TYR F 133 -25.06 -12.70 5.06
N GLY F 134 -24.42 -12.06 4.09
CA GLY F 134 -23.07 -11.56 4.25
C GLY F 134 -22.92 -10.57 5.40
N VAL F 135 -23.80 -9.58 5.45
CA VAL F 135 -23.72 -8.56 6.48
C VAL F 135 -23.71 -9.20 7.87
N SER F 136 -24.52 -10.23 8.04
CA SER F 136 -24.69 -10.82 9.35
C SER F 136 -23.46 -11.61 9.78
N LYS F 137 -22.82 -12.26 8.82
CA LYS F 137 -21.64 -13.05 9.11
C LYS F 137 -20.51 -12.12 9.53
N LEU F 138 -20.48 -10.94 8.94
CA LEU F 138 -19.53 -9.91 9.34
C LEU F 138 -19.76 -9.47 10.78
N ALA F 139 -21.02 -9.38 11.18
CA ALA F 139 -21.32 -8.88 12.50
C ALA F 139 -20.81 -9.89 13.53
N CYS F 140 -21.15 -11.15 13.31
CA CYS F 140 -20.69 -12.24 14.18
C CYS F 140 -19.17 -12.38 14.19
N GLU F 141 -18.53 -12.21 13.03
CA GLU F 141 -17.08 -12.08 12.98
C GLU F 141 -16.56 -11.05 13.96
N HIS F 142 -17.16 -9.86 13.93
CA HIS F 142 -16.70 -8.75 14.75
C HIS F 142 -17.09 -8.85 16.22
N ILE F 143 -18.27 -9.42 16.48
CA ILE F 143 -18.65 -9.70 17.86
C ILE F 143 -17.56 -10.54 18.45
N GLY F 144 -17.09 -11.50 17.65
CA GLY F 144 -16.05 -12.41 18.10
C GLY F 144 -14.72 -11.71 18.24
N ASN F 145 -14.44 -10.80 17.33
CA ASN F 145 -13.23 -10.01 17.41
C ASN F 145 -13.21 -9.19 18.70
N ILE F 146 -14.25 -8.41 18.92
CA ILE F 146 -14.39 -7.70 20.20
C ILE F 146 -14.14 -8.62 21.42
N TYR F 147 -14.85 -9.74 21.49
CA TYR F 147 -14.63 -10.71 22.56
C TYR F 147 -13.17 -11.15 22.70
N SER F 148 -12.50 -11.38 21.56
CA SER F 148 -11.11 -11.79 21.58
C SER F 148 -10.21 -10.70 22.15
N ARG F 149 -10.33 -9.49 21.65
CA ARG F 149 -9.48 -8.40 22.14
C ARG F 149 -9.81 -8.02 23.57
N LYS F 150 -11.10 -7.91 23.88
CA LYS F 150 -11.51 -7.41 25.18
C LYS F 150 -11.69 -8.49 26.27
N LYS F 151 -12.28 -9.63 25.94
CA LYS F 151 -12.48 -10.68 26.96
C LYS F 151 -11.47 -11.82 26.91
N GLY F 152 -10.49 -11.72 26.03
CA GLY F 152 -9.41 -12.69 26.00
C GLY F 152 -9.83 -14.05 25.48
N LEU F 153 -10.94 -14.09 24.76
CA LEU F 153 -11.28 -15.26 23.99
C LEU F 153 -10.26 -15.38 22.85
N CYS F 154 -10.27 -16.51 22.15
CA CYS F 154 -9.32 -16.77 21.08
C CYS F 154 -10.07 -17.25 19.87
N ILE F 155 -10.97 -16.40 19.40
CA ILE F 155 -11.85 -16.79 18.33
C ILE F 155 -11.12 -16.76 16.98
N LYS F 156 -11.36 -17.78 16.17
CA LYS F 156 -10.76 -17.82 14.84
C LYS F 156 -11.86 -17.83 13.79
N ASN F 157 -12.01 -16.70 13.11
CA ASN F 157 -12.97 -16.57 12.03
C ASN F 157 -12.45 -17.19 10.74
N LEU F 158 -13.12 -18.25 10.27
CA LEU F 158 -12.74 -18.96 9.05
C LEU F 158 -13.71 -18.61 7.94
N ARG F 159 -13.25 -17.83 6.96
CA ARG F 159 -14.11 -17.45 5.85
C ARG F 159 -14.12 -18.55 4.80
N PHE F 160 -15.15 -19.38 4.85
CA PHE F 160 -15.25 -20.53 3.97
C PHE F 160 -15.67 -20.16 2.53
N ALA F 161 -15.18 -20.91 1.57
CA ALA F 161 -15.68 -20.79 0.20
C ALA F 161 -17.00 -21.55 0.09
N HIS F 162 -17.56 -21.60 -1.12
CA HIS F 162 -18.77 -22.37 -1.37
C HIS F 162 -18.52 -23.88 -1.17
N LEU F 163 -19.31 -24.51 -0.29
CA LEU F 163 -19.10 -25.92 0.07
C LEU F 163 -19.98 -26.92 -0.70
N TYR F 164 -19.42 -28.10 -0.97
CA TYR F 164 -20.17 -29.18 -1.60
C TYR F 164 -19.80 -30.46 -0.89
N GLY F 165 -20.63 -31.50 -1.03
CA GLY F 165 -20.30 -32.78 -0.41
C GLY F 165 -21.20 -33.96 -0.72
N PHE F 166 -21.18 -34.92 0.20
CA PHE F 166 -21.96 -36.14 0.05
C PHE F 166 -23.32 -36.03 0.74
N ASN F 167 -24.37 -36.37 -0.01
CA ASN F 167 -25.73 -36.47 0.51
C ASN F 167 -26.29 -35.14 0.99
N GLU F 168 -26.26 -34.14 0.12
CA GLU F 168 -26.84 -32.83 0.43
C GLU F 168 -28.18 -32.65 -0.30
N LYS F 169 -29.17 -32.09 0.38
CA LYS F 169 -30.46 -31.84 -0.25
C LYS F 169 -30.62 -30.41 -0.76
N ASN F 170 -30.57 -30.20 -2.09
CA ASN F 170 -30.84 -28.87 -2.67
C ASN F 170 -30.53 -28.62 -4.15
N ASN F 171 -29.59 -27.70 -4.38
CA ASN F 171 -29.41 -27.00 -5.65
C ASN F 171 -28.31 -27.48 -6.61
N TYR F 172 -27.75 -26.53 -7.37
CA TYR F 172 -26.89 -26.79 -8.55
C TYR F 172 -25.91 -27.97 -8.50
N ILE F 174 -25.39 -30.15 -6.59
CA ILE F 174 -26.12 -31.35 -6.21
C ILE F 174 -26.96 -31.91 -7.36
N ASN F 175 -27.82 -31.08 -7.95
CA ASN F 175 -28.56 -31.44 -9.15
C ASN F 175 -27.69 -32.27 -10.07
N ARG F 176 -26.61 -31.66 -10.55
CA ARG F 176 -25.70 -32.33 -11.48
C ARG F 176 -25.22 -33.68 -10.94
N PHE F 177 -24.92 -33.75 -9.64
CA PHE F 177 -24.54 -35.01 -9.01
C PHE F 177 -25.64 -36.05 -9.15
N PHE F 178 -26.88 -35.66 -8.85
CA PHE F 178 -28.04 -36.54 -9.03
C PHE F 178 -28.11 -36.92 -10.51
N ARG F 179 -28.54 -35.96 -11.33
CA ARG F 179 -28.62 -36.11 -12.79
C ARG F 179 -27.57 -37.08 -13.32
N GLN F 180 -26.32 -36.65 -13.41
CA GLN F 180 -25.24 -37.52 -13.82
C GLN F 180 -25.29 -38.86 -13.08
N ALA F 181 -25.11 -38.82 -11.76
CA ALA F 181 -25.07 -40.01 -10.92
C ALA F 181 -26.22 -40.96 -11.23
N SER F 193 -21.40 -19.41 -18.69
CA SER F 193 -20.29 -19.99 -17.95
C SER F 193 -18.99 -19.27 -18.25
N VAL F 194 -18.82 -18.10 -17.65
CA VAL F 194 -17.58 -17.34 -17.76
C VAL F 194 -17.00 -17.16 -16.36
N ALA F 195 -17.89 -16.83 -15.42
CA ALA F 195 -17.53 -16.55 -14.04
C ALA F 195 -16.90 -17.76 -13.35
N LYS F 196 -15.95 -17.47 -12.46
CA LYS F 196 -15.23 -18.52 -11.74
C LYS F 196 -15.61 -18.47 -10.26
N ARG F 197 -15.86 -19.63 -9.67
CA ARG F 197 -16.27 -19.69 -8.27
C ARG F 197 -15.48 -20.73 -7.53
N GLU F 198 -15.11 -20.43 -6.29
CA GLU F 198 -14.29 -21.34 -5.50
C GLU F 198 -15.15 -22.36 -4.76
N PHE F 199 -15.01 -23.63 -5.14
CA PHE F 199 -15.70 -24.73 -4.49
C PHE F 199 -14.78 -25.50 -3.54
N LEU F 200 -15.24 -25.76 -2.33
CA LEU F 200 -14.42 -26.38 -1.29
C LEU F 200 -15.10 -27.60 -0.63
N TYR F 201 -14.50 -28.77 -0.82
CA TYR F 201 -14.99 -30.02 -0.26
C TYR F 201 -15.19 -29.93 1.27
N ALA F 202 -16.39 -30.28 1.71
CA ALA F 202 -16.74 -30.21 3.14
C ALA F 202 -15.78 -30.96 4.05
N LYS F 203 -15.23 -32.08 3.57
CA LYS F 203 -14.21 -32.81 4.32
C LYS F 203 -13.00 -31.89 4.54
N ASP F 204 -12.61 -31.18 3.50
CA ASP F 204 -11.49 -30.26 3.61
C ASP F 204 -11.83 -29.11 4.55
N ALA F 205 -13.06 -28.63 4.47
CA ALA F 205 -13.45 -27.52 5.33
C ALA F 205 -13.44 -27.99 6.77
N ALA F 206 -13.80 -29.25 7.01
CA ALA F 206 -13.76 -29.83 8.36
C ALA F 206 -12.31 -29.96 8.84
N LYS F 207 -11.44 -30.45 7.95
CA LYS F 207 -10.03 -30.52 8.20
C LYS F 207 -9.48 -29.18 8.70
N SER F 208 -9.85 -28.10 8.01
CA SER F 208 -9.39 -26.76 8.37
C SER F 208 -9.88 -26.35 9.75
N VAL F 209 -11.07 -26.82 10.13
CA VAL F 209 -11.56 -26.61 11.49
C VAL F 209 -10.68 -27.37 12.48
N ILE F 210 -10.38 -28.64 12.19
CA ILE F 210 -9.50 -29.41 13.07
C ILE F 210 -8.18 -28.68 13.27
N TYR F 211 -7.66 -28.11 12.18
CA TYR F 211 -6.38 -27.42 12.19
C TYR F 211 -6.42 -26.04 12.83
N ALA F 212 -7.48 -25.27 12.55
CA ALA F 212 -7.68 -24.00 13.22
C ALA F 212 -7.69 -24.25 14.72
N LEU F 213 -8.28 -25.37 15.10
CA LEU F 213 -8.47 -25.71 16.48
C LEU F 213 -7.13 -25.95 17.18
N LYS F 214 -6.13 -26.42 16.45
CA LYS F 214 -4.79 -26.65 17.02
C LYS F 214 -4.16 -25.36 17.50
N GLN F 215 -4.43 -24.27 16.77
CA GLN F 215 -3.86 -22.98 17.11
C GLN F 215 -4.69 -22.37 18.24
N GLU F 216 -4.76 -23.12 19.34
CA GLU F 216 -5.68 -22.81 20.42
C GLU F 216 -5.51 -21.44 21.08
N LYS F 217 -4.44 -20.73 20.76
CA LYS F 217 -4.18 -19.50 21.46
C LYS F 217 -4.27 -18.32 20.51
N VAL F 218 -4.44 -18.60 19.22
CA VAL F 218 -4.50 -17.57 18.19
C VAL F 218 -5.90 -17.04 18.00
N SER F 219 -6.01 -15.73 17.83
CA SER F 219 -7.29 -15.13 17.43
C SER F 219 -7.02 -14.43 16.11
N GLY F 220 -7.94 -14.57 15.16
CA GLY F 220 -7.77 -13.95 13.87
C GLY F 220 -8.82 -14.39 12.87
N THR F 221 -8.70 -13.87 11.64
CA THR F 221 -9.63 -14.13 10.56
C THR F 221 -8.94 -14.72 9.33
N PHE F 222 -9.32 -15.93 8.93
CA PHE F 222 -8.63 -16.66 7.88
C PHE F 222 -9.54 -17.09 6.73
N ASN F 223 -9.15 -16.82 5.51
CA ASN F 223 -9.82 -17.38 4.35
C ASN F 223 -9.54 -18.86 4.30
N ILE F 224 -10.57 -19.67 4.13
CA ILE F 224 -10.37 -21.09 3.89
C ILE F 224 -10.92 -21.48 2.53
N GLY F 225 -10.04 -21.49 1.53
CA GLY F 225 -10.39 -21.91 0.18
C GLY F 225 -9.75 -23.21 -0.25
N SER F 226 -10.09 -23.65 -1.45
CA SER F 226 -9.61 -24.92 -1.99
C SER F 226 -8.58 -24.72 -3.08
N GLY F 227 -8.61 -23.56 -3.72
CA GLY F 227 -7.84 -23.30 -4.91
C GLY F 227 -8.72 -23.48 -6.13
N ASP F 228 -9.57 -24.51 -6.09
CA ASP F 228 -10.50 -24.81 -7.19
C ASP F 228 -11.49 -23.68 -7.43
N ALA F 229 -11.19 -22.80 -8.37
CA ALA F 229 -12.12 -21.76 -8.80
C ALA F 229 -12.60 -22.11 -10.20
N LEU F 230 -13.81 -22.67 -10.30
CA LEU F 230 -14.30 -23.24 -11.56
C LEU F 230 -15.50 -22.50 -12.13
N THR F 231 -15.69 -22.64 -13.44
CA THR F 231 -16.88 -22.13 -14.10
C THR F 231 -17.96 -23.19 -14.06
N ASN F 232 -19.22 -22.77 -14.19
CA ASN F 232 -20.32 -23.73 -14.17
C ASN F 232 -20.10 -24.83 -15.18
N TYR F 233 -19.51 -24.49 -16.33
CA TYR F 233 -19.18 -25.51 -17.30
C TYR F 233 -18.26 -26.55 -16.65
N GLU F 234 -17.16 -26.07 -16.07
CA GLU F 234 -16.13 -26.96 -15.50
C GLU F 234 -16.68 -27.90 -14.42
N VAL F 235 -17.67 -27.44 -13.67
CA VAL F 235 -18.26 -28.26 -12.62
C VAL F 235 -19.06 -29.40 -13.24
N ALA F 236 -20.01 -29.03 -14.10
CA ALA F 236 -20.82 -30.01 -14.83
C ALA F 236 -19.93 -31.03 -15.54
N ASN F 237 -18.92 -30.53 -16.23
CA ASN F 237 -17.98 -31.35 -16.98
C ASN F 237 -17.22 -32.37 -16.13
N THR F 238 -16.78 -31.96 -14.94
CA THR F 238 -16.02 -32.85 -14.05
C THR F 238 -16.91 -33.90 -13.37
N ILE F 239 -18.21 -33.62 -13.29
CA ILE F 239 -19.15 -34.58 -12.74
C ILE F 239 -19.48 -35.66 -13.78
N ASN F 240 -19.93 -35.23 -14.95
CA ASN F 240 -20.25 -36.14 -16.05
C ASN F 240 -19.06 -37.02 -16.42
N ASN F 241 -17.87 -36.58 -16.00
CA ASN F 241 -16.61 -37.13 -16.48
C ASN F 241 -15.95 -38.12 -15.50
N ALA F 242 -16.50 -38.23 -14.30
CA ALA F 242 -15.99 -39.18 -13.31
C ALA F 242 -17.11 -40.05 -12.78
N PHE F 243 -18.27 -39.94 -13.45
CA PHE F 243 -19.47 -40.72 -13.15
C PHE F 243 -19.83 -41.61 -14.35
N GLY F 244 -19.26 -41.30 -15.51
CA GLY F 244 -19.58 -42.00 -16.74
C GLY F 244 -20.72 -41.34 -17.49
N ASN F 245 -20.50 -40.09 -17.90
CA ASN F 245 -21.46 -39.32 -18.70
C ASN F 245 -20.75 -38.52 -19.77
N LYS F 246 -21.38 -37.40 -20.13
CA LYS F 246 -20.85 -36.41 -21.08
C LYS F 246 -21.99 -35.69 -21.79
N GLU F 258 -26.11 -13.59 -19.31
CA GLU F 258 -24.86 -14.19 -18.83
C GLU F 258 -25.02 -14.86 -17.45
N GLY F 259 -25.40 -14.06 -16.45
CA GLY F 259 -25.70 -14.58 -15.13
C GLY F 259 -25.00 -13.98 -13.92
N ILE F 260 -23.93 -14.63 -13.49
CA ILE F 260 -23.41 -14.46 -12.13
C ILE F 260 -21.97 -13.91 -12.04
N HIS F 261 -21.50 -13.76 -10.80
CA HIS F 261 -20.21 -13.13 -10.53
C HIS F 261 -19.11 -14.08 -10.07
N SER F 262 -17.87 -13.73 -10.34
CA SER F 262 -16.74 -14.53 -9.90
C SER F 262 -16.48 -14.35 -8.41
N SER F 263 -16.20 -15.45 -7.72
CA SER F 263 -15.80 -15.36 -6.32
C SER F 263 -14.74 -16.41 -5.99
N TYR F 264 -13.55 -15.96 -5.61
CA TYR F 264 -12.49 -16.85 -5.16
C TYR F 264 -11.48 -16.10 -4.29
N ASP F 266 -7.65 -15.83 -1.80
CA ASP F 266 -6.24 -16.10 -1.60
C ASP F 266 -6.03 -16.64 -0.19
N SER F 267 -5.94 -17.96 -0.04
CA SER F 267 -5.85 -18.57 1.29
C SER F 267 -4.43 -18.89 1.78
N SER F 268 -3.43 -18.14 1.31
CA SER F 268 -2.07 -18.30 1.82
C SER F 268 -1.97 -18.01 3.31
N LYS F 269 -2.63 -16.96 3.80
CA LYS F 269 -2.55 -16.68 5.22
C LYS F 269 -2.77 -17.96 6.04
N ALA F 270 -3.78 -18.75 5.67
CA ALA F 270 -4.11 -19.97 6.39
C ALA F 270 -3.09 -21.09 6.16
N LYS F 271 -2.61 -21.19 4.92
CA LYS F 271 -1.58 -22.17 4.57
C LYS F 271 -0.44 -22.11 5.58
N GLU F 272 -0.08 -20.90 5.95
CA GLU F 272 1.08 -20.68 6.79
C GLU F 272 0.77 -20.72 8.28
N LEU F 273 -0.19 -19.90 8.73
CA LEU F 273 -0.50 -19.82 10.16
C LEU F 273 -1.25 -21.06 10.65
N LEU F 274 -2.15 -21.55 9.82
CA LEU F 274 -2.97 -22.69 10.23
C LEU F 274 -2.35 -24.00 9.81
N ASP F 275 -1.33 -23.92 8.96
CA ASP F 275 -0.69 -25.10 8.38
C ASP F 275 -1.73 -25.90 7.59
N PHE F 276 -2.54 -25.19 6.81
CA PHE F 276 -3.67 -25.83 6.14
C PHE F 276 -3.65 -25.80 4.62
N SER F 277 -3.83 -26.96 4.01
CA SER F 277 -4.19 -27.03 2.60
C SER F 277 -5.12 -28.21 2.36
N THR F 278 -5.89 -28.13 1.29
CA THR F 278 -6.86 -29.16 0.95
C THR F 278 -6.19 -30.51 0.70
N ASP F 279 -6.87 -31.58 1.10
CA ASP F 279 -6.46 -32.94 0.78
C ASP F 279 -7.01 -33.29 -0.59
N TYR F 280 -7.90 -32.43 -1.10
CA TYR F 280 -8.66 -32.74 -2.31
C TYR F 280 -8.66 -31.64 -3.34
N ASN F 281 -8.87 -32.02 -4.59
CA ASN F 281 -9.22 -31.07 -5.63
C ASN F 281 -10.60 -31.43 -6.13
N PHE F 282 -11.21 -30.60 -6.95
CA PHE F 282 -12.59 -30.84 -7.32
C PHE F 282 -12.76 -32.21 -7.96
N ALA F 283 -11.88 -32.53 -8.91
CA ALA F 283 -11.96 -33.83 -9.60
C ALA F 283 -11.91 -34.99 -8.60
N THR F 284 -10.93 -34.93 -7.71
CA THR F 284 -10.67 -35.98 -6.75
C THR F 284 -11.78 -36.09 -5.71
N ALA F 285 -12.39 -34.95 -5.36
CA ALA F 285 -13.44 -34.94 -4.36
C ALA F 285 -14.75 -35.51 -4.91
N VAL F 286 -15.06 -35.15 -6.16
CA VAL F 286 -16.23 -35.69 -6.84
C VAL F 286 -16.10 -37.20 -6.97
N GLU F 287 -14.97 -37.63 -7.51
CA GLU F 287 -14.66 -39.05 -7.69
C GLU F 287 -14.83 -39.84 -6.39
N GLU F 288 -14.55 -39.21 -5.26
CA GLU F 288 -14.79 -39.84 -3.97
C GLU F 288 -16.27 -39.81 -3.62
N ILE F 289 -16.95 -38.75 -4.05
CA ILE F 289 -18.37 -38.67 -3.77
C ILE F 289 -19.09 -39.74 -4.57
N HIS F 290 -18.67 -39.90 -5.83
CA HIS F 290 -19.25 -40.93 -6.68
C HIS F 290 -19.27 -42.28 -5.96
N LEU F 291 -18.09 -42.80 -5.65
CA LEU F 291 -17.94 -44.00 -4.84
C LEU F 291 -19.01 -44.04 -3.76
N LEU F 292 -18.99 -43.06 -2.86
CA LEU F 292 -19.93 -42.99 -1.74
C LEU F 292 -21.38 -43.14 -2.18
N ARG F 294 -22.55 -44.57 -5.01
CA ARG F 294 -22.64 -45.97 -5.43
C ARG F 294 -23.22 -46.84 -4.33
N GLY F 295 -22.50 -46.96 -3.21
CA GLY F 295 -23.00 -47.69 -2.05
C GLY F 295 -23.77 -46.82 -1.06
#